data_2DOC
#
_entry.id   2DOC
#
_entity_poly.entity_id   1
_entity_poly.type   'polypeptide(L)'
_entity_poly.pdbx_seq_one_letter_code
;GSSGSSGQEYILALADVPSSPYGVKIIELSQTTAKVSFNKPDSHGGVPIHHYQVDVKEVASEIWKIVRSHGVQTMVVLNN
LEPNTTYEIRVAAVNGKGQGDYSKIEIFQTLPVSGPSSG
;
_entity_poly.pdbx_strand_id   A
#
# COMPACT_ATOMS: atom_id res chain seq x y z
N GLY A 1 17.64 -3.00 39.85
CA GLY A 1 16.45 -2.76 39.04
C GLY A 1 16.23 -3.83 38.01
N SER A 2 17.18 -3.96 37.08
CA SER A 2 17.08 -4.96 36.02
C SER A 2 18.46 -5.28 35.45
N SER A 3 18.56 -6.39 34.73
CA SER A 3 19.82 -6.81 34.13
C SER A 3 19.70 -6.88 32.61
N GLY A 4 20.82 -7.14 31.96
CA GLY A 4 20.83 -7.23 30.50
C GLY A 4 20.72 -5.87 29.84
N SER A 5 20.38 -5.86 28.56
CA SER A 5 20.25 -4.62 27.81
C SER A 5 18.93 -3.92 28.14
N SER A 6 19.02 -2.68 28.62
CA SER A 6 17.84 -1.92 28.98
C SER A 6 18.15 -0.42 28.98
N GLY A 7 17.14 0.39 28.72
CA GLY A 7 17.31 1.83 28.70
C GLY A 7 16.29 2.54 27.83
N GLN A 8 16.33 2.27 26.53
CA GLN A 8 15.40 2.88 25.59
C GLN A 8 14.17 2.00 25.39
N GLU A 9 13.57 1.56 26.49
CA GLU A 9 12.40 0.70 26.44
C GLU A 9 11.24 1.33 27.20
N TYR A 10 11.27 2.65 27.33
CA TYR A 10 10.22 3.37 28.04
C TYR A 10 8.91 3.36 27.25
N ILE A 11 8.98 3.85 26.01
CA ILE A 11 7.80 3.89 25.15
C ILE A 11 8.05 3.11 23.85
N LEU A 12 9.25 3.27 23.29
CA LEU A 12 9.60 2.59 22.05
C LEU A 12 9.33 1.10 22.15
N ALA A 13 9.16 0.61 23.38
CA ALA A 13 8.89 -0.80 23.61
C ALA A 13 7.39 -1.07 23.70
N LEU A 14 6.65 -0.09 24.23
CA LEU A 14 5.21 -0.22 24.37
C LEU A 14 4.49 0.46 23.21
N ALA A 15 5.20 0.63 22.10
CA ALA A 15 4.62 1.27 20.92
C ALA A 15 3.71 0.30 20.17
N ASP A 16 2.91 0.83 19.26
CA ASP A 16 1.99 0.03 18.47
C ASP A 16 2.23 0.21 16.98
N VAL A 17 1.38 -0.40 16.16
CA VAL A 17 1.50 -0.30 14.71
C VAL A 17 0.76 0.94 14.18
N PRO A 18 1.21 1.43 13.01
CA PRO A 18 0.60 2.60 12.38
C PRO A 18 -0.79 2.31 11.84
N SER A 19 -1.63 3.35 11.76
CA SER A 19 -2.98 3.21 11.26
C SER A 19 -3.00 3.14 9.75
N SER A 20 -4.13 2.72 9.19
CA SER A 20 -4.28 2.60 7.74
C SER A 20 -4.26 3.96 7.08
N PRO A 21 -3.65 4.05 5.90
CA PRO A 21 -3.54 5.29 5.13
C PRO A 21 -4.89 5.74 4.57
N TYR A 22 -4.88 6.87 3.87
CA TYR A 22 -6.11 7.40 3.27
C TYR A 22 -5.80 8.20 2.01
N GLY A 23 -6.84 8.71 1.37
CA GLY A 23 -6.66 9.47 0.15
C GLY A 23 -6.16 8.63 -1.00
N VAL A 24 -6.01 7.33 -0.76
CA VAL A 24 -5.53 6.41 -1.78
C VAL A 24 -6.41 6.47 -3.03
N LYS A 25 -5.79 6.73 -4.18
CA LYS A 25 -6.51 6.82 -5.44
C LYS A 25 -5.56 6.69 -6.62
N ILE A 26 -6.05 6.14 -7.72
CA ILE A 26 -5.25 5.97 -8.93
C ILE A 26 -5.27 7.22 -9.79
N ILE A 27 -4.15 7.93 -9.83
CA ILE A 27 -4.04 9.15 -10.62
C ILE A 27 -3.67 8.84 -12.07
N GLU A 28 -2.74 7.89 -12.25
CA GLU A 28 -2.31 7.50 -13.58
C GLU A 28 -2.58 6.03 -13.83
N LEU A 29 -3.69 5.73 -14.52
CA LEU A 29 -4.06 4.35 -14.81
C LEU A 29 -3.79 4.03 -16.29
N SER A 30 -3.20 2.87 -16.52
CA SER A 30 -2.88 2.44 -17.88
C SER A 30 -3.55 1.10 -18.19
N GLN A 31 -3.34 0.61 -19.41
CA GLN A 31 -3.91 -0.66 -19.84
C GLN A 31 -3.12 -1.83 -19.28
N THR A 32 -1.89 -1.58 -18.87
CA THR A 32 -1.03 -2.62 -18.33
C THR A 32 -0.51 -2.22 -16.95
N THR A 33 -0.30 -0.92 -16.75
CA THR A 33 0.20 -0.42 -15.47
C THR A 33 -0.88 0.36 -14.73
N ALA A 34 -0.62 0.66 -13.46
CA ALA A 34 -1.57 1.40 -12.64
C ALA A 34 -0.87 2.09 -11.47
N LYS A 35 -0.89 3.42 -11.48
CA LYS A 35 -0.26 4.21 -10.42
C LYS A 35 -1.24 4.47 -9.29
N VAL A 36 -0.82 4.15 -8.07
CA VAL A 36 -1.66 4.35 -6.89
C VAL A 36 -1.05 5.40 -5.96
N SER A 37 -1.72 6.54 -5.83
CA SER A 37 -1.25 7.61 -4.98
C SER A 37 -2.11 7.74 -3.73
N PHE A 38 -1.47 7.74 -2.56
CA PHE A 38 -2.18 7.84 -1.29
C PHE A 38 -1.49 8.85 -0.37
N ASN A 39 -2.12 9.13 0.76
CA ASN A 39 -1.56 10.07 1.72
C ASN A 39 -1.17 9.35 3.02
N LYS A 40 -0.18 9.89 3.72
CA LYS A 40 0.28 9.31 4.97
C LYS A 40 -0.88 9.04 5.92
N PRO A 41 -0.67 8.11 6.86
CA PRO A 41 -1.70 7.73 7.83
C PRO A 41 -1.96 8.84 8.85
N ASP A 42 -3.23 9.03 9.20
CA ASP A 42 -3.61 10.06 10.17
C ASP A 42 -2.75 9.96 11.42
N SER A 43 -2.12 8.81 11.62
CA SER A 43 -1.28 8.60 12.79
C SER A 43 -0.27 7.47 12.53
N HIS A 44 0.78 7.42 13.36
CA HIS A 44 1.80 6.40 13.22
C HIS A 44 1.89 5.54 14.48
N GLY A 45 2.36 4.31 14.31
CA GLY A 45 2.48 3.41 15.44
C GLY A 45 3.68 3.73 16.31
N GLY A 46 3.75 4.98 16.79
CA GLY A 46 4.86 5.38 17.63
C GLY A 46 6.15 5.56 16.85
N VAL A 47 6.62 4.48 16.24
CA VAL A 47 7.86 4.52 15.46
C VAL A 47 7.59 5.04 14.05
N PRO A 48 8.63 5.62 13.43
CA PRO A 48 8.54 6.16 12.07
C PRO A 48 8.38 5.07 11.02
N ILE A 49 7.35 5.19 10.20
CA ILE A 49 7.10 4.22 9.14
C ILE A 49 8.34 4.02 8.27
N HIS A 50 8.55 2.78 7.82
CA HIS A 50 9.70 2.46 6.98
C HIS A 50 9.28 2.40 5.51
N HIS A 51 8.20 1.69 5.23
CA HIS A 51 7.70 1.56 3.86
C HIS A 51 6.23 1.16 3.85
N TYR A 52 5.64 1.10 2.67
CA TYR A 52 4.24 0.73 2.52
C TYR A 52 4.09 -0.59 1.78
N GLN A 53 3.20 -1.44 2.26
CA GLN A 53 2.96 -2.74 1.65
C GLN A 53 1.71 -2.71 0.77
N VAL A 54 1.89 -2.93 -0.53
CA VAL A 54 0.78 -2.91 -1.46
C VAL A 54 0.49 -4.33 -1.98
N ASP A 55 -0.79 -4.70 -1.98
CA ASP A 55 -1.19 -6.02 -2.46
C ASP A 55 -2.28 -5.90 -3.53
N VAL A 56 -1.94 -6.29 -4.75
CA VAL A 56 -2.89 -6.24 -5.86
C VAL A 56 -3.13 -7.63 -6.44
N LYS A 57 -4.35 -7.84 -6.93
CA LYS A 57 -4.71 -9.12 -7.51
C LYS A 57 -6.05 -9.02 -8.25
N GLU A 58 -6.24 -9.87 -9.25
CA GLU A 58 -7.48 -9.88 -10.03
C GLU A 58 -8.66 -10.31 -9.16
N VAL A 59 -9.80 -9.66 -9.36
CA VAL A 59 -11.01 -9.97 -8.60
C VAL A 59 -11.42 -11.42 -8.83
N ALA A 60 -10.83 -12.06 -9.83
CA ALA A 60 -11.15 -13.44 -10.16
C ALA A 60 -10.05 -14.38 -9.69
N SER A 61 -8.81 -13.87 -9.69
CA SER A 61 -7.66 -14.67 -9.28
C SER A 61 -7.58 -14.76 -7.75
N GLU A 62 -6.83 -15.74 -7.26
CA GLU A 62 -6.67 -15.95 -5.83
C GLU A 62 -5.22 -15.78 -5.41
N ILE A 63 -4.43 -15.13 -6.26
CA ILE A 63 -3.03 -14.90 -5.99
C ILE A 63 -2.76 -13.43 -5.70
N TRP A 64 -2.31 -13.15 -4.48
CA TRP A 64 -2.01 -11.77 -4.08
C TRP A 64 -0.55 -11.44 -4.36
N LYS A 65 -0.33 -10.34 -5.09
CA LYS A 65 1.02 -9.90 -5.41
C LYS A 65 1.46 -8.74 -4.53
N ILE A 66 2.58 -8.91 -3.85
CA ILE A 66 3.11 -7.87 -2.97
C ILE A 66 4.16 -7.03 -3.68
N VAL A 67 3.99 -5.71 -3.64
CA VAL A 67 4.92 -4.79 -4.27
C VAL A 67 5.37 -3.71 -3.31
N ARG A 68 6.62 -3.80 -2.86
CA ARG A 68 7.17 -2.81 -1.93
C ARG A 68 7.75 -1.62 -2.68
N SER A 69 7.77 -0.46 -2.02
CA SER A 69 8.31 0.75 -2.62
C SER A 69 9.79 0.90 -2.33
N HIS A 70 10.41 1.92 -2.92
CA HIS A 70 11.83 2.18 -2.73
C HIS A 70 12.05 3.29 -1.71
N GLY A 71 11.27 3.28 -0.63
CA GLY A 71 11.40 4.29 0.39
C GLY A 71 10.09 4.55 1.11
N VAL A 72 10.00 5.69 1.79
CA VAL A 72 8.80 6.06 2.52
C VAL A 72 7.83 6.84 1.63
N GLN A 73 7.89 6.58 0.33
CA GLN A 73 7.02 7.26 -0.63
C GLN A 73 5.61 6.69 -0.57
N THR A 74 4.64 7.54 -0.89
CA THR A 74 3.23 7.12 -0.88
C THR A 74 2.71 6.93 -2.29
N MET A 75 3.62 6.78 -3.25
CA MET A 75 3.24 6.60 -4.65
C MET A 75 4.00 5.43 -5.26
N VAL A 76 3.27 4.53 -5.91
CA VAL A 76 3.88 3.36 -6.54
C VAL A 76 3.12 2.96 -7.80
N VAL A 77 3.86 2.55 -8.82
CA VAL A 77 3.26 2.14 -10.09
C VAL A 77 3.27 0.63 -10.23
N LEU A 78 2.13 0.06 -10.62
CA LEU A 78 2.00 -1.38 -10.80
C LEU A 78 2.23 -1.77 -12.25
N ASN A 79 2.72 -2.99 -12.47
CA ASN A 79 2.98 -3.49 -13.82
C ASN A 79 2.61 -4.95 -13.94
N ASN A 80 2.70 -5.49 -15.15
CA ASN A 80 2.38 -6.89 -15.40
C ASN A 80 0.89 -7.15 -15.19
N LEU A 81 0.06 -6.33 -15.84
CA LEU A 81 -1.39 -6.48 -15.72
C LEU A 81 -2.03 -6.58 -17.11
N GLU A 82 -3.22 -7.18 -17.16
CA GLU A 82 -3.93 -7.35 -18.42
C GLU A 82 -4.92 -6.21 -18.62
N PRO A 83 -5.07 -5.77 -19.89
CA PRO A 83 -5.98 -4.68 -20.24
C PRO A 83 -7.44 -5.09 -20.12
N ASN A 84 -8.32 -4.10 -19.93
CA ASN A 84 -9.75 -4.37 -19.79
C ASN A 84 -10.02 -5.35 -18.66
N THR A 85 -9.23 -5.24 -17.60
CA THR A 85 -9.38 -6.11 -16.44
C THR A 85 -9.41 -5.31 -15.14
N THR A 86 -10.00 -5.88 -14.10
CA THR A 86 -10.08 -5.22 -12.81
C THR A 86 -9.19 -5.91 -11.77
N TYR A 87 -8.64 -5.13 -10.86
CA TYR A 87 -7.76 -5.66 -9.82
C TYR A 87 -7.99 -4.93 -8.49
N GLU A 88 -7.96 -5.69 -7.41
CA GLU A 88 -8.15 -5.12 -6.08
C GLU A 88 -6.81 -4.83 -5.40
N ILE A 89 -6.59 -3.58 -5.05
CA ILE A 89 -5.35 -3.17 -4.40
C ILE A 89 -5.63 -2.55 -3.03
N ARG A 90 -4.72 -2.78 -2.08
CA ARG A 90 -4.86 -2.25 -0.73
C ARG A 90 -3.54 -1.69 -0.23
N VAL A 91 -3.59 -0.50 0.34
CA VAL A 91 -2.40 0.15 0.87
C VAL A 91 -2.34 0.04 2.40
N ALA A 92 -1.17 -0.36 2.91
CA ALA A 92 -0.98 -0.50 4.35
C ALA A 92 0.34 0.11 4.79
N ALA A 93 0.42 0.44 6.08
CA ALA A 93 1.64 1.04 6.63
C ALA A 93 2.46 0.01 7.39
N VAL A 94 3.65 -0.29 6.89
CA VAL A 94 4.54 -1.25 7.53
C VAL A 94 5.72 -0.57 8.19
N ASN A 95 5.92 -0.84 9.47
CA ASN A 95 7.02 -0.24 10.21
C ASN A 95 7.68 -1.27 11.13
N GLY A 96 8.75 -0.86 11.81
CA GLY A 96 9.44 -1.76 12.71
C GLY A 96 8.51 -2.73 13.41
N LYS A 97 7.36 -2.22 13.85
CA LYS A 97 6.37 -3.04 14.53
C LYS A 97 5.81 -4.11 13.60
N GLY A 98 5.34 -3.68 12.43
CA GLY A 98 4.78 -4.61 11.47
C GLY A 98 3.71 -3.98 10.60
N GLN A 99 2.94 -4.81 9.91
CA GLN A 99 1.88 -4.32 9.04
C GLN A 99 0.60 -4.07 9.82
N GLY A 100 0.41 -2.83 10.27
CA GLY A 100 -0.77 -2.49 11.03
C GLY A 100 -2.04 -3.08 10.44
N ASP A 101 -2.73 -2.29 9.61
CA ASP A 101 -3.96 -2.75 8.98
C ASP A 101 -4.04 -2.27 7.54
N TYR A 102 -4.82 -2.97 6.73
CA TYR A 102 -4.98 -2.63 5.32
C TYR A 102 -6.08 -1.58 5.13
N SER A 103 -5.83 -0.61 4.27
CA SER A 103 -6.80 0.45 4.00
C SER A 103 -7.96 -0.08 3.17
N LYS A 104 -9.06 0.67 3.16
CA LYS A 104 -10.25 0.27 2.41
C LYS A 104 -9.86 -0.31 1.05
N ILE A 105 -10.15 -1.60 0.87
CA ILE A 105 -9.83 -2.28 -0.38
C ILE A 105 -10.19 -1.41 -1.58
N GLU A 106 -9.21 -1.16 -2.44
CA GLU A 106 -9.43 -0.35 -3.63
C GLU A 106 -9.60 -1.23 -4.87
N ILE A 107 -10.46 -0.80 -5.78
CA ILE A 107 -10.71 -1.55 -7.01
C ILE A 107 -10.53 -0.67 -8.24
N PHE A 108 -9.53 -0.99 -9.05
CA PHE A 108 -9.26 -0.22 -10.27
C PHE A 108 -9.25 -1.13 -11.49
N GLN A 109 -9.75 -0.61 -12.61
CA GLN A 109 -9.82 -1.37 -13.85
C GLN A 109 -8.94 -0.73 -14.93
N THR A 110 -7.96 -1.50 -15.41
CA THR A 110 -7.06 -1.01 -16.44
C THR A 110 -7.82 -0.52 -17.66
N LEU A 111 -7.14 0.23 -18.51
CA LEU A 111 -7.75 0.77 -19.73
C LEU A 111 -7.71 -0.26 -20.86
N PRO A 112 -8.78 -0.30 -21.67
CA PRO A 112 -8.89 -1.23 -22.80
C PRO A 112 -7.92 -0.88 -23.92
N VAL A 113 -7.01 -1.81 -24.22
CA VAL A 113 -6.03 -1.60 -25.28
C VAL A 113 -6.62 -0.80 -26.43
N SER A 114 -5.88 0.21 -26.88
CA SER A 114 -6.34 1.06 -27.99
C SER A 114 -5.37 0.98 -29.16
N GLY A 115 -4.07 1.04 -28.85
CA GLY A 115 -3.07 0.99 -29.89
C GLY A 115 -1.78 1.68 -29.49
N PRO A 116 -0.64 1.13 -29.93
CA PRO A 116 0.68 1.68 -29.62
C PRO A 116 0.95 3.00 -30.33
N SER A 117 0.24 3.23 -31.43
CA SER A 117 0.39 4.44 -32.22
C SER A 117 -0.42 5.58 -31.61
N SER A 118 0.27 6.57 -31.05
CA SER A 118 -0.39 7.71 -30.43
C SER A 118 -1.53 8.22 -31.31
N GLY A 119 -2.69 8.40 -30.70
CA GLY A 119 -3.85 8.88 -31.43
C GLY A 119 -4.56 10.01 -30.72
N GLY A 1 9.13 -15.88 32.27
CA GLY A 1 10.25 -14.97 32.19
C GLY A 1 10.91 -14.74 33.54
N SER A 2 12.20 -15.04 33.62
CA SER A 2 12.94 -14.87 34.87
C SER A 2 14.23 -14.08 34.62
N SER A 3 15.09 -14.63 33.77
CA SER A 3 16.36 -13.98 33.46
C SER A 3 16.14 -12.74 32.59
N GLY A 4 17.07 -11.80 32.68
CA GLY A 4 16.96 -10.57 31.90
C GLY A 4 18.10 -9.62 32.17
N SER A 5 18.73 -9.14 31.10
CA SER A 5 19.85 -8.21 31.22
C SER A 5 19.48 -6.83 30.66
N SER A 6 18.85 -6.84 29.49
CA SER A 6 18.45 -5.60 28.84
C SER A 6 16.93 -5.56 28.61
N GLY A 7 16.38 -4.36 28.52
CA GLY A 7 14.96 -4.21 28.30
C GLY A 7 14.57 -4.41 26.85
N GLN A 8 13.43 -5.07 26.63
CA GLN A 8 12.95 -5.32 25.27
C GLN A 8 11.54 -4.78 25.08
N GLU A 9 11.05 -4.07 26.09
CA GLU A 9 9.71 -3.48 26.04
C GLU A 9 9.74 -2.00 26.38
N TYR A 10 10.95 -1.45 26.48
CA TYR A 10 11.12 -0.04 26.80
C TYR A 10 10.17 0.83 25.97
N ILE A 11 9.98 0.44 24.72
CA ILE A 11 9.10 1.18 23.82
C ILE A 11 8.15 0.25 23.08
N LEU A 12 8.64 -0.95 22.75
CA LEU A 12 7.83 -1.94 22.04
C LEU A 12 6.50 -2.15 22.75
N ALA A 13 6.46 -1.85 24.04
CA ALA A 13 5.26 -2.01 24.83
C ALA A 13 4.37 -0.77 24.73
N LEU A 14 4.99 0.40 24.60
CA LEU A 14 4.26 1.65 24.49
C LEU A 14 4.06 2.04 23.03
N ALA A 15 4.45 1.14 22.13
CA ALA A 15 4.31 1.39 20.69
C ALA A 15 3.16 0.56 20.11
N ASP A 16 2.66 1.01 18.96
CA ASP A 16 1.56 0.31 18.30
C ASP A 16 1.65 0.49 16.78
N VAL A 17 1.37 -0.59 16.05
CA VAL A 17 1.42 -0.55 14.60
C VAL A 17 0.73 0.70 14.05
N PRO A 18 1.19 1.16 12.88
CA PRO A 18 0.65 2.36 12.22
C PRO A 18 -0.77 2.14 11.71
N SER A 19 -1.55 3.21 11.66
CA SER A 19 -2.93 3.14 11.20
C SER A 19 -2.98 3.09 9.67
N SER A 20 -4.11 2.63 9.14
CA SER A 20 -4.29 2.54 7.70
C SER A 20 -4.24 3.91 7.05
N PRO A 21 -3.59 3.99 5.87
CA PRO A 21 -3.46 5.24 5.12
C PRO A 21 -4.78 5.71 4.54
N TYR A 22 -4.80 6.93 4.03
CA TYR A 22 -6.01 7.50 3.43
C TYR A 22 -5.67 8.32 2.20
N GLY A 23 -6.70 8.75 1.47
CA GLY A 23 -6.50 9.53 0.27
C GLY A 23 -6.14 8.68 -0.93
N VAL A 24 -5.66 7.48 -0.68
CA VAL A 24 -5.28 6.56 -1.74
C VAL A 24 -6.19 6.72 -2.96
N LYS A 25 -5.58 6.77 -4.14
CA LYS A 25 -6.35 6.92 -5.37
C LYS A 25 -5.45 6.70 -6.59
N ILE A 26 -6.06 6.34 -7.72
CA ILE A 26 -5.32 6.09 -8.95
C ILE A 26 -5.31 7.34 -9.83
N ILE A 27 -4.15 7.98 -9.94
CA ILE A 27 -4.01 9.17 -10.75
C ILE A 27 -3.61 8.82 -12.19
N GLU A 28 -2.73 7.83 -12.32
CA GLU A 28 -2.27 7.40 -13.63
C GLU A 28 -2.67 5.95 -13.90
N LEU A 29 -3.83 5.77 -14.51
CA LEU A 29 -4.33 4.42 -14.82
C LEU A 29 -4.06 4.07 -16.28
N SER A 30 -3.46 2.91 -16.50
CA SER A 30 -3.15 2.45 -17.85
C SER A 30 -3.79 1.10 -18.13
N GLN A 31 -3.53 0.55 -19.31
CA GLN A 31 -4.08 -0.74 -19.71
C GLN A 31 -3.22 -1.88 -19.18
N THR A 32 -1.95 -1.59 -18.91
CA THR A 32 -1.03 -2.59 -18.40
C THR A 32 -0.40 -2.14 -17.09
N THR A 33 -0.49 -0.85 -16.81
CA THR A 33 0.06 -0.28 -15.58
C THR A 33 -0.97 0.53 -14.82
N ALA A 34 -0.68 0.82 -13.56
CA ALA A 34 -1.59 1.59 -12.72
C ALA A 34 -0.86 2.21 -11.53
N LYS A 35 -0.85 3.53 -11.47
CA LYS A 35 -0.19 4.24 -10.39
C LYS A 35 -1.14 4.49 -9.23
N VAL A 36 -0.66 4.28 -8.00
CA VAL A 36 -1.47 4.49 -6.81
C VAL A 36 -0.83 5.51 -5.88
N SER A 37 -1.47 6.68 -5.76
CA SER A 37 -0.96 7.74 -4.91
C SER A 37 -1.82 7.88 -3.65
N PHE A 38 -1.20 7.74 -2.49
CA PHE A 38 -1.91 7.86 -1.22
C PHE A 38 -1.19 8.84 -0.29
N ASN A 39 -1.75 9.02 0.91
CA ASN A 39 -1.18 9.93 1.89
C ASN A 39 -0.86 9.20 3.19
N LYS A 40 0.17 9.66 3.88
CA LYS A 40 0.58 9.04 5.15
C LYS A 40 -0.62 8.84 6.06
N PRO A 41 -0.53 7.82 6.93
CA PRO A 41 -1.60 7.50 7.88
C PRO A 41 -1.75 8.55 8.97
N ASP A 42 -2.99 8.92 9.27
CA ASP A 42 -3.27 9.93 10.29
C ASP A 42 -2.34 9.76 11.49
N SER A 43 -1.99 8.50 11.77
CA SER A 43 -1.11 8.19 12.90
C SER A 43 -0.12 7.09 12.54
N HIS A 44 1.14 7.30 12.90
CA HIS A 44 2.18 6.31 12.61
C HIS A 44 2.39 5.37 13.79
N GLY A 45 2.05 5.85 14.98
CA GLY A 45 2.20 5.04 16.18
C GLY A 45 3.38 5.48 17.02
N GLY A 46 3.96 4.54 17.78
CA GLY A 46 5.09 4.86 18.62
C GLY A 46 6.40 4.88 17.85
N VAL A 47 6.51 4.02 16.84
CA VAL A 47 7.71 3.92 16.03
C VAL A 47 7.46 4.46 14.62
N PRO A 48 8.52 5.02 14.01
CA PRO A 48 8.44 5.57 12.65
C PRO A 48 8.25 4.49 11.59
N ILE A 49 7.46 4.80 10.57
CA ILE A 49 7.21 3.86 9.49
C ILE A 49 8.48 3.55 8.71
N HIS A 50 8.54 2.34 8.16
CA HIS A 50 9.71 1.92 7.39
C HIS A 50 9.41 1.94 5.90
N HIS A 51 8.30 1.33 5.51
CA HIS A 51 7.90 1.28 4.11
C HIS A 51 6.41 0.95 3.98
N TYR A 52 5.91 0.95 2.75
CA TYR A 52 4.51 0.66 2.49
C TYR A 52 4.35 -0.67 1.74
N GLN A 53 3.37 -1.45 2.16
CA GLN A 53 3.12 -2.75 1.54
C GLN A 53 1.84 -2.71 0.70
N VAL A 54 1.99 -2.87 -0.61
CA VAL A 54 0.85 -2.86 -1.52
C VAL A 54 0.58 -4.25 -2.08
N ASP A 55 -0.69 -4.64 -2.09
CA ASP A 55 -1.08 -5.95 -2.60
C ASP A 55 -2.18 -5.81 -3.65
N VAL A 56 -1.89 -6.25 -4.87
CA VAL A 56 -2.85 -6.18 -5.96
C VAL A 56 -3.05 -7.54 -6.62
N LYS A 57 -4.25 -7.78 -7.12
CA LYS A 57 -4.57 -9.04 -7.78
C LYS A 57 -5.91 -8.95 -8.50
N GLU A 58 -6.21 -9.98 -9.31
CA GLU A 58 -7.46 -10.01 -10.05
C GLU A 58 -8.63 -10.40 -9.13
N VAL A 59 -9.77 -9.76 -9.33
CA VAL A 59 -10.95 -10.04 -8.53
C VAL A 59 -11.35 -11.51 -8.64
N ALA A 60 -10.79 -12.20 -9.62
CA ALA A 60 -11.09 -13.61 -9.82
C ALA A 60 -9.98 -14.50 -9.29
N SER A 61 -8.73 -14.02 -9.40
CA SER A 61 -7.58 -14.77 -8.92
C SER A 61 -7.50 -14.73 -7.40
N GLU A 62 -6.51 -15.44 -6.86
CA GLU A 62 -6.32 -15.49 -5.41
C GLU A 62 -4.91 -15.03 -5.04
N ILE A 63 -3.97 -15.21 -5.95
CA ILE A 63 -2.59 -14.83 -5.72
C ILE A 63 -2.46 -13.32 -5.54
N TRP A 64 -1.92 -12.91 -4.40
CA TRP A 64 -1.74 -11.49 -4.10
C TRP A 64 -0.34 -11.03 -4.49
N LYS A 65 -0.27 -10.09 -5.43
CA LYS A 65 1.01 -9.56 -5.89
C LYS A 65 1.50 -8.45 -4.97
N ILE A 66 2.66 -8.65 -4.37
CA ILE A 66 3.25 -7.67 -3.46
C ILE A 66 4.26 -6.78 -4.19
N VAL A 67 4.15 -5.47 -3.97
CA VAL A 67 5.07 -4.52 -4.59
C VAL A 67 5.56 -3.49 -3.59
N ARG A 68 6.79 -3.68 -3.11
CA ARG A 68 7.38 -2.77 -2.14
C ARG A 68 8.06 -1.60 -2.84
N SER A 69 7.98 -0.43 -2.23
CA SER A 69 8.59 0.77 -2.79
C SER A 69 10.02 0.93 -2.32
N HIS A 70 10.78 1.79 -3.00
CA HIS A 70 12.18 2.03 -2.65
C HIS A 70 12.28 2.64 -1.26
N GLY A 71 11.59 3.76 -1.05
CA GLY A 71 11.63 4.43 0.24
C GLY A 71 10.26 4.50 0.90
N VAL A 72 10.03 5.55 1.68
CA VAL A 72 8.76 5.73 2.36
C VAL A 72 7.80 6.57 1.53
N GLN A 73 7.94 6.49 0.22
CA GLN A 73 7.08 7.25 -0.69
C GLN A 73 5.67 6.66 -0.74
N THR A 74 4.69 7.50 -1.03
CA THR A 74 3.30 7.06 -1.11
C THR A 74 2.85 6.93 -2.56
N MET A 75 3.80 7.01 -3.48
CA MET A 75 3.49 6.90 -4.90
C MET A 75 4.23 5.72 -5.53
N VAL A 76 3.48 4.82 -6.17
CA VAL A 76 4.06 3.65 -6.81
C VAL A 76 3.29 3.28 -8.08
N VAL A 77 4.01 2.71 -9.04
CA VAL A 77 3.39 2.32 -10.31
C VAL A 77 3.33 0.79 -10.43
N LEU A 78 2.14 0.28 -10.74
CA LEU A 78 1.95 -1.16 -10.88
C LEU A 78 2.12 -1.59 -12.34
N ASN A 79 2.64 -2.80 -12.54
CA ASN A 79 2.85 -3.32 -13.88
C ASN A 79 2.41 -4.78 -13.97
N ASN A 80 2.57 -5.37 -15.14
CA ASN A 80 2.19 -6.77 -15.36
C ASN A 80 0.69 -6.96 -15.14
N LEU A 81 -0.11 -6.18 -15.84
CA LEU A 81 -1.56 -6.27 -15.72
C LEU A 81 -2.22 -6.40 -17.09
N GLU A 82 -3.30 -7.16 -17.16
CA GLU A 82 -4.02 -7.37 -18.41
C GLU A 82 -5.03 -6.24 -18.65
N PRO A 83 -5.18 -5.85 -19.91
CA PRO A 83 -6.11 -4.78 -20.31
C PRO A 83 -7.57 -5.21 -20.16
N ASN A 84 -8.43 -4.25 -19.85
CA ASN A 84 -9.85 -4.53 -19.67
C ASN A 84 -10.09 -5.54 -18.56
N THR A 85 -9.29 -5.44 -17.50
CA THR A 85 -9.40 -6.34 -16.36
C THR A 85 -9.46 -5.57 -15.05
N THR A 86 -10.11 -6.15 -14.05
CA THR A 86 -10.23 -5.51 -12.74
C THR A 86 -9.25 -6.12 -11.74
N TYR A 87 -8.74 -5.29 -10.84
CA TYR A 87 -7.79 -5.75 -9.83
C TYR A 87 -8.02 -5.02 -8.51
N GLU A 88 -7.95 -5.79 -7.42
CA GLU A 88 -8.15 -5.23 -6.08
C GLU A 88 -6.82 -4.89 -5.42
N ILE A 89 -6.64 -3.62 -5.08
CA ILE A 89 -5.41 -3.17 -4.44
C ILE A 89 -5.69 -2.57 -3.07
N ARG A 90 -4.78 -2.81 -2.12
CA ARG A 90 -4.93 -2.29 -0.77
C ARG A 90 -3.61 -1.74 -0.25
N VAL A 91 -3.64 -0.53 0.30
CA VAL A 91 -2.44 0.10 0.83
C VAL A 91 -2.40 -0.02 2.34
N ALA A 92 -1.21 -0.30 2.88
CA ALA A 92 -1.03 -0.44 4.32
C ALA A 92 0.33 0.10 4.74
N ALA A 93 0.45 0.48 6.02
CA ALA A 93 1.69 1.00 6.56
C ALA A 93 2.41 -0.04 7.40
N VAL A 94 3.67 -0.30 7.07
CA VAL A 94 4.47 -1.28 7.80
C VAL A 94 5.64 -0.61 8.52
N ASN A 95 5.92 -1.08 9.73
CA ASN A 95 7.02 -0.53 10.52
C ASN A 95 7.71 -1.63 11.32
N GLY A 96 8.73 -1.24 12.08
CA GLY A 96 9.46 -2.20 12.89
C GLY A 96 8.54 -3.15 13.63
N LYS A 97 7.42 -2.63 14.11
CA LYS A 97 6.46 -3.44 14.85
C LYS A 97 5.88 -4.54 13.97
N GLY A 98 5.20 -4.14 12.89
CA GLY A 98 4.61 -5.11 11.98
C GLY A 98 3.78 -4.46 10.90
N GLN A 99 2.86 -5.21 10.32
CA GLN A 99 2.01 -4.70 9.26
C GLN A 99 0.66 -4.24 9.81
N GLY A 100 0.45 -2.93 9.84
CA GLY A 100 -0.80 -2.39 10.35
C GLY A 100 -2.01 -2.91 9.60
N ASP A 101 -3.10 -2.16 9.66
CA ASP A 101 -4.33 -2.55 8.98
C ASP A 101 -4.30 -2.13 7.51
N TYR A 102 -5.13 -2.78 6.70
CA TYR A 102 -5.19 -2.48 5.28
C TYR A 102 -6.28 -1.45 4.99
N SER A 103 -5.96 -0.45 4.17
CA SER A 103 -6.91 0.59 3.82
C SER A 103 -8.08 0.01 3.04
N LYS A 104 -9.21 0.74 3.05
CA LYS A 104 -10.40 0.30 2.34
C LYS A 104 -10.05 -0.32 0.99
N ILE A 105 -10.20 -1.63 0.89
CA ILE A 105 -9.90 -2.34 -0.35
C ILE A 105 -10.29 -1.51 -1.57
N GLU A 106 -9.32 -1.24 -2.44
CA GLU A 106 -9.58 -0.46 -3.65
C GLU A 106 -9.73 -1.37 -4.86
N ILE A 107 -10.56 -0.94 -5.81
CA ILE A 107 -10.78 -1.72 -7.03
C ILE A 107 -10.65 -0.84 -8.27
N PHE A 108 -9.65 -1.13 -9.08
CA PHE A 108 -9.40 -0.37 -10.31
C PHE A 108 -9.37 -1.29 -11.52
N GLN A 109 -9.98 -0.83 -12.62
CA GLN A 109 -10.01 -1.62 -13.85
C GLN A 109 -9.16 -0.97 -14.94
N THR A 110 -8.15 -1.70 -15.41
CA THR A 110 -7.26 -1.20 -16.44
C THR A 110 -8.05 -0.72 -17.66
N LEU A 111 -7.38 0.02 -18.53
CA LEU A 111 -8.02 0.55 -19.73
C LEU A 111 -7.98 -0.48 -20.87
N PRO A 112 -9.05 -0.52 -21.67
CA PRO A 112 -9.16 -1.44 -22.80
C PRO A 112 -8.20 -1.09 -23.93
N VAL A 113 -7.29 -2.01 -24.23
CA VAL A 113 -6.31 -1.79 -25.30
C VAL A 113 -6.93 -1.01 -26.45
N SER A 114 -6.39 0.18 -26.69
CA SER A 114 -6.89 1.04 -27.77
C SER A 114 -6.09 0.82 -29.04
N GLY A 115 -4.76 0.89 -28.92
CA GLY A 115 -3.90 0.69 -30.08
C GLY A 115 -2.43 0.80 -29.74
N PRO A 116 -1.56 0.56 -30.73
CA PRO A 116 -0.12 0.62 -30.56
C PRO A 116 0.38 2.05 -30.33
N SER A 117 -0.45 3.02 -30.70
CA SER A 117 -0.10 4.43 -30.54
C SER A 117 -0.96 5.09 -29.47
N SER A 118 -0.39 5.25 -28.27
CA SER A 118 -1.11 5.86 -27.16
C SER A 118 -1.08 7.38 -27.27
N GLY A 119 0.12 7.95 -27.32
CA GLY A 119 0.26 9.39 -27.43
C GLY A 119 1.69 9.82 -27.69
N GLY A 1 -3.55 7.38 40.37
CA GLY A 1 -2.82 8.45 39.72
C GLY A 1 -1.46 8.69 40.38
N SER A 2 -0.40 8.41 39.63
CA SER A 2 0.95 8.59 40.14
C SER A 2 1.90 9.01 39.02
N SER A 3 3.15 9.29 39.38
CA SER A 3 4.16 9.71 38.41
C SER A 3 5.57 9.44 38.93
N GLY A 4 6.50 9.26 38.01
CA GLY A 4 7.88 9.00 38.40
C GLY A 4 8.85 9.15 37.24
N SER A 5 10.14 9.14 37.55
CA SER A 5 11.17 9.29 36.52
C SER A 5 10.84 8.44 35.30
N SER A 6 10.74 9.08 34.14
CA SER A 6 10.43 8.38 32.90
C SER A 6 11.41 7.24 32.66
N GLY A 7 11.04 6.34 31.76
CA GLY A 7 11.90 5.21 31.45
C GLY A 7 11.93 4.89 29.96
N GLN A 8 12.96 4.17 29.54
CA GLN A 8 13.10 3.81 28.13
C GLN A 8 11.75 3.47 27.52
N GLU A 9 10.82 3.02 28.35
CA GLU A 9 9.48 2.67 27.88
C GLU A 9 8.59 3.90 27.80
N TYR A 10 9.18 5.02 27.41
CA TYR A 10 8.44 6.28 27.29
C TYR A 10 7.41 6.20 26.17
N ILE A 11 7.87 5.79 24.98
CA ILE A 11 6.99 5.68 23.83
C ILE A 11 7.03 4.27 23.25
N LEU A 12 8.25 3.73 23.11
CA LEU A 12 8.43 2.39 22.56
C LEU A 12 7.51 1.40 23.25
N ALA A 13 7.01 1.76 24.43
CA ALA A 13 6.12 0.89 25.18
C ALA A 13 4.67 1.11 24.75
N LEU A 14 4.31 2.36 24.49
CA LEU A 14 2.96 2.69 24.06
C LEU A 14 2.82 2.61 22.55
N ALA A 15 3.81 1.99 21.90
CA ALA A 15 3.80 1.85 20.45
C ALA A 15 3.24 0.49 20.04
N ASP A 16 2.49 0.47 18.95
CA ASP A 16 1.91 -0.77 18.45
C ASP A 16 2.14 -0.92 16.94
N VAL A 17 1.38 -0.15 16.16
CA VAL A 17 1.50 -0.20 14.71
C VAL A 17 0.79 0.99 14.06
N PRO A 18 1.25 1.36 12.86
CA PRO A 18 0.66 2.48 12.11
C PRO A 18 -0.73 2.16 11.59
N SER A 19 -1.62 3.15 11.63
CA SER A 19 -2.99 2.96 11.15
C SER A 19 -3.03 2.94 9.62
N SER A 20 -4.14 2.43 9.08
CA SER A 20 -4.31 2.35 7.63
C SER A 20 -4.36 3.74 7.02
N PRO A 21 -3.74 3.88 5.83
CA PRO A 21 -3.69 5.15 5.11
C PRO A 21 -5.06 5.54 4.54
N TYR A 22 -5.14 6.74 3.98
CA TYR A 22 -6.38 7.23 3.40
C TYR A 22 -6.11 8.07 2.16
N GLY A 23 -7.18 8.40 1.43
CA GLY A 23 -7.03 9.20 0.22
C GLY A 23 -6.52 8.40 -0.95
N VAL A 24 -6.01 7.21 -0.67
CA VAL A 24 -5.48 6.33 -1.72
C VAL A 24 -6.35 6.38 -2.97
N LYS A 25 -5.85 7.04 -4.01
CA LYS A 25 -6.59 7.15 -5.27
C LYS A 25 -5.65 6.98 -6.46
N ILE A 26 -6.18 6.40 -7.53
CA ILE A 26 -5.39 6.18 -8.74
C ILE A 26 -5.40 7.42 -9.63
N ILE A 27 -4.24 8.07 -9.73
CA ILE A 27 -4.11 9.26 -10.56
C ILE A 27 -3.76 8.90 -12.00
N GLU A 28 -2.86 7.95 -12.17
CA GLU A 28 -2.45 7.52 -13.50
C GLU A 28 -2.83 6.06 -13.74
N LEU A 29 -3.85 5.85 -14.56
CA LEU A 29 -4.33 4.50 -14.87
C LEU A 29 -4.05 4.16 -16.33
N SER A 30 -3.35 3.05 -16.55
CA SER A 30 -3.03 2.61 -17.90
C SER A 30 -3.70 1.27 -18.21
N GLN A 31 -3.41 0.73 -19.39
CA GLN A 31 -3.99 -0.54 -19.82
C GLN A 31 -3.15 -1.71 -19.31
N THR A 32 -1.91 -1.43 -18.92
CA THR A 32 -1.01 -2.46 -18.41
C THR A 32 -0.46 -2.08 -17.05
N THR A 33 -0.28 -0.79 -16.82
CA THR A 33 0.25 -0.29 -15.55
C THR A 33 -0.79 0.54 -14.81
N ALA A 34 -0.56 0.76 -13.52
CA ALA A 34 -1.47 1.55 -12.71
C ALA A 34 -0.74 2.18 -11.52
N LYS A 35 -0.79 3.51 -11.44
CA LYS A 35 -0.13 4.22 -10.35
C LYS A 35 -1.12 4.54 -9.23
N VAL A 36 -0.71 4.32 -8.00
CA VAL A 36 -1.55 4.58 -6.84
C VAL A 36 -0.93 5.64 -5.94
N SER A 37 -1.69 6.69 -5.64
CA SER A 37 -1.22 7.77 -4.80
C SER A 37 -2.08 7.89 -3.54
N PHE A 38 -1.42 7.83 -2.38
CA PHE A 38 -2.12 7.92 -1.11
C PHE A 38 -1.41 8.89 -0.17
N ASN A 39 -2.07 9.23 0.94
CA ASN A 39 -1.49 10.15 1.92
C ASN A 39 -1.03 9.40 3.16
N LYS A 40 -0.02 9.95 3.83
CA LYS A 40 0.53 9.34 5.03
C LYS A 40 -0.53 9.25 6.13
N PRO A 41 -0.41 8.23 6.99
CA PRO A 41 -1.34 8.02 8.10
C PRO A 41 -1.21 9.09 9.18
N ASP A 42 -2.14 9.07 10.14
CA ASP A 42 -2.13 10.04 11.22
C ASP A 42 -1.69 9.38 12.53
N SER A 43 -1.91 8.07 12.62
CA SER A 43 -1.53 7.32 13.82
C SER A 43 -0.49 6.26 13.50
N HIS A 44 0.75 6.70 13.30
CA HIS A 44 1.84 5.79 12.99
C HIS A 44 2.24 4.97 14.21
N GLY A 45 1.94 5.50 15.40
CA GLY A 45 2.28 4.80 16.63
C GLY A 45 3.40 5.48 17.39
N GLY A 46 4.36 4.68 17.85
CA GLY A 46 5.48 5.23 18.59
C GLY A 46 6.75 5.30 17.76
N VAL A 47 6.79 4.50 16.70
CA VAL A 47 7.96 4.47 15.81
C VAL A 47 7.58 4.89 14.40
N PRO A 48 8.52 5.55 13.70
CA PRO A 48 8.32 6.03 12.34
C PRO A 48 8.24 4.88 11.34
N ILE A 49 7.29 4.97 10.41
CA ILE A 49 7.12 3.94 9.39
C ILE A 49 8.40 3.70 8.62
N HIS A 50 8.62 2.45 8.22
CA HIS A 50 9.83 2.09 7.48
C HIS A 50 9.55 2.08 5.98
N HIS A 51 8.42 1.49 5.59
CA HIS A 51 8.04 1.41 4.18
C HIS A 51 6.57 1.08 4.03
N TYR A 52 6.12 0.93 2.80
CA TYR A 52 4.72 0.61 2.52
C TYR A 52 4.59 -0.71 1.77
N GLN A 53 3.51 -1.44 2.04
CA GLN A 53 3.28 -2.72 1.38
C GLN A 53 2.03 -2.66 0.52
N VAL A 54 2.22 -2.71 -0.79
CA VAL A 54 1.11 -2.67 -1.74
C VAL A 54 0.81 -4.06 -2.30
N ASP A 55 -0.47 -4.34 -2.52
CA ASP A 55 -0.88 -5.62 -3.07
C ASP A 55 -1.88 -5.44 -4.22
N VAL A 56 -1.97 -6.44 -5.08
CA VAL A 56 -2.89 -6.39 -6.21
C VAL A 56 -3.21 -7.80 -6.73
N LYS A 57 -4.47 -8.01 -7.09
CA LYS A 57 -4.92 -9.30 -7.60
C LYS A 57 -6.26 -9.17 -8.31
N GLU A 58 -6.48 -10.05 -9.28
CA GLU A 58 -7.74 -10.03 -10.04
C GLU A 58 -8.91 -10.44 -9.16
N VAL A 59 -10.01 -9.69 -9.27
CA VAL A 59 -11.21 -9.98 -8.49
C VAL A 59 -11.57 -11.45 -8.56
N ALA A 60 -11.12 -12.13 -9.62
CA ALA A 60 -11.40 -13.54 -9.80
C ALA A 60 -10.26 -14.40 -9.25
N SER A 61 -9.03 -13.93 -9.44
CA SER A 61 -7.86 -14.68 -8.98
C SER A 61 -7.92 -14.87 -7.46
N GLU A 62 -7.01 -15.72 -6.95
CA GLU A 62 -6.97 -15.99 -5.52
C GLU A 62 -5.59 -15.67 -4.95
N ILE A 63 -4.59 -15.61 -5.82
CA ILE A 63 -3.23 -15.30 -5.41
C ILE A 63 -3.00 -13.80 -5.35
N TRP A 64 -2.45 -13.32 -4.24
CA TRP A 64 -2.17 -11.90 -4.06
C TRP A 64 -0.72 -11.59 -4.37
N LYS A 65 -0.48 -10.50 -5.09
CA LYS A 65 0.87 -10.09 -5.44
C LYS A 65 1.30 -8.87 -4.64
N ILE A 66 2.40 -9.00 -3.90
CA ILE A 66 2.91 -7.91 -3.09
C ILE A 66 4.06 -7.19 -3.79
N VAL A 67 4.01 -5.87 -3.79
CA VAL A 67 5.05 -5.06 -4.42
C VAL A 67 5.58 -4.00 -3.47
N ARG A 68 6.86 -4.08 -3.14
CA ARG A 68 7.48 -3.12 -2.25
C ARG A 68 7.99 -1.90 -3.01
N SER A 69 8.06 -0.77 -2.32
CA SER A 69 8.53 0.47 -2.94
C SER A 69 10.01 0.71 -2.66
N HIS A 70 10.51 1.85 -3.10
CA HIS A 70 11.92 2.20 -2.90
C HIS A 70 12.06 3.38 -1.95
N GLY A 71 11.31 3.33 -0.84
CA GLY A 71 11.38 4.41 0.13
C GLY A 71 10.05 4.60 0.85
N VAL A 72 9.96 5.68 1.63
CA VAL A 72 8.74 5.98 2.37
C VAL A 72 7.77 6.79 1.54
N GLN A 73 7.84 6.62 0.22
CA GLN A 73 6.96 7.33 -0.70
C GLN A 73 5.55 6.75 -0.67
N THR A 74 4.58 7.56 -1.08
CA THR A 74 3.19 7.13 -1.11
C THR A 74 2.68 6.99 -2.54
N MET A 75 3.61 6.90 -3.48
CA MET A 75 3.24 6.77 -4.89
C MET A 75 4.04 5.65 -5.56
N VAL A 76 3.34 4.67 -6.11
CA VAL A 76 3.98 3.54 -6.77
C VAL A 76 3.22 3.15 -8.03
N VAL A 77 3.96 2.66 -9.03
CA VAL A 77 3.35 2.23 -10.29
C VAL A 77 3.40 0.71 -10.43
N LEU A 78 2.26 0.12 -10.77
CA LEU A 78 2.18 -1.32 -10.94
C LEU A 78 2.38 -1.70 -12.41
N ASN A 79 2.92 -2.91 -12.63
CA ASN A 79 3.17 -3.40 -13.98
C ASN A 79 2.74 -4.86 -14.12
N ASN A 80 2.84 -5.38 -15.34
CA ASN A 80 2.47 -6.77 -15.60
C ASN A 80 0.98 -7.00 -15.35
N LEU A 81 0.15 -6.17 -15.95
CA LEU A 81 -1.30 -6.28 -15.80
C LEU A 81 -1.99 -6.36 -17.15
N GLU A 82 -3.07 -7.14 -17.21
CA GLU A 82 -3.82 -7.30 -18.45
C GLU A 82 -4.84 -6.17 -18.61
N PRO A 83 -5.03 -5.71 -19.86
CA PRO A 83 -5.97 -4.64 -20.18
C PRO A 83 -7.42 -5.08 -20.02
N ASN A 84 -8.32 -4.09 -19.96
CA ASN A 84 -9.74 -4.38 -19.81
C ASN A 84 -9.99 -5.39 -18.68
N THR A 85 -9.21 -5.26 -17.61
CA THR A 85 -9.34 -6.16 -16.47
C THR A 85 -9.39 -5.37 -15.16
N THR A 86 -9.97 -5.98 -14.14
CA THR A 86 -10.09 -5.34 -12.83
C THR A 86 -9.19 -6.02 -11.81
N TYR A 87 -8.66 -5.23 -10.89
CA TYR A 87 -7.76 -5.75 -9.86
C TYR A 87 -7.98 -5.01 -8.54
N GLU A 88 -7.94 -5.76 -7.44
CA GLU A 88 -8.13 -5.17 -6.12
C GLU A 88 -6.79 -4.89 -5.45
N ILE A 89 -6.55 -3.63 -5.11
CA ILE A 89 -5.31 -3.23 -4.46
C ILE A 89 -5.58 -2.56 -3.11
N ARG A 90 -4.66 -2.75 -2.17
CA ARG A 90 -4.79 -2.17 -0.85
C ARG A 90 -3.44 -1.69 -0.32
N VAL A 91 -3.41 -0.49 0.23
CA VAL A 91 -2.19 0.08 0.77
C VAL A 91 -2.13 -0.07 2.29
N ALA A 92 -0.99 -0.52 2.78
CA ALA A 92 -0.81 -0.70 4.21
C ALA A 92 0.52 -0.11 4.69
N ALA A 93 0.56 0.30 5.94
CA ALA A 93 1.78 0.89 6.52
C ALA A 93 2.52 -0.12 7.39
N VAL A 94 3.80 -0.31 7.09
CA VAL A 94 4.62 -1.26 7.85
C VAL A 94 5.81 -0.54 8.50
N ASN A 95 6.01 -0.80 9.78
CA ASN A 95 7.11 -0.19 10.52
C ASN A 95 7.85 -1.23 11.35
N GLY A 96 8.87 -0.77 12.08
CA GLY A 96 9.65 -1.68 12.91
C GLY A 96 8.78 -2.69 13.64
N LYS A 97 7.63 -2.24 14.12
CA LYS A 97 6.71 -3.11 14.84
C LYS A 97 6.24 -4.25 13.95
N GLY A 98 5.55 -3.92 12.87
CA GLY A 98 5.06 -4.93 11.96
C GLY A 98 4.19 -4.36 10.86
N GLN A 99 3.07 -5.02 10.58
CA GLN A 99 2.16 -4.58 9.54
C GLN A 99 0.80 -4.21 10.15
N GLY A 100 0.52 -2.90 10.21
CA GLY A 100 -0.74 -2.44 10.76
C GLY A 100 -1.94 -2.98 10.00
N ASP A 101 -3.01 -2.20 9.97
CA ASP A 101 -4.23 -2.61 9.28
C ASP A 101 -4.23 -2.09 7.84
N TYR A 102 -4.74 -2.92 6.93
CA TYR A 102 -4.79 -2.54 5.52
C TYR A 102 -5.84 -1.46 5.28
N SER A 103 -5.68 -0.72 4.19
CA SER A 103 -6.59 0.36 3.85
C SER A 103 -7.80 -0.18 3.09
N LYS A 104 -8.87 0.62 3.06
CA LYS A 104 -10.09 0.22 2.36
C LYS A 104 -9.77 -0.38 0.99
N ILE A 105 -10.02 -1.68 0.86
CA ILE A 105 -9.75 -2.37 -0.40
C ILE A 105 -10.12 -1.49 -1.60
N GLU A 106 -9.16 -1.29 -2.50
CA GLU A 106 -9.39 -0.48 -3.68
C GLU A 106 -9.56 -1.35 -4.92
N ILE A 107 -10.39 -0.90 -5.84
CA ILE A 107 -10.64 -1.65 -7.07
C ILE A 107 -10.47 -0.75 -8.31
N PHE A 108 -9.46 -1.05 -9.10
CA PHE A 108 -9.18 -0.27 -10.30
C PHE A 108 -9.20 -1.16 -11.55
N GLN A 109 -9.81 -0.66 -12.63
CA GLN A 109 -9.90 -1.42 -13.86
C GLN A 109 -9.03 -0.78 -14.95
N THR A 110 -8.05 -1.54 -15.44
CA THR A 110 -7.15 -1.05 -16.48
C THR A 110 -7.93 -0.59 -17.70
N LEU A 111 -7.26 0.16 -18.58
CA LEU A 111 -7.90 0.67 -19.79
C LEU A 111 -7.76 -0.35 -20.93
N PRO A 112 -8.81 -0.44 -21.76
CA PRO A 112 -8.84 -1.37 -22.90
C PRO A 112 -7.88 -0.95 -24.00
N VAL A 113 -6.92 -1.81 -24.30
CA VAL A 113 -5.93 -1.53 -25.34
C VAL A 113 -6.55 -0.74 -26.48
N SER A 114 -5.86 0.32 -26.90
CA SER A 114 -6.34 1.18 -27.98
C SER A 114 -5.28 1.31 -29.07
N GLY A 115 -5.54 0.68 -30.21
CA GLY A 115 -4.60 0.73 -31.32
C GLY A 115 -4.88 1.91 -32.25
N PRO A 116 -3.84 2.34 -32.98
CA PRO A 116 -3.95 3.47 -33.91
C PRO A 116 -4.79 3.13 -35.13
N SER A 117 -5.84 3.92 -35.35
CA SER A 117 -6.73 3.71 -36.48
C SER A 117 -6.07 4.15 -37.78
N SER A 118 -5.43 5.32 -37.76
CA SER A 118 -4.77 5.86 -38.93
C SER A 118 -3.86 4.81 -39.58
N GLY A 119 -3.87 4.78 -40.91
CA GLY A 119 -3.04 3.83 -41.63
C GLY A 119 -3.43 3.69 -43.08
N GLY A 1 25.93 -5.43 30.96
CA GLY A 1 26.27 -4.11 30.47
C GLY A 1 27.77 -3.87 30.45
N SER A 2 28.22 -3.05 29.51
CA SER A 2 29.65 -2.75 29.38
C SER A 2 30.07 -1.70 30.41
N SER A 3 29.43 -0.54 30.35
CA SER A 3 29.75 0.55 31.27
C SER A 3 28.58 0.80 32.23
N GLY A 4 27.46 0.14 31.99
CA GLY A 4 26.30 0.30 32.84
C GLY A 4 25.30 1.29 32.27
N SER A 5 24.90 1.09 31.03
CA SER A 5 23.95 1.97 30.37
C SER A 5 22.56 1.36 30.34
N SER A 6 21.73 1.72 31.31
CA SER A 6 20.37 1.21 31.41
C SER A 6 19.38 2.16 30.76
N GLY A 7 18.48 1.60 29.94
CA GLY A 7 17.49 2.43 29.26
C GLY A 7 16.87 1.72 28.07
N GLN A 8 15.73 1.08 28.30
CA GLN A 8 15.04 0.36 27.23
C GLN A 8 13.53 0.32 27.48
N GLU A 9 12.82 -0.34 26.59
CA GLU A 9 11.36 -0.45 26.72
C GLU A 9 10.75 0.87 27.18
N TYR A 10 11.45 1.97 26.91
CA TYR A 10 10.99 3.29 27.30
C TYR A 10 9.76 3.69 26.51
N ILE A 11 9.88 3.66 25.19
CA ILE A 11 8.78 4.03 24.30
C ILE A 11 8.44 2.89 23.35
N LEU A 12 9.47 2.20 22.87
CA LEU A 12 9.28 1.08 21.96
C LEU A 12 8.31 0.05 22.53
N ALA A 13 8.15 0.07 23.86
CA ALA A 13 7.26 -0.85 24.54
C ALA A 13 5.83 -0.32 24.55
N LEU A 14 5.69 1.00 24.60
CA LEU A 14 4.38 1.63 24.62
C LEU A 14 3.98 2.10 23.22
N ALA A 15 4.57 1.48 22.20
CA ALA A 15 4.27 1.83 20.82
C ALA A 15 3.13 1.00 20.27
N ASP A 16 2.65 1.36 19.08
CA ASP A 16 1.55 0.64 18.45
C ASP A 16 1.60 0.79 16.93
N VAL A 17 1.47 -0.32 16.22
CA VAL A 17 1.51 -0.31 14.77
C VAL A 17 0.81 0.94 14.21
N PRO A 18 1.23 1.36 13.01
CA PRO A 18 0.65 2.53 12.35
C PRO A 18 -0.78 2.29 11.88
N SER A 19 -1.51 3.38 11.63
CA SER A 19 -2.89 3.28 11.17
C SER A 19 -2.95 3.14 9.66
N SER A 20 -4.10 2.70 9.15
CA SER A 20 -4.30 2.52 7.72
C SER A 20 -4.30 3.87 7.00
N PRO A 21 -3.66 3.91 5.82
CA PRO A 21 -3.56 5.12 5.00
C PRO A 21 -4.92 5.51 4.41
N TYR A 22 -4.99 6.73 3.89
CA TYR A 22 -6.22 7.23 3.29
C TYR A 22 -5.91 8.07 2.05
N GLY A 23 -6.94 8.29 1.23
CA GLY A 23 -6.76 9.08 0.02
C GLY A 23 -6.22 8.25 -1.14
N VAL A 24 -6.23 6.93 -0.97
CA VAL A 24 -5.74 6.02 -2.00
C VAL A 24 -6.56 6.16 -3.28
N LYS A 25 -5.98 6.80 -4.29
CA LYS A 25 -6.65 6.99 -5.56
C LYS A 25 -5.66 6.88 -6.72
N ILE A 26 -6.07 6.18 -7.78
CA ILE A 26 -5.23 6.01 -8.96
C ILE A 26 -5.22 7.27 -9.81
N ILE A 27 -4.14 8.03 -9.72
CA ILE A 27 -3.99 9.26 -10.50
C ILE A 27 -3.72 8.95 -11.97
N GLU A 28 -2.80 8.02 -12.21
CA GLU A 28 -2.44 7.64 -13.56
C GLU A 28 -2.77 6.17 -13.82
N LEU A 29 -3.90 5.94 -14.49
CA LEU A 29 -4.33 4.60 -14.81
C LEU A 29 -4.07 4.26 -16.28
N SER A 30 -3.44 3.12 -16.51
CA SER A 30 -3.13 2.68 -17.87
C SER A 30 -3.82 1.36 -18.20
N GLN A 31 -3.54 0.83 -19.39
CA GLN A 31 -4.13 -0.43 -19.82
C GLN A 31 -3.34 -1.62 -19.29
N THR A 32 -2.07 -1.37 -18.94
CA THR A 32 -1.21 -2.42 -18.44
C THR A 32 -0.65 -2.06 -17.07
N THR A 33 -0.49 -0.76 -16.82
CA THR A 33 0.04 -0.28 -15.55
C THR A 33 -1.02 0.52 -14.79
N ALA A 34 -0.75 0.78 -13.52
CA ALA A 34 -1.67 1.53 -12.68
C ALA A 34 -0.93 2.23 -11.54
N LYS A 35 -0.98 3.56 -11.54
CA LYS A 35 -0.32 4.35 -10.51
C LYS A 35 -1.26 4.65 -9.35
N VAL A 36 -0.92 4.14 -8.18
CA VAL A 36 -1.75 4.35 -6.99
C VAL A 36 -1.10 5.37 -6.06
N SER A 37 -1.77 6.52 -5.91
CA SER A 37 -1.27 7.58 -5.05
C SER A 37 -2.11 7.71 -3.78
N PHE A 38 -1.45 7.68 -2.63
CA PHE A 38 -2.14 7.78 -1.35
C PHE A 38 -1.40 8.73 -0.41
N ASN A 39 -2.03 9.06 0.72
CA ASN A 39 -1.43 9.95 1.69
C ASN A 39 -1.12 9.22 2.99
N LYS A 40 0.09 9.41 3.51
CA LYS A 40 0.51 8.76 4.74
C LYS A 40 -0.55 8.92 5.84
N PRO A 41 -0.58 7.96 6.77
CA PRO A 41 -1.54 7.97 7.88
C PRO A 41 -1.24 9.08 8.88
N ASP A 42 -2.30 9.70 9.40
CA ASP A 42 -2.14 10.77 10.38
C ASP A 42 -1.37 10.29 11.60
N SER A 43 -1.36 8.98 11.82
CA SER A 43 -0.67 8.38 12.95
C SER A 43 0.42 7.43 12.48
N HIS A 44 1.55 7.44 13.18
CA HIS A 44 2.68 6.58 12.84
C HIS A 44 2.81 5.43 13.83
N GLY A 45 2.67 5.75 15.12
CA GLY A 45 2.78 4.75 16.15
C GLY A 45 4.10 4.80 16.89
N GLY A 46 4.48 5.99 17.33
CA GLY A 46 5.74 6.15 18.04
C GLY A 46 6.94 6.06 17.12
N VAL A 47 7.10 4.92 16.47
CA VAL A 47 8.22 4.70 15.56
C VAL A 47 7.87 5.14 14.14
N PRO A 48 8.87 5.67 13.41
CA PRO A 48 8.68 6.14 12.04
C PRO A 48 8.45 4.98 11.06
N ILE A 49 7.39 5.09 10.27
CA ILE A 49 7.06 4.07 9.29
C ILE A 49 8.28 3.71 8.43
N HIS A 50 8.56 2.42 8.35
CA HIS A 50 9.69 1.95 7.56
C HIS A 50 9.38 1.99 6.06
N HIS A 51 8.33 1.27 5.67
CA HIS A 51 7.92 1.23 4.27
C HIS A 51 6.42 0.94 4.15
N TYR A 52 5.94 0.78 2.92
CA TYR A 52 4.55 0.50 2.67
C TYR A 52 4.37 -0.80 1.88
N GLN A 53 3.42 -1.63 2.30
CA GLN A 53 3.16 -2.89 1.64
C GLN A 53 1.89 -2.81 0.81
N VAL A 54 1.99 -3.18 -0.46
CA VAL A 54 0.84 -3.16 -1.37
C VAL A 54 0.59 -4.54 -1.96
N ASP A 55 -0.68 -4.93 -1.99
CA ASP A 55 -1.07 -6.23 -2.54
C ASP A 55 -2.16 -6.07 -3.60
N VAL A 56 -1.85 -6.49 -4.82
CA VAL A 56 -2.80 -6.40 -5.92
C VAL A 56 -3.06 -7.78 -6.55
N LYS A 57 -4.26 -7.97 -7.06
CA LYS A 57 -4.63 -9.23 -7.69
C LYS A 57 -5.99 -9.11 -8.39
N GLU A 58 -6.18 -9.91 -9.44
CA GLU A 58 -7.43 -9.90 -10.18
C GLU A 58 -8.59 -10.34 -9.31
N VAL A 59 -9.72 -9.63 -9.43
CA VAL A 59 -10.90 -9.96 -8.65
C VAL A 59 -11.29 -11.43 -8.81
N ALA A 60 -10.81 -12.04 -9.89
CA ALA A 60 -11.09 -13.44 -10.16
C ALA A 60 -9.96 -14.34 -9.69
N SER A 61 -8.72 -13.87 -9.87
CA SER A 61 -7.55 -14.64 -9.46
C SER A 61 -7.55 -14.86 -7.96
N GLU A 62 -6.65 -15.72 -7.50
CA GLU A 62 -6.54 -16.03 -6.08
C GLU A 62 -5.13 -15.73 -5.56
N ILE A 63 -4.18 -15.59 -6.48
CA ILE A 63 -2.80 -15.30 -6.12
C ILE A 63 -2.61 -13.81 -5.88
N TRP A 64 -2.19 -13.46 -4.67
CA TRP A 64 -1.96 -12.07 -4.32
C TRP A 64 -0.52 -11.66 -4.61
N LYS A 65 -0.36 -10.55 -5.32
CA LYS A 65 0.97 -10.05 -5.66
C LYS A 65 1.39 -8.93 -4.72
N ILE A 66 2.56 -9.10 -4.11
CA ILE A 66 3.08 -8.09 -3.18
C ILE A 66 4.07 -7.16 -3.87
N VAL A 67 3.87 -5.86 -3.70
CA VAL A 67 4.75 -4.87 -4.32
C VAL A 67 5.01 -3.71 -3.36
N ARG A 68 6.25 -3.62 -2.88
CA ARG A 68 6.64 -2.56 -1.96
C ARG A 68 7.60 -1.58 -2.63
N SER A 69 7.74 -0.40 -2.04
CA SER A 69 8.62 0.63 -2.58
C SER A 69 9.95 0.63 -1.84
N HIS A 70 10.91 1.40 -2.35
CA HIS A 70 12.23 1.51 -1.75
C HIS A 70 12.15 2.19 -0.39
N GLY A 71 11.85 3.49 -0.40
CA GLY A 71 11.75 4.23 0.85
C GLY A 71 10.34 4.28 1.39
N VAL A 72 9.93 5.44 1.89
CA VAL A 72 8.59 5.60 2.45
C VAL A 72 7.65 6.22 1.42
N GLN A 73 8.00 6.09 0.14
CA GLN A 73 7.19 6.63 -0.94
C GLN A 73 5.70 6.42 -0.66
N THR A 74 4.86 7.18 -1.35
CA THR A 74 3.42 7.08 -1.17
C THR A 74 2.72 6.77 -2.49
N MET A 75 3.50 6.72 -3.56
CA MET A 75 2.96 6.43 -4.88
C MET A 75 3.81 5.38 -5.60
N VAL A 76 3.14 4.35 -6.13
CA VAL A 76 3.83 3.28 -6.84
C VAL A 76 3.04 2.82 -8.06
N VAL A 77 3.74 2.64 -9.17
CA VAL A 77 3.10 2.20 -10.41
C VAL A 77 3.19 0.69 -10.57
N LEU A 78 2.04 0.07 -10.84
CA LEU A 78 1.98 -1.39 -11.01
C LEU A 78 2.17 -1.76 -12.48
N ASN A 79 2.70 -2.95 -12.71
CA ASN A 79 2.94 -3.43 -14.08
C ASN A 79 2.50 -4.89 -14.23
N ASN A 80 2.67 -5.43 -15.42
CA ASN A 80 2.29 -6.81 -15.69
C ASN A 80 0.80 -7.03 -15.46
N LEU A 81 -0.02 -6.13 -15.99
CA LEU A 81 -1.47 -6.22 -15.84
C LEU A 81 -2.15 -6.26 -17.20
N GLU A 82 -3.25 -7.01 -17.28
CA GLU A 82 -3.99 -7.14 -18.53
C GLU A 82 -5.02 -6.02 -18.65
N PRO A 83 -5.25 -5.55 -19.89
CA PRO A 83 -6.20 -4.48 -20.18
C PRO A 83 -7.64 -4.92 -19.98
N ASN A 84 -8.55 -3.95 -19.86
CA ASN A 84 -9.96 -4.26 -19.67
C ASN A 84 -10.16 -5.25 -18.54
N THR A 85 -9.28 -5.19 -17.54
CA THR A 85 -9.36 -6.09 -16.40
C THR A 85 -9.36 -5.31 -15.09
N THR A 86 -10.01 -5.86 -14.07
CA THR A 86 -10.09 -5.22 -12.76
C THR A 86 -9.16 -5.90 -11.76
N TYR A 87 -8.56 -5.10 -10.89
CA TYR A 87 -7.65 -5.62 -9.88
C TYR A 87 -7.85 -4.92 -8.54
N GLU A 88 -7.85 -5.71 -7.47
CA GLU A 88 -8.04 -5.16 -6.12
C GLU A 88 -6.70 -4.91 -5.45
N ILE A 89 -6.45 -3.66 -5.07
CA ILE A 89 -5.21 -3.29 -4.41
C ILE A 89 -5.47 -2.77 -3.00
N ARG A 90 -4.56 -3.09 -2.09
CA ARG A 90 -4.69 -2.65 -0.70
C ARG A 90 -3.37 -2.10 -0.17
N VAL A 91 -3.40 -0.84 0.29
CA VAL A 91 -2.20 -0.20 0.82
C VAL A 91 -2.19 -0.24 2.34
N ALA A 92 -1.03 -0.57 2.90
CA ALA A 92 -0.87 -0.65 4.35
C ALA A 92 0.44 -0.02 4.79
N ALA A 93 0.54 0.27 6.09
CA ALA A 93 1.75 0.88 6.64
C ALA A 93 2.54 -0.12 7.47
N VAL A 94 3.86 -0.10 7.31
CA VAL A 94 4.72 -1.01 8.05
C VAL A 94 5.80 -0.24 8.81
N ASN A 95 5.97 -0.57 10.08
CA ASN A 95 6.96 0.08 10.92
C ASN A 95 7.61 -0.92 11.89
N GLY A 96 8.47 -0.42 12.76
CA GLY A 96 9.14 -1.28 13.72
C GLY A 96 8.25 -2.40 14.22
N LYS A 97 7.07 -2.04 14.72
CA LYS A 97 6.12 -3.02 15.24
C LYS A 97 5.88 -4.13 14.22
N GLY A 98 5.40 -3.74 13.04
CA GLY A 98 5.14 -4.71 11.99
C GLY A 98 4.26 -4.16 10.89
N GLN A 99 3.25 -4.93 10.49
CA GLN A 99 2.33 -4.52 9.44
C GLN A 99 1.00 -4.08 10.03
N GLY A 100 0.78 -2.77 10.10
CA GLY A 100 -0.46 -2.25 10.64
C GLY A 100 -1.68 -2.75 9.88
N ASP A 101 -2.76 -1.98 9.92
CA ASP A 101 -3.99 -2.35 9.24
C ASP A 101 -3.94 -1.95 7.76
N TYR A 102 -4.79 -2.57 6.95
CA TYR A 102 -4.84 -2.28 5.53
C TYR A 102 -5.97 -1.30 5.21
N SER A 103 -5.77 -0.46 4.20
CA SER A 103 -6.77 0.52 3.79
C SER A 103 -7.92 -0.15 3.06
N LYS A 104 -9.06 0.52 3.05
CA LYS A 104 -10.25 -0.01 2.38
C LYS A 104 -9.90 -0.56 1.00
N ILE A 105 -10.02 -1.87 0.85
CA ILE A 105 -9.72 -2.52 -0.42
C ILE A 105 -10.10 -1.63 -1.61
N GLU A 106 -9.11 -1.34 -2.46
CA GLU A 106 -9.34 -0.50 -3.63
C GLU A 106 -9.53 -1.34 -4.88
N ILE A 107 -10.34 -0.85 -5.81
CA ILE A 107 -10.60 -1.56 -7.06
C ILE A 107 -10.39 -0.65 -8.26
N PHE A 108 -9.38 -0.97 -9.07
CA PHE A 108 -9.07 -0.18 -10.26
C PHE A 108 -9.11 -1.05 -11.51
N GLN A 109 -9.75 -0.54 -12.55
CA GLN A 109 -9.86 -1.27 -13.81
C GLN A 109 -9.02 -0.61 -14.90
N THR A 110 -8.10 -1.38 -15.48
CA THR A 110 -7.24 -0.87 -16.54
C THR A 110 -8.04 -0.44 -17.76
N LEU A 111 -7.45 0.42 -18.58
CA LEU A 111 -8.11 0.91 -19.78
C LEU A 111 -8.03 -0.11 -20.90
N PRO A 112 -9.11 -0.23 -21.70
CA PRO A 112 -9.18 -1.16 -22.82
C PRO A 112 -8.26 -0.76 -23.97
N VAL A 113 -7.31 -1.63 -24.29
CA VAL A 113 -6.36 -1.37 -25.37
C VAL A 113 -7.03 -0.57 -26.49
N SER A 114 -6.34 0.47 -26.96
CA SER A 114 -6.86 1.31 -28.02
C SER A 114 -6.43 0.78 -29.39
N GLY A 115 -7.24 -0.11 -29.95
CA GLY A 115 -6.93 -0.69 -31.25
C GLY A 115 -7.53 0.12 -32.39
N PRO A 116 -6.96 -0.05 -33.59
CA PRO A 116 -7.43 0.66 -34.79
C PRO A 116 -8.79 0.16 -35.26
N SER A 117 -9.84 0.92 -34.95
CA SER A 117 -11.19 0.56 -35.35
C SER A 117 -11.95 1.77 -35.87
N SER A 118 -13.07 1.52 -36.55
CA SER A 118 -13.88 2.59 -37.11
C SER A 118 -15.32 2.50 -36.61
N GLY A 119 -15.93 1.33 -36.80
CA GLY A 119 -17.31 1.14 -36.36
C GLY A 119 -18.30 1.22 -37.51
N GLY A 1 18.90 -7.78 37.67
CA GLY A 1 18.90 -9.19 38.04
C GLY A 1 20.27 -9.83 37.87
N SER A 2 20.49 -10.45 36.72
CA SER A 2 21.76 -11.11 36.43
C SER A 2 22.57 -10.31 35.41
N SER A 3 23.64 -9.66 35.89
CA SER A 3 24.50 -8.87 35.02
C SER A 3 23.67 -7.97 34.11
N GLY A 4 22.61 -7.39 34.67
CA GLY A 4 21.75 -6.52 33.89
C GLY A 4 20.83 -7.29 32.97
N SER A 5 19.52 -7.10 33.14
CA SER A 5 18.53 -7.79 32.31
C SER A 5 18.56 -7.26 30.88
N SER A 6 17.99 -8.01 29.96
CA SER A 6 17.94 -7.63 28.55
C SER A 6 16.51 -7.64 28.03
N GLY A 7 15.58 -7.14 28.84
CA GLY A 7 14.19 -7.11 28.44
C GLY A 7 13.94 -6.12 27.32
N GLN A 8 13.48 -6.62 26.18
CA GLN A 8 13.19 -5.76 25.03
C GLN A 8 11.77 -5.23 25.09
N GLU A 9 11.38 -4.71 26.25
CA GLU A 9 10.04 -4.17 26.44
C GLU A 9 10.11 -2.71 26.88
N TYR A 10 11.14 -2.01 26.45
CA TYR A 10 11.31 -0.60 26.80
C TYR A 10 10.31 0.27 26.06
N ILE A 11 10.31 0.19 24.74
CA ILE A 11 9.39 0.97 23.92
C ILE A 11 8.55 0.08 23.02
N LEU A 12 9.17 -0.98 22.49
CA LEU A 12 8.48 -1.91 21.61
C LEU A 12 7.23 -2.47 22.28
N ALA A 13 7.17 -2.33 23.61
CA ALA A 13 6.02 -2.81 24.37
C ALA A 13 4.95 -1.73 24.49
N LEU A 14 5.36 -0.48 24.45
CA LEU A 14 4.44 0.65 24.56
C LEU A 14 4.20 1.28 23.19
N ALA A 15 4.52 0.55 22.14
CA ALA A 15 4.34 1.03 20.78
C ALA A 15 3.10 0.41 20.13
N ASP A 16 2.82 0.81 18.90
CA ASP A 16 1.67 0.30 18.16
C ASP A 16 1.82 0.55 16.67
N VAL A 17 1.46 -0.45 15.88
CA VAL A 17 1.55 -0.35 14.42
C VAL A 17 0.75 0.84 13.90
N PRO A 18 1.17 1.39 12.75
CA PRO A 18 0.50 2.52 12.13
C PRO A 18 -0.86 2.16 11.57
N SER A 19 -1.79 3.11 11.59
CA SER A 19 -3.14 2.89 11.09
C SER A 19 -3.17 2.97 9.57
N SER A 20 -4.21 2.41 8.97
CA SER A 20 -4.36 2.41 7.52
C SER A 20 -4.35 3.84 6.97
N PRO A 21 -3.71 4.02 5.81
CA PRO A 21 -3.61 5.33 5.15
C PRO A 21 -4.96 5.81 4.61
N TYR A 22 -4.93 6.94 3.91
CA TYR A 22 -6.14 7.50 3.34
C TYR A 22 -5.83 8.31 2.09
N GLY A 23 -6.86 8.62 1.30
CA GLY A 23 -6.68 9.40 0.10
C GLY A 23 -6.29 8.53 -1.09
N VAL A 24 -5.80 7.33 -0.80
CA VAL A 24 -5.40 6.40 -1.85
C VAL A 24 -6.35 6.46 -3.04
N LYS A 25 -5.83 6.89 -4.19
CA LYS A 25 -6.63 7.00 -5.40
C LYS A 25 -5.75 6.92 -6.65
N ILE A 26 -6.26 6.27 -7.68
CA ILE A 26 -5.52 6.14 -8.94
C ILE A 26 -5.59 7.42 -9.76
N ILE A 27 -4.43 8.01 -10.02
CA ILE A 27 -4.35 9.24 -10.81
C ILE A 27 -3.95 8.95 -12.25
N GLU A 28 -3.06 7.98 -12.42
CA GLU A 28 -2.59 7.61 -13.75
C GLU A 28 -2.74 6.11 -13.98
N LEU A 29 -3.88 5.70 -14.51
CA LEU A 29 -4.16 4.29 -14.78
C LEU A 29 -3.96 3.98 -16.26
N SER A 30 -3.16 2.95 -16.55
CA SER A 30 -2.89 2.54 -17.91
C SER A 30 -3.59 1.22 -18.24
N GLN A 31 -3.32 0.69 -19.43
CA GLN A 31 -3.91 -0.56 -19.86
C GLN A 31 -3.22 -1.75 -19.20
N THR A 32 -1.96 -1.56 -18.81
CA THR A 32 -1.18 -2.62 -18.18
C THR A 32 -0.61 -2.14 -16.84
N THR A 33 -0.38 -0.84 -16.74
CA THR A 33 0.18 -0.27 -15.51
C THR A 33 -0.87 0.57 -14.79
N ALA A 34 -0.59 0.89 -13.52
CA ALA A 34 -1.51 1.68 -12.71
C ALA A 34 -0.76 2.43 -11.61
N LYS A 35 -0.94 3.74 -11.56
CA LYS A 35 -0.29 4.57 -10.56
C LYS A 35 -1.23 4.85 -9.39
N VAL A 36 -0.83 4.40 -8.20
CA VAL A 36 -1.63 4.59 -7.00
C VAL A 36 -1.03 5.69 -6.11
N SER A 37 -1.82 6.74 -5.87
CA SER A 37 -1.36 7.85 -5.05
C SER A 37 -2.13 7.89 -3.73
N PHE A 38 -1.40 7.85 -2.63
CA PHE A 38 -2.03 7.89 -1.30
C PHE A 38 -1.27 8.84 -0.38
N ASN A 39 -1.75 8.97 0.85
CA ASN A 39 -1.13 9.85 1.83
C ASN A 39 -0.73 9.08 3.08
N LYS A 40 0.10 9.70 3.92
CA LYS A 40 0.55 9.08 5.15
C LYS A 40 -0.58 8.97 6.17
N PRO A 41 -0.48 7.97 7.05
CA PRO A 41 -1.50 7.74 8.09
C PRO A 41 -1.48 8.82 9.17
N ASP A 42 -2.67 9.26 9.57
CA ASP A 42 -2.79 10.29 10.60
C ASP A 42 -1.90 9.97 11.80
N SER A 43 -1.61 8.69 11.99
CA SER A 43 -0.79 8.25 13.10
C SER A 43 0.18 7.16 12.66
N HIS A 44 1.36 7.13 13.29
CA HIS A 44 2.37 6.13 12.97
C HIS A 44 2.57 5.16 14.12
N GLY A 45 2.40 5.65 15.35
CA GLY A 45 2.57 4.80 16.51
C GLY A 45 3.80 5.17 17.33
N GLY A 46 4.43 4.17 17.92
CA GLY A 46 5.63 4.42 18.73
C GLY A 46 6.89 4.42 17.90
N VAL A 47 6.92 3.61 16.84
CA VAL A 47 8.08 3.52 15.98
C VAL A 47 7.80 4.13 14.61
N PRO A 48 8.84 4.69 13.98
CA PRO A 48 8.72 5.33 12.66
C PRO A 48 8.49 4.30 11.56
N ILE A 49 7.68 4.68 10.58
CA ILE A 49 7.37 3.79 9.46
C ILE A 49 8.60 3.58 8.58
N HIS A 50 8.75 2.36 8.07
CA HIS A 50 9.89 2.02 7.21
C HIS A 50 9.50 2.07 5.74
N HIS A 51 8.37 1.44 5.41
CA HIS A 51 7.88 1.42 4.03
C HIS A 51 6.40 1.04 3.99
N TYR A 52 5.87 0.92 2.79
CA TYR A 52 4.47 0.56 2.60
C TYR A 52 4.33 -0.72 1.80
N GLN A 53 3.33 -1.53 2.15
CA GLN A 53 3.08 -2.79 1.45
C GLN A 53 1.85 -2.69 0.56
N VAL A 54 2.04 -2.95 -0.74
CA VAL A 54 0.94 -2.89 -1.69
C VAL A 54 0.65 -4.26 -2.28
N ASP A 55 -0.58 -4.72 -2.11
CA ASP A 55 -1.00 -6.02 -2.62
C ASP A 55 -2.11 -5.88 -3.65
N VAL A 56 -1.84 -6.34 -4.88
CA VAL A 56 -2.81 -6.25 -5.96
C VAL A 56 -3.01 -7.62 -6.62
N LYS A 57 -4.22 -7.84 -7.12
CA LYS A 57 -4.55 -9.11 -7.78
C LYS A 57 -5.89 -9.01 -8.51
N GLU A 58 -6.20 -10.02 -9.32
CA GLU A 58 -7.44 -10.04 -10.07
C GLU A 58 -8.61 -10.44 -9.18
N VAL A 59 -9.74 -9.77 -9.35
CA VAL A 59 -10.93 -10.04 -8.56
C VAL A 59 -11.40 -11.49 -8.76
N ALA A 60 -10.86 -12.13 -9.78
CA ALA A 60 -11.22 -13.52 -10.08
C ALA A 60 -10.11 -14.47 -9.63
N SER A 61 -8.88 -13.99 -9.60
CA SER A 61 -7.74 -14.80 -9.20
C SER A 61 -7.57 -14.79 -7.68
N GLU A 62 -6.96 -15.85 -7.16
CA GLU A 62 -6.73 -15.96 -5.72
C GLU A 62 -5.25 -15.79 -5.38
N ILE A 63 -4.49 -15.30 -6.35
CA ILE A 63 -3.06 -15.09 -6.15
C ILE A 63 -2.75 -13.62 -5.93
N TRP A 64 -2.39 -13.27 -4.70
CA TRP A 64 -2.06 -11.90 -4.35
C TRP A 64 -0.63 -11.56 -4.72
N LYS A 65 -0.44 -10.40 -5.33
CA LYS A 65 0.89 -9.95 -5.75
C LYS A 65 1.37 -8.78 -4.89
N ILE A 66 2.47 -9.01 -4.17
CA ILE A 66 3.03 -7.97 -3.31
C ILE A 66 4.06 -7.13 -4.06
N VAL A 67 4.16 -5.86 -3.69
CA VAL A 67 5.11 -4.95 -4.32
C VAL A 67 5.65 -3.93 -3.33
N ARG A 68 6.96 -3.96 -3.10
CA ARG A 68 7.59 -3.04 -2.17
C ARG A 68 7.96 -1.73 -2.87
N SER A 69 7.77 -0.62 -2.16
CA SER A 69 8.08 0.69 -2.72
C SER A 69 9.51 1.10 -2.37
N HIS A 70 10.18 1.72 -3.33
CA HIS A 70 11.56 2.17 -3.13
C HIS A 70 11.61 3.37 -2.19
N GLY A 71 11.56 3.11 -0.90
CA GLY A 71 11.60 4.18 0.07
C GLY A 71 10.26 4.40 0.77
N VAL A 72 10.18 5.45 1.57
CA VAL A 72 8.95 5.75 2.30
C VAL A 72 8.04 6.64 1.47
N GLN A 73 8.01 6.40 0.16
CA GLN A 73 7.17 7.18 -0.75
C GLN A 73 5.69 6.95 -0.46
N THR A 74 4.84 7.63 -1.21
CA THR A 74 3.39 7.50 -1.04
C THR A 74 2.71 7.19 -2.37
N MET A 75 3.47 7.28 -3.45
CA MET A 75 2.92 7.00 -4.78
C MET A 75 3.81 6.00 -5.52
N VAL A 76 3.19 4.94 -6.02
CA VAL A 76 3.92 3.91 -6.76
C VAL A 76 3.13 3.43 -7.96
N VAL A 77 3.83 2.83 -8.92
CA VAL A 77 3.20 2.31 -10.13
C VAL A 77 3.25 0.80 -10.19
N LEU A 78 2.20 0.19 -10.73
CA LEU A 78 2.13 -1.26 -10.85
C LEU A 78 2.34 -1.71 -12.29
N ASN A 79 2.95 -2.87 -12.46
CA ASN A 79 3.22 -3.41 -13.79
C ASN A 79 2.83 -4.89 -13.86
N ASN A 80 2.76 -5.41 -15.08
CA ASN A 80 2.39 -6.81 -15.29
C ASN A 80 0.91 -7.04 -15.04
N LEU A 81 0.07 -6.25 -15.72
CA LEU A 81 -1.38 -6.37 -15.57
C LEU A 81 -2.05 -6.47 -16.93
N GLU A 82 -3.14 -7.23 -16.99
CA GLU A 82 -3.88 -7.40 -18.23
C GLU A 82 -4.88 -6.26 -18.43
N PRO A 83 -5.07 -5.86 -19.70
CA PRO A 83 -6.00 -4.78 -20.05
C PRO A 83 -7.45 -5.19 -19.86
N ASN A 84 -8.34 -4.19 -19.81
CA ASN A 84 -9.76 -4.43 -19.63
C ASN A 84 -10.00 -5.45 -18.51
N THR A 85 -9.21 -5.34 -17.43
CA THR A 85 -9.33 -6.24 -16.30
C THR A 85 -9.43 -5.45 -14.99
N THR A 86 -10.01 -6.08 -13.98
CA THR A 86 -10.17 -5.46 -12.68
C THR A 86 -9.26 -6.10 -11.64
N TYR A 87 -8.67 -5.27 -10.79
CA TYR A 87 -7.77 -5.76 -9.74
C TYR A 87 -8.00 -5.03 -8.42
N GLU A 88 -7.87 -5.75 -7.32
CA GLU A 88 -8.07 -5.18 -6.00
C GLU A 88 -6.74 -4.86 -5.33
N ILE A 89 -6.55 -3.58 -5.00
CA ILE A 89 -5.31 -3.14 -4.36
C ILE A 89 -5.60 -2.56 -2.98
N ARG A 90 -4.64 -2.73 -2.06
CA ARG A 90 -4.77 -2.22 -0.71
C ARG A 90 -3.46 -1.65 -0.19
N VAL A 91 -3.51 -0.44 0.34
CA VAL A 91 -2.31 0.21 0.87
C VAL A 91 -2.24 0.09 2.39
N ALA A 92 -1.09 -0.34 2.89
CA ALA A 92 -0.89 -0.48 4.32
C ALA A 92 0.48 0.03 4.75
N ALA A 93 0.56 0.54 5.98
CA ALA A 93 1.81 1.07 6.51
C ALA A 93 2.50 0.05 7.41
N VAL A 94 3.77 -0.21 7.14
CA VAL A 94 4.55 -1.16 7.93
C VAL A 94 5.68 -0.47 8.68
N ASN A 95 5.70 -0.64 10.00
CA ASN A 95 6.72 -0.04 10.83
C ASN A 95 7.49 -1.10 11.62
N GLY A 96 8.50 -0.66 12.36
CA GLY A 96 9.30 -1.58 13.15
C GLY A 96 8.44 -2.58 13.91
N LYS A 97 7.19 -2.20 14.18
CA LYS A 97 6.27 -3.07 14.90
C LYS A 97 5.82 -4.23 14.03
N GLY A 98 5.31 -3.89 12.84
CA GLY A 98 4.84 -4.92 11.92
C GLY A 98 4.00 -4.35 10.80
N GLN A 99 2.88 -5.00 10.50
CA GLN A 99 1.99 -4.55 9.44
C GLN A 99 0.66 -4.07 10.00
N GLY A 100 0.50 -2.75 10.08
CA GLY A 100 -0.73 -2.19 10.60
C GLY A 100 -1.95 -2.64 9.84
N ASP A 101 -3.03 -1.87 9.93
CA ASP A 101 -4.28 -2.21 9.24
C ASP A 101 -4.19 -1.84 7.76
N TYR A 102 -4.99 -2.52 6.95
CA TYR A 102 -5.01 -2.26 5.51
C TYR A 102 -6.11 -1.27 5.15
N SER A 103 -5.79 -0.35 4.23
CA SER A 103 -6.75 0.65 3.80
C SER A 103 -7.96 0.01 3.13
N LYS A 104 -9.02 0.77 2.96
CA LYS A 104 -10.24 0.28 2.33
C LYS A 104 -9.94 -0.33 0.97
N ILE A 105 -10.07 -1.65 0.89
CA ILE A 105 -9.81 -2.37 -0.36
C ILE A 105 -10.22 -1.52 -1.57
N GLU A 106 -9.25 -1.23 -2.42
CA GLU A 106 -9.51 -0.42 -3.62
C GLU A 106 -9.65 -1.32 -4.85
N ILE A 107 -10.49 -0.90 -5.79
CA ILE A 107 -10.72 -1.65 -7.01
C ILE A 107 -10.55 -0.77 -8.24
N PHE A 108 -9.53 -1.07 -9.05
CA PHE A 108 -9.26 -0.31 -10.26
C PHE A 108 -9.18 -1.22 -11.48
N GLN A 109 -9.85 -0.84 -12.55
CA GLN A 109 -9.85 -1.63 -13.78
C GLN A 109 -8.97 -0.97 -14.84
N THR A 110 -8.03 -1.74 -15.38
CA THR A 110 -7.13 -1.23 -16.42
C THR A 110 -7.90 -0.77 -17.64
N LEU A 111 -7.23 -0.01 -18.50
CA LEU A 111 -7.86 0.49 -19.72
C LEU A 111 -7.76 -0.53 -20.84
N PRO A 112 -8.82 -0.62 -21.66
CA PRO A 112 -8.88 -1.55 -22.79
C PRO A 112 -7.93 -1.16 -23.91
N VAL A 113 -6.97 -2.04 -24.21
CA VAL A 113 -5.99 -1.79 -25.25
C VAL A 113 -6.62 -1.03 -26.41
N SER A 114 -6.02 0.10 -26.77
CA SER A 114 -6.52 0.93 -27.87
C SER A 114 -5.62 0.81 -29.10
N GLY A 115 -6.03 -0.04 -30.04
CA GLY A 115 -5.24 -0.23 -31.24
C GLY A 115 -5.10 1.05 -32.05
N PRO A 116 -4.15 1.05 -32.99
CA PRO A 116 -3.89 2.22 -33.85
C PRO A 116 -5.02 2.47 -34.84
N SER A 117 -6.05 1.63 -34.79
CA SER A 117 -7.19 1.76 -35.68
C SER A 117 -8.29 2.60 -35.04
N SER A 118 -8.66 3.69 -35.72
CA SER A 118 -9.70 4.58 -35.22
C SER A 118 -11.09 4.12 -35.68
N GLY A 119 -12.11 4.48 -34.91
CA GLY A 119 -13.47 4.09 -35.26
C GLY A 119 -14.45 4.36 -34.14
N GLY A 1 5.90 -5.87 42.45
CA GLY A 1 7.11 -5.09 42.52
C GLY A 1 7.17 -3.99 41.48
N SER A 2 8.35 -3.78 40.92
CA SER A 2 8.54 -2.74 39.91
C SER A 2 8.87 -3.37 38.55
N SER A 3 7.96 -4.23 38.08
CA SER A 3 8.15 -4.89 36.79
C SER A 3 9.62 -5.19 36.55
N GLY A 4 10.32 -5.65 37.58
CA GLY A 4 11.73 -5.96 37.46
C GLY A 4 12.51 -4.86 36.77
N SER A 5 13.56 -5.24 36.05
CA SER A 5 14.39 -4.28 35.34
C SER A 5 13.55 -3.43 34.40
N SER A 6 13.92 -2.16 34.29
CA SER A 6 13.20 -1.23 33.43
C SER A 6 14.15 -0.51 32.48
N GLY A 7 13.92 -0.68 31.18
CA GLY A 7 14.78 -0.05 30.18
C GLY A 7 14.07 0.11 28.85
N GLN A 8 14.46 1.15 28.10
CA GLN A 8 13.87 1.41 26.80
C GLN A 8 12.37 1.14 26.82
N GLU A 9 11.69 1.69 27.83
CA GLU A 9 10.25 1.51 27.96
C GLU A 9 9.53 2.86 28.03
N TYR A 10 10.03 3.82 27.27
CA TYR A 10 9.45 5.15 27.24
C TYR A 10 8.32 5.23 26.22
N ILE A 11 8.63 4.88 24.97
CA ILE A 11 7.63 4.91 23.91
C ILE A 11 7.47 3.53 23.27
N LEU A 12 8.60 2.86 23.04
CA LEU A 12 8.59 1.53 22.43
C LEU A 12 7.56 0.63 23.12
N ALA A 13 7.19 1.00 24.34
CA ALA A 13 6.21 0.22 25.11
C ALA A 13 4.79 0.53 24.65
N LEU A 14 4.56 1.78 24.26
CA LEU A 14 3.23 2.20 23.81
C LEU A 14 3.16 2.21 22.28
N ALA A 15 4.13 1.57 21.64
CA ALA A 15 4.18 1.50 20.19
C ALA A 15 3.61 0.18 19.69
N ASP A 16 2.54 0.26 18.90
CA ASP A 16 1.90 -0.93 18.35
C ASP A 16 2.09 -1.00 16.84
N VAL A 17 1.37 -0.17 16.10
CA VAL A 17 1.47 -0.15 14.65
C VAL A 17 0.70 1.04 14.07
N PRO A 18 1.12 1.49 12.88
CA PRO A 18 0.49 2.62 12.19
C PRO A 18 -0.90 2.26 11.66
N SER A 19 -1.81 3.23 11.73
CA SER A 19 -3.17 3.02 11.26
C SER A 19 -3.23 2.96 9.74
N SER A 20 -4.37 2.55 9.20
CA SER A 20 -4.55 2.44 7.76
C SER A 20 -4.38 3.80 7.08
N PRO A 21 -3.70 3.80 5.93
CA PRO A 21 -3.44 5.03 5.16
C PRO A 21 -4.71 5.59 4.54
N TYR A 22 -4.63 6.83 4.05
CA TYR A 22 -5.77 7.48 3.43
C TYR A 22 -5.35 8.28 2.20
N GLY A 23 -6.32 8.91 1.55
CA GLY A 23 -6.01 9.71 0.37
C GLY A 23 -5.62 8.86 -0.82
N VAL A 24 -5.82 7.56 -0.71
CA VAL A 24 -5.48 6.63 -1.78
C VAL A 24 -6.38 6.85 -3.00
N LYS A 25 -5.76 7.09 -4.15
CA LYS A 25 -6.51 7.31 -5.38
C LYS A 25 -5.60 7.14 -6.60
N ILE A 26 -6.13 6.51 -7.64
CA ILE A 26 -5.37 6.28 -8.86
C ILE A 26 -5.27 7.56 -9.69
N ILE A 27 -4.05 8.05 -9.86
CA ILE A 27 -3.82 9.26 -10.64
C ILE A 27 -3.41 8.93 -12.08
N GLU A 28 -2.63 7.88 -12.23
CA GLU A 28 -2.17 7.45 -13.55
C GLU A 28 -2.50 5.99 -13.80
N LEU A 29 -3.65 5.75 -14.43
CA LEU A 29 -4.09 4.40 -14.74
C LEU A 29 -3.86 4.07 -16.21
N SER A 30 -3.28 2.89 -16.47
CA SER A 30 -3.02 2.46 -17.83
C SER A 30 -3.69 1.13 -18.12
N GLN A 31 -3.41 0.57 -19.29
CA GLN A 31 -3.99 -0.71 -19.69
C GLN A 31 -3.27 -1.87 -19.02
N THR A 32 -1.94 -1.79 -18.97
CA THR A 32 -1.14 -2.83 -18.35
C THR A 32 -0.46 -2.32 -17.09
N THR A 33 -0.56 -1.01 -16.84
CA THR A 33 0.04 -0.41 -15.67
C THR A 33 -0.97 0.45 -14.92
N ALA A 34 -0.70 0.69 -13.63
CA ALA A 34 -1.59 1.49 -12.81
C ALA A 34 -0.85 2.04 -11.59
N LYS A 35 -0.84 3.36 -11.45
CA LYS A 35 -0.18 4.02 -10.34
C LYS A 35 -1.17 4.35 -9.22
N VAL A 36 -0.72 4.19 -7.97
CA VAL A 36 -1.57 4.48 -6.82
C VAL A 36 -0.92 5.50 -5.90
N SER A 37 -1.58 6.65 -5.75
CA SER A 37 -1.07 7.71 -4.89
C SER A 37 -1.85 7.79 -3.59
N PHE A 38 -1.14 7.74 -2.46
CA PHE A 38 -1.77 7.81 -1.15
C PHE A 38 -0.99 8.73 -0.23
N ASN A 39 -1.45 8.84 1.02
CA ASN A 39 -0.80 9.69 2.01
C ASN A 39 -0.59 8.94 3.32
N LYS A 40 0.43 9.35 4.07
CA LYS A 40 0.73 8.72 5.35
C LYS A 40 -0.51 8.65 6.24
N PRO A 41 -0.53 7.67 7.15
CA PRO A 41 -1.65 7.49 8.08
C PRO A 41 -1.73 8.59 9.12
N ASP A 42 -2.93 9.15 9.28
CA ASP A 42 -3.14 10.23 10.25
C ASP A 42 -2.33 9.98 11.52
N SER A 43 -2.23 8.72 11.92
CA SER A 43 -1.49 8.35 13.12
C SER A 43 -0.54 7.19 12.84
N HIS A 44 0.50 7.07 13.66
CA HIS A 44 1.48 6.01 13.50
C HIS A 44 1.54 5.13 14.75
N GLY A 45 2.22 3.99 14.64
CA GLY A 45 2.34 3.09 15.77
C GLY A 45 3.48 3.46 16.69
N GLY A 46 3.50 4.71 17.13
CA GLY A 46 4.55 5.17 18.02
C GLY A 46 5.86 5.40 17.29
N VAL A 47 6.32 4.40 16.56
CA VAL A 47 7.57 4.50 15.81
C VAL A 47 7.33 5.05 14.41
N PRO A 48 8.35 5.72 13.86
CA PRO A 48 8.28 6.32 12.52
C PRO A 48 8.23 5.27 11.42
N ILE A 49 7.24 5.35 10.56
CA ILE A 49 7.08 4.41 9.45
C ILE A 49 8.36 4.32 8.64
N HIS A 50 8.59 3.15 8.03
CA HIS A 50 9.77 2.93 7.23
C HIS A 50 9.39 2.78 5.75
N HIS A 51 8.33 2.02 5.49
CA HIS A 51 7.87 1.80 4.12
C HIS A 51 6.41 1.37 4.11
N TYR A 52 5.90 1.05 2.93
CA TYR A 52 4.51 0.63 2.77
C TYR A 52 4.42 -0.67 1.98
N GLN A 53 3.34 -1.40 2.17
CA GLN A 53 3.12 -2.67 1.48
C GLN A 53 1.90 -2.58 0.56
N VAL A 54 2.07 -3.03 -0.68
CA VAL A 54 0.98 -3.00 -1.65
C VAL A 54 0.67 -4.40 -2.16
N ASP A 55 -0.62 -4.74 -2.17
CA ASP A 55 -1.06 -6.05 -2.63
C ASP A 55 -2.18 -5.92 -3.67
N VAL A 56 -1.89 -6.33 -4.89
CA VAL A 56 -2.86 -6.26 -5.98
C VAL A 56 -3.06 -7.62 -6.63
N LYS A 57 -4.24 -7.83 -7.19
CA LYS A 57 -4.57 -9.09 -7.84
C LYS A 57 -5.90 -9.00 -8.59
N GLU A 58 -6.20 -10.00 -9.40
CA GLU A 58 -7.44 -10.04 -10.16
C GLU A 58 -8.62 -10.42 -9.27
N VAL A 59 -9.74 -9.73 -9.46
CA VAL A 59 -10.94 -10.00 -8.68
C VAL A 59 -11.37 -11.45 -8.82
N ALA A 60 -10.89 -12.11 -9.87
CA ALA A 60 -11.22 -13.51 -10.12
C ALA A 60 -10.14 -14.43 -9.60
N SER A 61 -8.89 -13.97 -9.65
CA SER A 61 -7.76 -14.77 -9.18
C SER A 61 -7.66 -14.73 -7.66
N GLU A 62 -6.82 -15.59 -7.10
CA GLU A 62 -6.64 -15.66 -5.66
C GLU A 62 -5.20 -15.29 -5.29
N ILE A 63 -4.30 -15.40 -6.24
CA ILE A 63 -2.89 -15.08 -6.01
C ILE A 63 -2.70 -13.59 -5.82
N TRP A 64 -2.26 -13.20 -4.61
CA TRP A 64 -2.03 -11.80 -4.31
C TRP A 64 -0.60 -11.39 -4.64
N LYS A 65 -0.47 -10.31 -5.41
CA LYS A 65 0.84 -9.81 -5.81
C LYS A 65 1.29 -8.68 -4.89
N ILE A 66 2.43 -8.90 -4.21
CA ILE A 66 2.97 -7.90 -3.30
C ILE A 66 3.99 -7.01 -4.01
N VAL A 67 3.96 -5.71 -3.70
CA VAL A 67 4.88 -4.77 -4.31
C VAL A 67 5.40 -3.77 -3.27
N ARG A 68 6.68 -3.86 -2.95
CA ARG A 68 7.30 -2.98 -1.97
C ARG A 68 7.80 -1.70 -2.64
N SER A 69 7.81 -0.61 -1.89
CA SER A 69 8.26 0.67 -2.41
C SER A 69 9.70 0.96 -1.98
N HIS A 70 10.43 1.67 -2.83
CA HIS A 70 11.82 2.01 -2.54
C HIS A 70 11.90 3.29 -1.70
N GLY A 71 11.53 3.19 -0.43
CA GLY A 71 11.57 4.34 0.45
C GLY A 71 10.22 4.63 1.08
N VAL A 72 10.11 5.79 1.73
CA VAL A 72 8.87 6.17 2.40
C VAL A 72 7.93 6.86 1.42
N GLN A 73 7.99 6.47 0.16
CA GLN A 73 7.14 7.05 -0.87
C GLN A 73 5.73 6.50 -0.78
N THR A 74 4.74 7.37 -0.98
CA THR A 74 3.35 6.97 -0.91
C THR A 74 2.78 6.76 -2.32
N MET A 75 3.66 6.60 -3.30
CA MET A 75 3.24 6.39 -4.67
C MET A 75 4.01 5.23 -5.31
N VAL A 76 3.30 4.40 -6.06
CA VAL A 76 3.92 3.26 -6.72
C VAL A 76 3.17 2.88 -8.00
N VAL A 77 3.93 2.46 -9.00
CA VAL A 77 3.33 2.07 -10.28
C VAL A 77 3.33 0.56 -10.46
N LEU A 78 2.15 0.00 -10.74
CA LEU A 78 2.02 -1.44 -10.93
C LEU A 78 2.20 -1.82 -12.40
N ASN A 79 2.67 -3.04 -12.63
CA ASN A 79 2.90 -3.51 -13.99
C ASN A 79 2.46 -4.97 -14.13
N ASN A 80 2.65 -5.54 -15.32
CA ASN A 80 2.28 -6.92 -15.58
C ASN A 80 0.78 -7.13 -15.37
N LEU A 81 -0.01 -6.18 -15.84
CA LEU A 81 -1.46 -6.26 -15.70
C LEU A 81 -2.13 -6.39 -17.07
N GLU A 82 -3.26 -7.08 -17.11
CA GLU A 82 -3.99 -7.27 -18.36
C GLU A 82 -5.01 -6.16 -18.56
N PRO A 83 -5.19 -5.74 -19.82
CA PRO A 83 -6.13 -4.68 -20.19
C PRO A 83 -7.58 -5.11 -20.03
N ASN A 84 -8.46 -4.13 -19.87
CA ASN A 84 -9.89 -4.41 -19.71
C ASN A 84 -10.12 -5.42 -18.58
N THR A 85 -9.32 -5.31 -17.53
CA THR A 85 -9.43 -6.21 -16.38
C THR A 85 -9.50 -5.43 -15.07
N THR A 86 -10.12 -6.04 -14.06
CA THR A 86 -10.24 -5.40 -12.75
C THR A 86 -9.32 -6.05 -11.73
N TYR A 87 -8.69 -5.23 -10.91
CA TYR A 87 -7.76 -5.72 -9.89
C TYR A 87 -7.99 -5.00 -8.56
N GLU A 88 -7.94 -5.76 -7.46
CA GLU A 88 -8.14 -5.20 -6.14
C GLU A 88 -6.79 -4.89 -5.47
N ILE A 89 -6.59 -3.63 -5.12
CA ILE A 89 -5.36 -3.20 -4.47
C ILE A 89 -5.63 -2.66 -3.06
N ARG A 90 -4.64 -2.82 -2.19
CA ARG A 90 -4.77 -2.34 -0.81
C ARG A 90 -3.44 -1.81 -0.29
N VAL A 91 -3.46 -0.58 0.23
CA VAL A 91 -2.26 0.04 0.76
C VAL A 91 -2.20 -0.07 2.28
N ALA A 92 -1.03 -0.40 2.81
CA ALA A 92 -0.84 -0.53 4.24
C ALA A 92 0.47 0.10 4.69
N ALA A 93 0.57 0.41 5.97
CA ALA A 93 1.77 1.02 6.53
C ALA A 93 2.56 0.01 7.37
N VAL A 94 3.85 -0.08 7.10
CA VAL A 94 4.72 -1.00 7.83
C VAL A 94 5.82 -0.25 8.57
N ASN A 95 5.89 -0.46 9.88
CA ASN A 95 6.90 0.19 10.70
C ASN A 95 7.69 -0.83 11.52
N GLY A 96 8.77 -0.39 12.13
CA GLY A 96 9.60 -1.27 12.93
C GLY A 96 8.79 -2.32 13.65
N LYS A 97 7.65 -1.92 14.19
CA LYS A 97 6.77 -2.84 14.92
C LYS A 97 6.28 -3.96 14.00
N GLY A 98 5.65 -3.58 12.89
CA GLY A 98 5.16 -4.56 11.95
C GLY A 98 4.24 -3.95 10.90
N GLN A 99 3.18 -4.67 10.56
CA GLN A 99 2.22 -4.20 9.57
C GLN A 99 0.89 -3.87 10.21
N GLY A 100 0.55 -2.59 10.25
CA GLY A 100 -0.71 -2.16 10.84
C GLY A 100 -1.91 -2.76 10.15
N ASP A 101 -2.91 -1.92 9.89
CA ASP A 101 -4.13 -2.36 9.22
C ASP A 101 -4.18 -1.86 7.79
N TYR A 102 -4.62 -2.72 6.87
CA TYR A 102 -4.70 -2.36 5.47
C TYR A 102 -5.86 -1.39 5.23
N SER A 103 -5.67 -0.48 4.27
CA SER A 103 -6.69 0.50 3.94
C SER A 103 -7.88 -0.15 3.24
N LYS A 104 -8.95 0.61 3.04
CA LYS A 104 -10.14 0.11 2.39
C LYS A 104 -9.80 -0.50 1.04
N ILE A 105 -10.17 -1.76 0.84
CA ILE A 105 -9.91 -2.46 -0.41
C ILE A 105 -10.29 -1.59 -1.61
N GLU A 106 -9.31 -1.32 -2.47
CA GLU A 106 -9.54 -0.51 -3.66
C GLU A 106 -9.70 -1.39 -4.90
N ILE A 107 -10.56 -0.95 -5.82
CA ILE A 107 -10.79 -1.70 -7.04
C ILE A 107 -10.65 -0.80 -8.27
N PHE A 108 -9.64 -1.06 -9.09
CA PHE A 108 -9.39 -0.28 -10.29
C PHE A 108 -9.36 -1.16 -11.52
N GLN A 109 -10.00 -0.72 -12.59
CA GLN A 109 -10.05 -1.48 -13.84
C GLN A 109 -9.20 -0.81 -14.91
N THR A 110 -8.20 -1.53 -15.39
CA THR A 110 -7.31 -1.01 -16.42
C THR A 110 -8.09 -0.53 -17.64
N LEU A 111 -7.39 0.09 -18.59
CA LEU A 111 -8.03 0.60 -19.79
C LEU A 111 -7.94 -0.43 -20.93
N PRO A 112 -9.00 -0.50 -21.74
CA PRO A 112 -9.07 -1.43 -22.87
C PRO A 112 -8.11 -1.04 -24.00
N VAL A 113 -7.17 -1.92 -24.30
CA VAL A 113 -6.20 -1.67 -25.35
C VAL A 113 -6.83 -0.92 -26.52
N SER A 114 -6.29 0.26 -26.82
CA SER A 114 -6.80 1.08 -27.91
C SER A 114 -6.39 0.50 -29.27
N GLY A 115 -5.10 0.27 -29.44
CA GLY A 115 -4.60 -0.28 -30.69
C GLY A 115 -3.20 0.19 -31.01
N PRO A 116 -2.42 -0.67 -31.69
CA PRO A 116 -1.04 -0.37 -32.07
C PRO A 116 -0.97 0.70 -33.16
N SER A 117 -2.10 0.95 -33.82
CA SER A 117 -2.16 1.94 -34.88
C SER A 117 -1.65 3.30 -34.39
N SER A 118 -0.36 3.54 -34.57
CA SER A 118 0.25 4.80 -34.14
C SER A 118 1.44 5.15 -35.02
N GLY A 119 1.58 6.43 -35.33
CA GLY A 119 2.69 6.88 -36.16
C GLY A 119 3.28 8.19 -35.68
N GLY A 1 -1.97 -1.30 40.30
CA GLY A 1 -0.75 -1.06 41.05
C GLY A 1 0.47 -1.66 40.37
N SER A 2 1.36 -0.78 39.89
CA SER A 2 2.56 -1.22 39.21
C SER A 2 3.63 -0.13 39.25
N SER A 3 4.83 -0.50 39.68
CA SER A 3 5.93 0.44 39.77
C SER A 3 7.26 -0.28 39.94
N GLY A 4 8.17 -0.09 38.98
CA GLY A 4 9.47 -0.74 39.05
C GLY A 4 10.46 -0.14 38.07
N SER A 5 11.62 -0.78 37.94
CA SER A 5 12.66 -0.30 37.04
C SER A 5 12.10 -0.09 35.64
N SER A 6 12.15 1.15 35.17
CA SER A 6 11.65 1.50 33.85
C SER A 6 12.68 2.30 33.07
N GLY A 7 13.26 1.67 32.05
CA GLY A 7 14.27 2.34 31.24
C GLY A 7 13.72 2.76 29.89
N GLN A 8 13.63 1.80 28.97
CA GLN A 8 13.14 2.07 27.63
C GLN A 8 11.66 1.68 27.50
N GLU A 9 10.83 2.25 28.37
CA GLU A 9 9.40 1.96 28.36
C GLU A 9 8.58 3.24 28.38
N TYR A 10 9.11 4.28 27.75
CA TYR A 10 8.44 5.58 27.71
C TYR A 10 7.37 5.59 26.62
N ILE A 11 7.79 5.33 25.38
CA ILE A 11 6.88 5.31 24.25
C ILE A 11 6.89 3.94 23.56
N LEU A 12 8.09 3.36 23.45
CA LEU A 12 8.23 2.06 22.80
C LEU A 12 7.26 1.04 23.39
N ALA A 13 6.79 1.32 24.61
CA ALA A 13 5.85 0.43 25.28
C ALA A 13 4.43 0.64 24.77
N LEU A 14 4.08 1.90 24.52
CA LEU A 14 2.74 2.24 24.04
C LEU A 14 2.71 2.24 22.51
N ALA A 15 3.75 1.70 21.89
CA ALA A 15 3.83 1.63 20.44
C ALA A 15 3.29 0.31 19.92
N ASP A 16 2.29 0.40 19.03
CA ASP A 16 1.68 -0.79 18.45
C ASP A 16 2.00 -0.90 16.97
N VAL A 17 1.36 -0.06 16.16
CA VAL A 17 1.59 -0.06 14.72
C VAL A 17 0.81 1.06 14.05
N PRO A 18 1.26 1.46 12.85
CA PRO A 18 0.62 2.53 12.07
C PRO A 18 -0.74 2.11 11.53
N SER A 19 -1.72 3.00 11.67
CA SER A 19 -3.07 2.72 11.19
C SER A 19 -3.13 2.77 9.67
N SER A 20 -4.18 2.17 9.11
CA SER A 20 -4.35 2.12 7.66
C SER A 20 -4.27 3.53 7.07
N PRO A 21 -3.63 3.64 5.90
CA PRO A 21 -3.46 4.91 5.19
C PRO A 21 -4.78 5.44 4.63
N TYR A 22 -4.74 6.66 4.11
CA TYR A 22 -5.94 7.27 3.54
C TYR A 22 -5.58 8.15 2.34
N GLY A 23 -6.58 8.49 1.54
CA GLY A 23 -6.35 9.32 0.37
C GLY A 23 -6.00 8.50 -0.86
N VAL A 24 -5.64 7.25 -0.64
CA VAL A 24 -5.28 6.36 -1.75
C VAL A 24 -6.21 6.56 -2.94
N LYS A 25 -5.63 6.98 -4.06
CA LYS A 25 -6.41 7.21 -5.27
C LYS A 25 -5.53 7.07 -6.51
N ILE A 26 -6.07 6.43 -7.55
CA ILE A 26 -5.34 6.23 -8.80
C ILE A 26 -5.27 7.53 -9.60
N ILE A 27 -4.05 7.97 -9.89
CA ILE A 27 -3.84 9.19 -10.66
C ILE A 27 -3.43 8.87 -12.09
N GLU A 28 -2.49 7.93 -12.23
CA GLU A 28 -2.00 7.53 -13.55
C GLU A 28 -2.29 6.06 -13.81
N LEU A 29 -3.46 5.79 -14.40
CA LEU A 29 -3.86 4.42 -14.71
C LEU A 29 -3.65 4.13 -16.19
N SER A 30 -3.12 2.93 -16.48
CA SER A 30 -2.87 2.53 -17.85
C SER A 30 -3.55 1.19 -18.15
N GLN A 31 -3.30 0.66 -19.35
CA GLN A 31 -3.90 -0.60 -19.76
C GLN A 31 -3.20 -1.78 -19.09
N THR A 32 -1.88 -1.66 -18.93
CA THR A 32 -1.09 -2.72 -18.31
C THR A 32 -0.51 -2.26 -16.98
N THR A 33 -0.31 -0.95 -16.85
CA THR A 33 0.24 -0.38 -15.62
C THR A 33 -0.81 0.46 -14.88
N ALA A 34 -0.56 0.69 -13.60
CA ALA A 34 -1.48 1.48 -12.78
C ALA A 34 -0.77 2.07 -11.57
N LYS A 35 -0.77 3.40 -11.49
CA LYS A 35 -0.12 4.10 -10.38
C LYS A 35 -1.11 4.34 -9.25
N VAL A 36 -0.60 4.32 -8.01
CA VAL A 36 -1.44 4.54 -6.84
C VAL A 36 -0.79 5.55 -5.88
N SER A 37 -1.50 6.62 -5.59
CA SER A 37 -1.00 7.65 -4.69
C SER A 37 -1.85 7.74 -3.43
N PHE A 38 -1.18 7.67 -2.27
CA PHE A 38 -1.88 7.73 -0.99
C PHE A 38 -1.13 8.63 -0.02
N ASN A 39 -1.73 8.87 1.15
CA ASN A 39 -1.11 9.71 2.17
C ASN A 39 -0.84 8.90 3.44
N LYS A 40 0.20 9.28 4.16
CA LYS A 40 0.57 8.60 5.39
C LYS A 40 -0.57 8.67 6.41
N PRO A 41 -0.64 7.67 7.29
CA PRO A 41 -1.67 7.61 8.34
C PRO A 41 -1.48 8.66 9.42
N ASP A 42 -2.53 8.91 10.18
CA ASP A 42 -2.48 9.91 11.25
C ASP A 42 -1.95 9.29 12.54
N SER A 43 -2.12 7.97 12.67
CA SER A 43 -1.66 7.26 13.86
C SER A 43 -0.53 6.31 13.51
N HIS A 44 0.66 6.87 13.29
CA HIS A 44 1.84 6.07 12.96
C HIS A 44 2.22 5.16 14.12
N GLY A 45 1.83 5.55 15.33
CA GLY A 45 2.15 4.75 16.50
C GLY A 45 3.29 5.32 17.30
N GLY A 46 4.17 4.44 17.78
CA GLY A 46 5.31 4.89 18.57
C GLY A 46 6.55 5.09 17.73
N VAL A 47 6.62 4.40 16.59
CA VAL A 47 7.77 4.50 15.70
C VAL A 47 7.34 4.98 14.32
N PRO A 48 8.25 5.68 13.62
CA PRO A 48 8.00 6.20 12.27
C PRO A 48 7.88 5.10 11.23
N ILE A 49 7.06 5.33 10.22
CA ILE A 49 6.86 4.36 9.15
C ILE A 49 8.14 4.18 8.33
N HIS A 50 8.46 2.93 8.02
CA HIS A 50 9.66 2.62 7.23
C HIS A 50 9.31 2.49 5.75
N HIS A 51 8.23 1.77 5.46
CA HIS A 51 7.80 1.57 4.09
C HIS A 51 6.31 1.24 4.03
N TYR A 52 5.83 0.92 2.83
CA TYR A 52 4.42 0.60 2.64
C TYR A 52 4.27 -0.71 1.86
N GLN A 53 3.24 -1.48 2.19
CA GLN A 53 2.98 -2.75 1.53
C GLN A 53 1.74 -2.66 0.63
N VAL A 54 1.89 -3.09 -0.62
CA VAL A 54 0.79 -3.06 -1.57
C VAL A 54 0.51 -4.44 -2.13
N ASP A 55 -0.75 -4.84 -2.14
CA ASP A 55 -1.14 -6.15 -2.67
C ASP A 55 -2.26 -6.01 -3.70
N VAL A 56 -1.96 -6.39 -4.94
CA VAL A 56 -2.93 -6.30 -6.02
C VAL A 56 -3.18 -7.67 -6.64
N LYS A 57 -4.43 -7.92 -7.05
CA LYS A 57 -4.79 -9.18 -7.67
C LYS A 57 -6.16 -9.08 -8.35
N GLU A 58 -6.41 -9.97 -9.30
CA GLU A 58 -7.66 -9.97 -10.03
C GLU A 58 -8.81 -10.41 -9.12
N VAL A 59 -9.95 -9.73 -9.24
CA VAL A 59 -11.12 -10.06 -8.43
C VAL A 59 -11.59 -11.48 -8.69
N ALA A 60 -11.06 -12.10 -9.74
CA ALA A 60 -11.42 -13.46 -10.10
C ALA A 60 -10.32 -14.44 -9.70
N SER A 61 -9.08 -13.98 -9.76
CA SER A 61 -7.93 -14.81 -9.41
C SER A 61 -7.82 -14.98 -7.90
N GLU A 62 -6.95 -15.89 -7.48
CA GLU A 62 -6.75 -16.15 -6.06
C GLU A 62 -5.29 -15.97 -5.67
N ILE A 63 -4.53 -15.31 -6.55
CA ILE A 63 -3.11 -15.06 -6.29
C ILE A 63 -2.86 -13.59 -5.99
N TRP A 64 -2.34 -13.32 -4.79
CA TRP A 64 -2.04 -11.96 -4.37
C TRP A 64 -0.59 -11.60 -4.65
N LYS A 65 -0.38 -10.49 -5.34
CA LYS A 65 0.96 -10.04 -5.69
C LYS A 65 1.40 -8.88 -4.78
N ILE A 66 2.58 -9.02 -4.19
CA ILE A 66 3.10 -7.99 -3.30
C ILE A 66 4.14 -7.13 -4.00
N VAL A 67 4.07 -5.82 -3.81
CA VAL A 67 5.02 -4.90 -4.42
C VAL A 67 5.43 -3.81 -3.44
N ARG A 68 6.67 -3.89 -2.97
CA ARG A 68 7.20 -2.92 -2.02
C ARG A 68 7.78 -1.72 -2.76
N SER A 69 7.78 -0.56 -2.09
CA SER A 69 8.31 0.67 -2.68
C SER A 69 9.73 0.93 -2.18
N HIS A 70 10.48 1.70 -2.98
CA HIS A 70 11.86 2.03 -2.63
C HIS A 70 11.91 3.29 -1.78
N GLY A 71 11.65 3.14 -0.49
CA GLY A 71 11.68 4.29 0.41
C GLY A 71 10.34 4.53 1.09
N VAL A 72 10.23 5.64 1.79
CA VAL A 72 8.99 5.98 2.49
C VAL A 72 8.04 6.74 1.58
N GLN A 73 8.07 6.42 0.30
CA GLN A 73 7.20 7.07 -0.68
C GLN A 73 5.79 6.50 -0.62
N THR A 74 4.81 7.32 -1.02
CA THR A 74 3.42 6.90 -1.01
C THR A 74 2.88 6.74 -2.42
N MET A 75 3.79 6.70 -3.40
CA MET A 75 3.40 6.55 -4.79
C MET A 75 4.16 5.40 -5.45
N VAL A 76 3.41 4.45 -6.00
CA VAL A 76 4.02 3.29 -6.67
C VAL A 76 3.26 2.93 -7.93
N VAL A 77 3.98 2.41 -8.92
CA VAL A 77 3.37 2.02 -10.19
C VAL A 77 3.34 0.50 -10.33
N LEU A 78 2.18 -0.02 -10.70
CA LEU A 78 2.01 -1.47 -10.87
C LEU A 78 2.18 -1.87 -12.34
N ASN A 79 2.65 -3.09 -12.56
CA ASN A 79 2.85 -3.58 -13.92
C ASN A 79 2.39 -5.03 -14.04
N ASN A 80 2.56 -5.60 -15.23
CA ASN A 80 2.16 -6.98 -15.48
C ASN A 80 0.65 -7.15 -15.30
N LEU A 81 -0.12 -6.21 -15.85
CA LEU A 81 -1.57 -6.25 -15.76
C LEU A 81 -2.21 -6.34 -17.14
N GLU A 82 -3.37 -6.99 -17.22
CA GLU A 82 -4.07 -7.13 -18.49
C GLU A 82 -5.08 -6.01 -18.67
N PRO A 83 -5.22 -5.54 -19.92
CA PRO A 83 -6.16 -4.46 -20.26
C PRO A 83 -7.61 -4.91 -20.17
N ASN A 84 -8.50 -3.96 -19.84
CA ASN A 84 -9.91 -4.26 -19.73
C ASN A 84 -10.16 -5.29 -18.62
N THR A 85 -9.39 -5.20 -17.55
CA THR A 85 -9.53 -6.11 -16.42
C THR A 85 -9.56 -5.36 -15.10
N THR A 86 -10.20 -5.96 -14.10
CA THR A 86 -10.31 -5.34 -12.78
C THR A 86 -9.37 -6.00 -11.78
N TYR A 87 -8.81 -5.20 -10.89
CA TYR A 87 -7.87 -5.71 -9.88
C TYR A 87 -8.08 -5.00 -8.55
N GLU A 88 -8.03 -5.77 -7.46
CA GLU A 88 -8.21 -5.20 -6.13
C GLU A 88 -6.87 -4.90 -5.48
N ILE A 89 -6.65 -3.65 -5.12
CA ILE A 89 -5.41 -3.22 -4.49
C ILE A 89 -5.66 -2.65 -3.10
N ARG A 90 -4.74 -2.92 -2.18
CA ARG A 90 -4.86 -2.42 -0.81
C ARG A 90 -3.54 -1.85 -0.32
N VAL A 91 -3.60 -0.68 0.30
CA VAL A 91 -2.41 -0.02 0.82
C VAL A 91 -2.28 -0.23 2.33
N ALA A 92 -1.06 -0.56 2.77
CA ALA A 92 -0.80 -0.78 4.18
C ALA A 92 0.48 -0.08 4.62
N ALA A 93 0.47 0.43 5.86
CA ALA A 93 1.63 1.13 6.39
C ALA A 93 2.45 0.21 7.30
N VAL A 94 3.76 0.19 7.07
CA VAL A 94 4.66 -0.64 7.86
C VAL A 94 5.72 0.19 8.56
N ASN A 95 5.86 0.01 9.87
CA ASN A 95 6.85 0.75 10.65
C ASN A 95 7.86 -0.19 11.27
N GLY A 96 8.89 0.39 11.90
CA GLY A 96 9.92 -0.42 12.54
C GLY A 96 9.34 -1.51 13.42
N LYS A 97 8.09 -1.33 13.83
CA LYS A 97 7.41 -2.31 14.69
C LYS A 97 6.92 -3.49 13.87
N GLY A 98 6.11 -3.21 12.86
CA GLY A 98 5.57 -4.26 12.01
C GLY A 98 4.59 -3.74 10.97
N GLN A 99 3.64 -4.58 10.59
CA GLN A 99 2.65 -4.18 9.59
C GLN A 99 1.31 -3.88 10.25
N GLY A 100 0.93 -2.61 10.24
CA GLY A 100 -0.33 -2.19 10.84
C GLY A 100 -1.53 -2.83 10.17
N ASP A 101 -2.52 -2.02 9.83
CA ASP A 101 -3.72 -2.50 9.18
C ASP A 101 -3.74 -2.12 7.70
N TYR A 102 -4.57 -2.80 6.94
CA TYR A 102 -4.69 -2.53 5.51
C TYR A 102 -5.76 -1.48 5.22
N SER A 103 -5.59 -0.76 4.12
CA SER A 103 -6.54 0.28 3.74
C SER A 103 -7.78 -0.32 3.08
N LYS A 104 -8.84 0.48 2.96
CA LYS A 104 -10.07 0.02 2.34
C LYS A 104 -9.81 -0.57 0.97
N ILE A 105 -10.03 -1.87 0.83
CA ILE A 105 -9.83 -2.56 -0.43
C ILE A 105 -10.24 -1.68 -1.61
N GLU A 106 -9.28 -1.39 -2.49
CA GLU A 106 -9.54 -0.55 -3.66
C GLU A 106 -9.71 -1.41 -4.90
N ILE A 107 -10.57 -0.96 -5.80
CA ILE A 107 -10.82 -1.69 -7.05
C ILE A 107 -10.68 -0.77 -8.26
N PHE A 108 -9.67 -1.06 -9.08
CA PHE A 108 -9.42 -0.27 -10.29
C PHE A 108 -9.35 -1.16 -11.52
N GLN A 109 -10.00 -0.72 -12.60
CA GLN A 109 -10.01 -1.48 -13.85
C GLN A 109 -9.13 -0.82 -14.89
N THR A 110 -8.10 -1.53 -15.35
CA THR A 110 -7.19 -1.01 -16.35
C THR A 110 -7.95 -0.47 -17.56
N LEU A 111 -7.24 0.21 -18.45
CA LEU A 111 -7.83 0.78 -19.65
C LEU A 111 -7.78 -0.22 -20.81
N PRO A 112 -8.87 -0.27 -21.60
CA PRO A 112 -8.97 -1.16 -22.75
C PRO A 112 -8.03 -0.76 -23.88
N VAL A 113 -7.10 -1.66 -24.22
CA VAL A 113 -6.14 -1.40 -25.29
C VAL A 113 -6.78 -0.56 -26.40
N SER A 114 -6.08 0.48 -26.81
CA SER A 114 -6.56 1.37 -27.88
C SER A 114 -5.61 1.38 -29.06
N GLY A 115 -4.34 1.65 -28.80
CA GLY A 115 -3.35 1.68 -29.85
C GLY A 115 -1.96 1.32 -29.36
N PRO A 116 -1.17 0.66 -30.23
CA PRO A 116 0.19 0.25 -29.89
C PRO A 116 1.14 1.43 -29.77
N SER A 117 0.61 2.64 -29.95
CA SER A 117 1.42 3.85 -29.86
C SER A 117 2.52 3.70 -28.82
N SER A 118 2.12 3.39 -27.58
CA SER A 118 3.07 3.21 -26.50
C SER A 118 4.13 2.16 -26.85
N GLY A 119 5.38 2.60 -26.94
CA GLY A 119 6.46 1.68 -27.27
C GLY A 119 7.70 1.94 -26.44
N GLY A 1 14.53 -3.32 49.38
CA GLY A 1 15.12 -3.43 48.06
C GLY A 1 14.47 -2.51 47.05
N SER A 2 15.27 -1.66 46.43
CA SER A 2 14.77 -0.71 45.44
C SER A 2 15.75 -0.52 44.30
N SER A 3 15.24 -0.45 43.08
CA SER A 3 16.08 -0.28 41.90
C SER A 3 15.32 0.43 40.79
N GLY A 4 16.05 0.91 39.79
CA GLY A 4 15.43 1.61 38.68
C GLY A 4 16.44 2.33 37.80
N SER A 5 16.24 2.25 36.49
CA SER A 5 17.14 2.89 35.54
C SER A 5 16.42 3.21 34.23
N SER A 6 17.07 3.98 33.37
CA SER A 6 16.50 4.36 32.09
C SER A 6 17.44 3.98 30.95
N GLY A 7 16.87 3.82 29.75
CA GLY A 7 17.66 3.46 28.60
C GLY A 7 16.87 2.65 27.58
N GLN A 8 16.12 1.67 28.06
CA GLN A 8 15.32 0.81 27.20
C GLN A 8 13.91 0.63 27.76
N GLU A 9 13.01 0.11 26.93
CA GLU A 9 11.63 -0.12 27.35
C GLU A 9 10.95 1.20 27.71
N TYR A 10 11.07 2.20 26.84
CA TYR A 10 10.47 3.50 27.08
C TYR A 10 9.31 3.75 26.12
N ILE A 11 9.50 3.35 24.86
CA ILE A 11 8.47 3.53 23.84
C ILE A 11 8.23 2.23 23.08
N LEU A 12 9.30 1.49 22.81
CA LEU A 12 9.20 0.23 22.09
C LEU A 12 8.14 -0.68 22.71
N ALA A 13 7.78 -0.38 23.95
CA ALA A 13 6.77 -1.16 24.67
C ALA A 13 5.39 -0.51 24.55
N LEU A 14 5.38 0.80 24.38
CA LEU A 14 4.13 1.54 24.26
C LEU A 14 3.83 1.89 22.80
N ALA A 15 4.59 1.27 21.89
CA ALA A 15 4.40 1.50 20.47
C ALA A 15 3.25 0.67 19.92
N ASP A 16 2.91 0.89 18.66
CA ASP A 16 1.82 0.15 18.01
C ASP A 16 1.82 0.40 16.51
N VAL A 17 1.69 -0.68 15.74
CA VAL A 17 1.68 -0.59 14.29
C VAL A 17 1.00 0.70 13.83
N PRO A 18 1.44 1.23 12.68
CA PRO A 18 0.89 2.46 12.11
C PRO A 18 -0.53 2.26 11.58
N SER A 19 -1.26 3.37 11.45
CA SER A 19 -2.64 3.33 10.98
C SER A 19 -2.68 3.24 9.45
N SER A 20 -3.82 2.83 8.92
CA SER A 20 -3.99 2.70 7.47
C SER A 20 -4.07 4.07 6.81
N PRO A 21 -3.48 4.19 5.61
CA PRO A 21 -3.48 5.44 4.85
C PRO A 21 -4.87 5.79 4.32
N TYR A 22 -5.03 7.04 3.88
CA TYR A 22 -6.31 7.51 3.35
C TYR A 22 -6.10 8.35 2.11
N GLY A 23 -7.14 8.48 1.29
CA GLY A 23 -7.05 9.26 0.07
C GLY A 23 -6.44 8.49 -1.07
N VAL A 24 -6.46 7.16 -0.97
CA VAL A 24 -5.89 6.30 -2.01
C VAL A 24 -6.67 6.44 -3.31
N LYS A 25 -6.03 7.02 -4.31
CA LYS A 25 -6.66 7.20 -5.63
C LYS A 25 -5.65 7.00 -6.74
N ILE A 26 -6.09 6.40 -7.84
CA ILE A 26 -5.22 6.15 -8.98
C ILE A 26 -5.12 7.39 -9.88
N ILE A 27 -4.00 8.10 -9.78
CA ILE A 27 -3.78 9.30 -10.57
C ILE A 27 -3.45 8.94 -12.02
N GLU A 28 -2.63 7.91 -12.19
CA GLU A 28 -2.24 7.47 -13.53
C GLU A 28 -2.64 6.02 -13.77
N LEU A 29 -3.76 5.84 -14.47
CA LEU A 29 -4.26 4.50 -14.77
C LEU A 29 -3.98 4.12 -16.22
N SER A 30 -3.35 2.97 -16.42
CA SER A 30 -3.03 2.50 -17.76
C SER A 30 -3.69 1.15 -18.03
N GLN A 31 -3.43 0.60 -19.21
CA GLN A 31 -4.00 -0.68 -19.61
C GLN A 31 -3.17 -1.83 -19.06
N THR A 32 -1.90 -1.56 -18.79
CA THR A 32 -0.99 -2.57 -18.27
C THR A 32 -0.40 -2.15 -16.92
N THR A 33 -0.36 -0.84 -16.68
CA THR A 33 0.18 -0.31 -15.44
C THR A 33 -0.89 0.46 -14.66
N ALA A 34 -0.59 0.79 -13.41
CA ALA A 34 -1.52 1.53 -12.57
C ALA A 34 -0.80 2.18 -11.40
N LYS A 35 -0.86 3.51 -11.34
CA LYS A 35 -0.20 4.26 -10.27
C LYS A 35 -1.21 4.63 -9.19
N VAL A 36 -0.89 4.27 -7.94
CA VAL A 36 -1.77 4.57 -6.82
C VAL A 36 -1.13 5.59 -5.89
N SER A 37 -1.76 6.76 -5.77
CA SER A 37 -1.25 7.83 -4.92
C SER A 37 -2.12 7.98 -3.68
N PHE A 38 -1.50 7.85 -2.51
CA PHE A 38 -2.22 7.97 -1.25
C PHE A 38 -1.48 8.90 -0.30
N ASN A 39 -2.11 9.21 0.83
CA ASN A 39 -1.51 10.09 1.83
C ASN A 39 -1.18 9.33 3.11
N LYS A 40 0.09 9.35 3.49
CA LYS A 40 0.53 8.66 4.70
C LYS A 40 -0.45 8.89 5.84
N PRO A 41 -0.50 7.93 6.78
CA PRO A 41 -1.39 8.01 7.94
C PRO A 41 -0.95 9.08 8.94
N ASP A 42 -1.92 9.69 9.61
CA ASP A 42 -1.63 10.73 10.58
C ASP A 42 -1.29 10.12 11.94
N SER A 43 -0.63 8.98 11.92
CA SER A 43 -0.24 8.29 13.15
C SER A 43 0.75 7.17 12.86
N HIS A 44 2.02 7.41 13.19
CA HIS A 44 3.07 6.43 12.96
C HIS A 44 2.96 5.28 13.96
N GLY A 45 2.74 5.63 15.23
CA GLY A 45 2.63 4.62 16.27
C GLY A 45 3.94 4.37 16.98
N GLY A 46 4.40 5.37 17.72
CA GLY A 46 5.65 5.23 18.45
C GLY A 46 6.86 5.31 17.55
N VAL A 47 6.96 4.37 16.62
CA VAL A 47 8.08 4.33 15.68
C VAL A 47 7.67 4.85 14.31
N PRO A 48 8.60 5.52 13.62
CA PRO A 48 8.35 6.09 12.29
C PRO A 48 8.21 5.00 11.23
N ILE A 49 7.14 5.09 10.45
CA ILE A 49 6.89 4.12 9.38
C ILE A 49 8.16 3.81 8.60
N HIS A 50 8.43 2.53 8.39
CA HIS A 50 9.61 2.11 7.66
C HIS A 50 9.35 2.10 6.15
N HIS A 51 8.34 1.34 5.74
CA HIS A 51 7.98 1.25 4.33
C HIS A 51 6.49 0.96 4.16
N TYR A 52 6.06 0.81 2.91
CA TYR A 52 4.66 0.53 2.62
C TYR A 52 4.53 -0.75 1.79
N GLN A 53 3.40 -1.45 1.97
CA GLN A 53 3.16 -2.68 1.24
C GLN A 53 1.88 -2.58 0.41
N VAL A 54 1.93 -3.11 -0.81
CA VAL A 54 0.77 -3.08 -1.70
C VAL A 54 0.49 -4.46 -2.29
N ASP A 55 -0.75 -4.90 -2.15
CA ASP A 55 -1.15 -6.20 -2.67
C ASP A 55 -2.26 -6.06 -3.71
N VAL A 56 -1.94 -6.40 -4.96
CA VAL A 56 -2.90 -6.30 -6.05
C VAL A 56 -3.12 -7.66 -6.70
N LYS A 57 -4.33 -7.87 -7.20
CA LYS A 57 -4.66 -9.14 -7.86
C LYS A 57 -6.02 -9.04 -8.57
N GLU A 58 -6.34 -10.04 -9.37
CA GLU A 58 -7.60 -10.06 -10.10
C GLU A 58 -8.76 -10.47 -9.18
N VAL A 59 -9.89 -9.81 -9.35
CA VAL A 59 -11.07 -10.11 -8.54
C VAL A 59 -11.42 -11.59 -8.60
N ALA A 60 -10.99 -12.25 -9.67
CA ALA A 60 -11.26 -13.68 -9.85
C ALA A 60 -10.14 -14.52 -9.26
N SER A 61 -8.91 -14.09 -9.46
CA SER A 61 -7.75 -14.81 -8.95
C SER A 61 -7.65 -14.68 -7.44
N GLU A 62 -6.82 -15.53 -6.83
CA GLU A 62 -6.64 -15.51 -5.38
C GLU A 62 -5.22 -15.11 -5.02
N ILE A 63 -4.29 -15.37 -5.93
CA ILE A 63 -2.88 -15.04 -5.71
C ILE A 63 -2.69 -13.54 -5.58
N TRP A 64 -2.23 -13.10 -4.42
CA TRP A 64 -2.00 -11.69 -4.17
C TRP A 64 -0.57 -11.30 -4.53
N LYS A 65 -0.44 -10.27 -5.38
CA LYS A 65 0.87 -9.80 -5.80
C LYS A 65 1.37 -8.67 -4.91
N ILE A 66 2.49 -8.91 -4.23
CA ILE A 66 3.06 -7.91 -3.34
C ILE A 66 4.10 -7.06 -4.06
N VAL A 67 4.08 -5.76 -3.80
CA VAL A 67 5.02 -4.84 -4.42
C VAL A 67 5.51 -3.79 -3.43
N ARG A 68 6.79 -3.87 -3.05
CA ARG A 68 7.36 -2.93 -2.11
C ARG A 68 7.86 -1.67 -2.84
N SER A 69 8.00 -0.58 -2.08
CA SER A 69 8.46 0.68 -2.65
C SER A 69 9.87 1.01 -2.17
N HIS A 70 10.52 1.92 -2.88
CA HIS A 70 11.89 2.33 -2.53
C HIS A 70 11.87 3.55 -1.61
N GLY A 71 11.59 3.32 -0.34
CA GLY A 71 11.54 4.42 0.62
C GLY A 71 10.19 4.56 1.27
N VAL A 72 10.03 5.59 2.10
CA VAL A 72 8.77 5.84 2.79
C VAL A 72 7.82 6.67 1.93
N GLN A 73 7.86 6.42 0.61
CA GLN A 73 7.00 7.14 -0.32
C GLN A 73 5.61 6.51 -0.37
N THR A 74 4.62 7.31 -0.75
CA THR A 74 3.24 6.85 -0.85
C THR A 74 2.77 6.81 -2.30
N MET A 75 3.72 6.86 -3.23
CA MET A 75 3.39 6.84 -4.65
C MET A 75 4.19 5.75 -5.36
N VAL A 76 3.48 4.82 -6.00
CA VAL A 76 4.12 3.73 -6.72
C VAL A 76 3.28 3.30 -7.92
N VAL A 77 3.92 2.65 -8.89
CA VAL A 77 3.23 2.18 -10.08
C VAL A 77 3.27 0.66 -10.17
N LEU A 78 2.18 0.08 -10.68
CA LEU A 78 2.08 -1.37 -10.81
C LEU A 78 2.29 -1.80 -12.27
N ASN A 79 2.84 -2.99 -12.45
CA ASN A 79 3.09 -3.51 -13.79
C ASN A 79 2.63 -4.97 -13.90
N ASN A 80 2.75 -5.53 -15.10
CA ASN A 80 2.35 -6.91 -15.34
C ASN A 80 0.85 -7.08 -15.12
N LEU A 81 0.06 -6.22 -15.76
CA LEU A 81 -1.39 -6.27 -15.65
C LEU A 81 -2.04 -6.40 -17.02
N GLU A 82 -3.14 -7.14 -17.08
CA GLU A 82 -3.85 -7.34 -18.33
C GLU A 82 -4.85 -6.22 -18.57
N PRO A 83 -5.00 -5.81 -19.84
CA PRO A 83 -5.92 -4.73 -20.24
C PRO A 83 -7.38 -5.14 -20.09
N ASN A 84 -8.25 -4.14 -19.97
CA ASN A 84 -9.68 -4.39 -19.82
C ASN A 84 -9.94 -5.40 -18.71
N THR A 85 -9.19 -5.30 -17.62
CA THR A 85 -9.34 -6.20 -16.50
C THR A 85 -9.41 -5.43 -15.18
N THR A 86 -10.05 -6.04 -14.18
CA THR A 86 -10.20 -5.42 -12.87
C THR A 86 -9.27 -6.07 -11.85
N TYR A 87 -8.74 -5.26 -10.94
CA TYR A 87 -7.84 -5.76 -9.90
C TYR A 87 -8.08 -5.03 -8.59
N GLU A 88 -7.95 -5.76 -7.48
CA GLU A 88 -8.16 -5.20 -6.15
C GLU A 88 -6.81 -4.90 -5.48
N ILE A 89 -6.60 -3.64 -5.13
CA ILE A 89 -5.36 -3.23 -4.48
C ILE A 89 -5.63 -2.65 -3.10
N ARG A 90 -4.69 -2.85 -2.18
CA ARG A 90 -4.83 -2.34 -0.82
C ARG A 90 -3.51 -1.78 -0.31
N VAL A 91 -3.55 -0.55 0.21
CA VAL A 91 -2.35 0.09 0.74
C VAL A 91 -2.29 -0.02 2.25
N ALA A 92 -1.13 -0.40 2.77
CA ALA A 92 -0.93 -0.54 4.21
C ALA A 92 0.43 -0.02 4.63
N ALA A 93 0.52 0.49 5.86
CA ALA A 93 1.76 1.02 6.38
C ALA A 93 2.47 -0.01 7.25
N VAL A 94 3.72 -0.32 6.91
CA VAL A 94 4.50 -1.29 7.66
C VAL A 94 5.69 -0.62 8.36
N ASN A 95 5.90 -0.99 9.62
CA ASN A 95 7.00 -0.43 10.40
C ASN A 95 7.63 -1.49 11.29
N GLY A 96 8.60 -1.07 12.11
CA GLY A 96 9.26 -2.00 13.00
C GLY A 96 8.31 -2.99 13.62
N LYS A 97 7.25 -2.49 14.25
CA LYS A 97 6.26 -3.34 14.90
C LYS A 97 5.81 -4.46 13.95
N GLY A 98 5.20 -4.07 12.83
CA GLY A 98 4.74 -5.04 11.86
C GLY A 98 3.94 -4.42 10.75
N GLN A 99 2.88 -5.09 10.32
CA GLN A 99 2.02 -4.59 9.25
C GLN A 99 0.68 -4.11 9.79
N GLY A 100 0.48 -2.79 9.78
CA GLY A 100 -0.76 -2.24 10.28
C GLY A 100 -1.97 -2.68 9.47
N ASP A 101 -3.15 -2.27 9.90
CA ASP A 101 -4.38 -2.64 9.21
C ASP A 101 -4.36 -2.15 7.76
N TYR A 102 -4.87 -2.97 6.86
CA TYR A 102 -4.92 -2.62 5.45
C TYR A 102 -6.01 -1.59 5.16
N SER A 103 -5.72 -0.66 4.27
CA SER A 103 -6.67 0.39 3.91
C SER A 103 -7.83 -0.20 3.11
N LYS A 104 -8.96 0.49 3.14
CA LYS A 104 -10.15 0.05 2.41
C LYS A 104 -9.77 -0.55 1.06
N ILE A 105 -10.25 -1.76 0.81
CA ILE A 105 -9.95 -2.45 -0.44
C ILE A 105 -10.31 -1.57 -1.64
N GLU A 106 -9.33 -1.34 -2.51
CA GLU A 106 -9.53 -0.52 -3.70
C GLU A 106 -9.68 -1.38 -4.94
N ILE A 107 -10.58 -0.99 -5.83
CA ILE A 107 -10.80 -1.74 -7.07
C ILE A 107 -10.64 -0.84 -8.29
N PHE A 108 -9.61 -1.11 -9.08
CA PHE A 108 -9.34 -0.34 -10.29
C PHE A 108 -9.34 -1.23 -11.53
N GLN A 109 -9.95 -0.73 -12.61
CA GLN A 109 -10.02 -1.48 -13.85
C GLN A 109 -9.13 -0.85 -14.92
N THR A 110 -8.14 -1.61 -15.38
CA THR A 110 -7.21 -1.12 -16.40
C THR A 110 -7.96 -0.62 -17.62
N LEU A 111 -7.34 0.29 -18.36
CA LEU A 111 -7.95 0.83 -19.57
C LEU A 111 -7.92 -0.18 -20.70
N PRO A 112 -8.99 -0.20 -21.52
CA PRO A 112 -9.11 -1.11 -22.65
C PRO A 112 -8.14 -0.76 -23.79
N VAL A 113 -7.24 -1.68 -24.10
CA VAL A 113 -6.27 -1.46 -25.16
C VAL A 113 -6.87 -0.64 -26.29
N SER A 114 -6.14 0.41 -26.70
CA SER A 114 -6.60 1.28 -27.77
C SER A 114 -5.46 1.61 -28.74
N GLY A 115 -5.75 1.56 -30.04
CA GLY A 115 -4.75 1.84 -31.03
C GLY A 115 -5.28 1.74 -32.45
N PRO A 116 -4.37 1.65 -33.42
CA PRO A 116 -4.74 1.55 -34.85
C PRO A 116 -5.38 0.20 -35.17
N SER A 117 -5.06 -0.82 -34.39
CA SER A 117 -5.60 -2.15 -34.61
C SER A 117 -7.13 -2.11 -34.69
N SER A 118 -7.70 -2.92 -35.58
CA SER A 118 -9.13 -2.97 -35.75
C SER A 118 -9.80 -3.68 -34.57
N GLY A 119 -9.24 -4.81 -34.17
CA GLY A 119 -9.79 -5.57 -33.05
C GLY A 119 -11.16 -6.11 -33.36
N GLY A 1 -0.96 7.34 41.21
CA GLY A 1 -0.79 8.43 40.27
C GLY A 1 0.67 8.66 39.91
N SER A 2 1.17 7.88 38.95
CA SER A 2 2.55 8.01 38.51
C SER A 2 2.63 8.30 37.02
N SER A 3 3.43 9.30 36.66
CA SER A 3 3.58 9.69 35.26
C SER A 3 4.91 9.17 34.70
N GLY A 4 4.84 8.50 33.55
CA GLY A 4 6.04 7.96 32.94
C GLY A 4 6.63 6.81 33.72
N SER A 5 6.05 5.62 33.56
CA SER A 5 6.53 4.44 34.27
C SER A 5 8.01 4.21 34.00
N SER A 6 8.36 4.06 32.72
CA SER A 6 9.74 3.81 32.33
C SER A 6 10.17 4.79 31.24
N GLY A 7 11.48 4.92 31.05
CA GLY A 7 11.99 5.82 30.03
C GLY A 7 12.08 5.16 28.67
N GLN A 8 12.85 4.08 28.58
CA GLN A 8 13.01 3.36 27.32
C GLN A 8 11.68 2.82 26.82
N GLU A 9 10.67 2.87 27.68
CA GLU A 9 9.34 2.38 27.34
C GLU A 9 8.33 3.53 27.28
N TYR A 10 8.84 4.75 27.08
CA TYR A 10 7.99 5.92 27.01
C TYR A 10 6.95 5.78 25.91
N ILE A 11 7.35 5.17 24.80
CA ILE A 11 6.45 4.96 23.67
C ILE A 11 6.53 3.53 23.16
N LEU A 12 7.74 2.99 23.10
CA LEU A 12 7.95 1.63 22.64
C LEU A 12 6.98 0.66 23.31
N ALA A 13 6.47 1.06 24.47
CA ALA A 13 5.53 0.23 25.22
C ALA A 13 4.09 0.50 24.77
N LEU A 14 3.80 1.74 24.40
CA LEU A 14 2.47 2.12 23.95
C LEU A 14 2.39 2.14 22.43
N ALA A 15 3.47 1.69 21.78
CA ALA A 15 3.51 1.64 20.32
C ALA A 15 3.11 0.28 19.80
N ASP A 16 2.04 0.23 19.03
CA ASP A 16 1.56 -1.03 18.46
C ASP A 16 1.86 -1.11 16.97
N VAL A 17 1.10 -0.36 16.18
CA VAL A 17 1.28 -0.34 14.72
C VAL A 17 0.62 0.87 14.09
N PRO A 18 1.08 1.25 12.89
CA PRO A 18 0.54 2.39 12.16
C PRO A 18 -0.87 2.13 11.64
N SER A 19 -1.69 3.18 11.64
CA SER A 19 -3.07 3.07 11.18
C SER A 19 -3.13 3.11 9.66
N SER A 20 -4.16 2.49 9.09
CA SER A 20 -4.34 2.47 7.65
C SER A 20 -4.32 3.88 7.06
N PRO A 21 -3.71 4.01 5.87
CA PRO A 21 -3.61 5.30 5.18
C PRO A 21 -4.96 5.79 4.67
N TYR A 22 -4.93 6.88 3.90
CA TYR A 22 -6.16 7.46 3.35
C TYR A 22 -5.85 8.28 2.11
N GLY A 23 -6.90 8.76 1.45
CA GLY A 23 -6.72 9.57 0.25
C GLY A 23 -6.22 8.76 -0.92
N VAL A 24 -5.98 7.47 -0.68
CA VAL A 24 -5.48 6.58 -1.73
C VAL A 24 -6.37 6.64 -2.96
N LYS A 25 -5.84 7.16 -4.06
CA LYS A 25 -6.59 7.27 -5.30
C LYS A 25 -5.68 7.06 -6.51
N ILE A 26 -6.22 6.49 -7.58
CA ILE A 26 -5.46 6.25 -8.79
C ILE A 26 -5.39 7.50 -9.67
N ILE A 27 -4.20 8.10 -9.74
CA ILE A 27 -4.01 9.30 -10.54
C ILE A 27 -3.66 8.95 -11.98
N GLU A 28 -2.86 7.90 -12.16
CA GLU A 28 -2.45 7.46 -13.49
C GLU A 28 -2.88 6.02 -13.74
N LEU A 29 -3.92 5.84 -14.54
CA LEU A 29 -4.42 4.51 -14.85
C LEU A 29 -4.13 4.15 -16.31
N SER A 30 -3.51 2.99 -16.52
CA SER A 30 -3.17 2.54 -17.87
C SER A 30 -3.84 1.19 -18.16
N GLN A 31 -3.53 0.64 -19.33
CA GLN A 31 -4.09 -0.64 -19.73
C GLN A 31 -3.27 -1.80 -19.18
N THR A 32 -1.99 -1.54 -18.92
CA THR A 32 -1.09 -2.56 -18.38
C THR A 32 -0.52 -2.14 -17.04
N THR A 33 -0.38 -0.82 -16.85
CA THR A 33 0.16 -0.29 -15.60
C THR A 33 -0.90 0.51 -14.85
N ALA A 34 -0.64 0.77 -13.57
CA ALA A 34 -1.56 1.53 -12.74
C ALA A 34 -0.85 2.12 -11.53
N LYS A 35 -0.85 3.45 -11.44
CA LYS A 35 -0.20 4.14 -10.33
C LYS A 35 -1.21 4.46 -9.23
N VAL A 36 -0.75 4.40 -7.99
CA VAL A 36 -1.62 4.68 -6.84
C VAL A 36 -0.98 5.72 -5.92
N SER A 37 -1.70 6.82 -5.70
CA SER A 37 -1.20 7.89 -4.85
C SER A 37 -2.04 8.00 -3.57
N PHE A 38 -1.37 7.94 -2.43
CA PHE A 38 -2.05 8.03 -1.14
C PHE A 38 -1.31 8.96 -0.19
N ASN A 39 -1.89 9.20 0.98
CA ASN A 39 -1.27 10.07 1.97
C ASN A 39 -0.93 9.29 3.25
N LYS A 40 0.21 9.61 3.83
CA LYS A 40 0.66 8.95 5.06
C LYS A 40 -0.45 8.95 6.11
N PRO A 41 -0.46 7.93 6.97
CA PRO A 41 -1.45 7.79 8.04
C PRO A 41 -1.26 8.82 9.14
N ASP A 42 -2.34 9.10 9.88
CA ASP A 42 -2.29 10.07 10.96
C ASP A 42 -1.53 9.52 12.16
N SER A 43 -1.45 8.19 12.24
CA SER A 43 -0.76 7.53 13.34
C SER A 43 0.28 6.56 12.82
N HIS A 44 1.50 6.66 13.34
CA HIS A 44 2.59 5.79 12.93
C HIS A 44 2.99 4.84 14.07
N GLY A 45 2.00 4.43 14.86
CA GLY A 45 2.27 3.52 15.97
C GLY A 45 3.46 3.96 16.79
N GLY A 46 3.62 5.28 16.96
CA GLY A 46 4.73 5.79 17.74
C GLY A 46 6.04 5.76 16.96
N VAL A 47 6.48 4.56 16.60
CA VAL A 47 7.72 4.39 15.85
C VAL A 47 7.58 4.90 14.43
N PRO A 48 8.69 5.39 13.86
CA PRO A 48 8.71 5.91 12.48
C PRO A 48 8.54 4.80 11.44
N ILE A 49 7.68 5.05 10.47
CA ILE A 49 7.44 4.08 9.40
C ILE A 49 8.69 3.82 8.60
N HIS A 50 8.74 2.64 7.97
CA HIS A 50 9.90 2.26 7.15
C HIS A 50 9.54 2.22 5.68
N HIS A 51 8.41 1.60 5.37
CA HIS A 51 7.94 1.48 3.98
C HIS A 51 6.47 1.11 3.93
N TYR A 52 5.91 1.06 2.73
CA TYR A 52 4.52 0.71 2.54
C TYR A 52 4.37 -0.62 1.82
N GLN A 53 3.29 -1.33 2.11
CA GLN A 53 3.04 -2.62 1.49
C GLN A 53 1.79 -2.57 0.61
N VAL A 54 1.97 -2.87 -0.67
CA VAL A 54 0.85 -2.86 -1.61
C VAL A 54 0.59 -4.26 -2.18
N ASP A 55 -0.67 -4.67 -2.15
CA ASP A 55 -1.04 -5.99 -2.65
C ASP A 55 -2.14 -5.87 -3.70
N VAL A 56 -1.85 -6.32 -4.92
CA VAL A 56 -2.82 -6.25 -6.01
C VAL A 56 -3.07 -7.64 -6.60
N LYS A 57 -4.31 -7.90 -6.98
CA LYS A 57 -4.68 -9.18 -7.57
C LYS A 57 -6.06 -9.10 -8.22
N GLU A 58 -6.27 -9.94 -9.24
CA GLU A 58 -7.55 -9.95 -9.95
C GLU A 58 -8.68 -10.35 -9.01
N VAL A 59 -9.82 -9.68 -9.16
CA VAL A 59 -10.99 -9.95 -8.33
C VAL A 59 -11.39 -11.43 -8.41
N ALA A 60 -10.87 -12.12 -9.42
CA ALA A 60 -11.17 -13.53 -9.61
C ALA A 60 -10.03 -14.41 -9.09
N SER A 61 -8.80 -13.98 -9.36
CA SER A 61 -7.63 -14.73 -8.92
C SER A 61 -7.63 -14.90 -7.40
N GLU A 62 -6.68 -15.70 -6.90
CA GLU A 62 -6.58 -15.95 -5.47
C GLU A 62 -5.18 -15.59 -4.96
N ILE A 63 -4.24 -15.49 -5.88
CA ILE A 63 -2.86 -15.16 -5.52
C ILE A 63 -2.67 -13.65 -5.43
N TRP A 64 -2.13 -13.20 -4.30
CA TRP A 64 -1.90 -11.78 -4.07
C TRP A 64 -0.46 -11.41 -4.40
N LYS A 65 -0.30 -10.38 -5.25
CA LYS A 65 1.03 -9.93 -5.65
C LYS A 65 1.47 -8.75 -4.79
N ILE A 66 2.55 -8.94 -4.04
CA ILE A 66 3.08 -7.89 -3.18
C ILE A 66 4.16 -7.09 -3.89
N VAL A 67 4.12 -5.77 -3.74
CA VAL A 67 5.10 -4.89 -4.36
C VAL A 67 5.63 -3.86 -3.38
N ARG A 68 6.86 -4.06 -2.91
CA ARG A 68 7.48 -3.15 -1.96
C ARG A 68 8.21 -2.02 -2.68
N SER A 69 8.10 -0.81 -2.14
CA SER A 69 8.74 0.35 -2.73
C SER A 69 10.17 0.51 -2.21
N HIS A 70 10.87 1.50 -2.75
CA HIS A 70 12.25 1.76 -2.34
C HIS A 70 12.29 2.63 -1.09
N GLY A 71 11.84 3.87 -1.21
CA GLY A 71 11.83 4.77 -0.07
C GLY A 71 10.49 4.83 0.62
N VAL A 72 10.33 5.78 1.53
CA VAL A 72 9.08 5.92 2.27
C VAL A 72 8.08 6.76 1.48
N GLN A 73 8.03 6.54 0.17
CA GLN A 73 7.11 7.27 -0.69
C GLN A 73 5.74 6.57 -0.74
N THR A 74 4.70 7.36 -0.93
CA THR A 74 3.35 6.83 -1.01
C THR A 74 2.84 6.78 -2.44
N MET A 75 3.77 6.81 -3.40
CA MET A 75 3.42 6.77 -4.81
C MET A 75 4.25 5.70 -5.54
N VAL A 76 3.56 4.81 -6.24
CA VAL A 76 4.23 3.75 -6.98
C VAL A 76 3.38 3.29 -8.16
N VAL A 77 4.05 2.82 -9.21
CA VAL A 77 3.36 2.35 -10.41
C VAL A 77 3.40 0.82 -10.50
N LEU A 78 2.28 0.23 -10.87
CA LEU A 78 2.19 -1.22 -11.00
C LEU A 78 2.36 -1.65 -12.46
N ASN A 79 2.87 -2.86 -12.66
CA ASN A 79 3.08 -3.38 -14.00
C ASN A 79 2.71 -4.87 -14.06
N ASN A 80 2.65 -5.41 -15.28
CA ASN A 80 2.31 -6.81 -15.48
C ASN A 80 0.82 -7.05 -15.26
N LEU A 81 0.00 -6.19 -15.85
CA LEU A 81 -1.45 -6.30 -15.71
C LEU A 81 -2.12 -6.41 -17.08
N GLU A 82 -3.24 -7.13 -17.13
CA GLU A 82 -3.97 -7.31 -18.38
C GLU A 82 -5.01 -6.21 -18.56
N PRO A 83 -5.19 -5.77 -19.81
CA PRO A 83 -6.15 -4.72 -20.15
C PRO A 83 -7.59 -5.18 -19.99
N ASN A 84 -8.52 -4.22 -19.89
CA ASN A 84 -9.93 -4.53 -19.75
C ASN A 84 -10.15 -5.52 -18.61
N THR A 85 -9.36 -5.37 -17.54
CA THR A 85 -9.47 -6.25 -16.38
C THR A 85 -9.54 -5.45 -15.09
N THR A 86 -10.11 -6.06 -14.05
CA THR A 86 -10.25 -5.40 -12.77
C THR A 86 -9.35 -6.05 -11.72
N TYR A 87 -8.62 -5.23 -10.98
CA TYR A 87 -7.71 -5.73 -9.95
C TYR A 87 -7.93 -5.00 -8.63
N GLU A 88 -7.89 -5.74 -7.53
CA GLU A 88 -8.08 -5.16 -6.21
C GLU A 88 -6.75 -4.86 -5.54
N ILE A 89 -6.54 -3.59 -5.20
CA ILE A 89 -5.30 -3.16 -4.55
C ILE A 89 -5.58 -2.56 -3.17
N ARG A 90 -4.67 -2.82 -2.24
CA ARG A 90 -4.82 -2.31 -0.88
C ARG A 90 -3.50 -1.74 -0.37
N VAL A 91 -3.55 -0.52 0.17
CA VAL A 91 -2.36 0.13 0.69
C VAL A 91 -2.28 0.01 2.21
N ALA A 92 -1.11 -0.33 2.72
CA ALA A 92 -0.90 -0.47 4.16
C ALA A 92 0.43 0.13 4.59
N ALA A 93 0.53 0.44 5.88
CA ALA A 93 1.76 1.03 6.41
C ALA A 93 2.52 0.02 7.28
N VAL A 94 3.79 -0.19 6.95
CA VAL A 94 4.62 -1.13 7.70
C VAL A 94 5.74 -0.41 8.43
N ASN A 95 5.76 -0.53 9.76
CA ASN A 95 6.78 0.11 10.57
C ASN A 95 7.54 -0.91 11.40
N GLY A 96 8.50 -0.44 12.20
CA GLY A 96 9.28 -1.33 13.03
C GLY A 96 8.44 -2.41 13.67
N LYS A 97 7.28 -2.04 14.19
CA LYS A 97 6.37 -2.98 14.83
C LYS A 97 5.94 -4.07 13.85
N GLY A 98 5.37 -3.66 12.73
CA GLY A 98 4.93 -4.61 11.73
C GLY A 98 3.92 -4.00 10.76
N GLN A 99 2.97 -4.83 10.32
CA GLN A 99 1.94 -4.37 9.39
C GLN A 99 0.63 -4.11 10.12
N GLY A 100 0.28 -2.84 10.27
CA GLY A 100 -0.95 -2.48 10.95
C GLY A 100 -2.18 -3.03 10.26
N ASP A 101 -2.99 -2.15 9.68
CA ASP A 101 -4.20 -2.55 8.99
C ASP A 101 -4.12 -2.21 7.50
N TYR A 102 -4.94 -2.88 6.70
CA TYR A 102 -4.96 -2.64 5.26
C TYR A 102 -6.03 -1.61 4.89
N SER A 103 -5.62 -0.59 4.14
CA SER A 103 -6.54 0.46 3.72
C SER A 103 -7.74 -0.13 3.00
N LYS A 104 -8.83 0.64 2.97
CA LYS A 104 -10.06 0.20 2.32
C LYS A 104 -9.76 -0.38 0.94
N ILE A 105 -9.94 -1.69 0.80
CA ILE A 105 -9.70 -2.37 -0.48
C ILE A 105 -10.10 -1.48 -1.65
N GLU A 106 -9.17 -1.27 -2.57
CA GLU A 106 -9.43 -0.45 -3.75
C GLU A 106 -9.60 -1.31 -4.99
N ILE A 107 -10.50 -0.90 -5.87
CA ILE A 107 -10.77 -1.63 -7.10
C ILE A 107 -10.60 -0.74 -8.32
N PHE A 108 -9.61 -1.06 -9.15
CA PHE A 108 -9.35 -0.29 -10.36
C PHE A 108 -9.32 -1.18 -11.59
N GLN A 109 -9.99 -0.74 -12.66
CA GLN A 109 -10.04 -1.50 -13.89
C GLN A 109 -9.17 -0.87 -14.97
N THR A 110 -8.18 -1.62 -15.44
CA THR A 110 -7.27 -1.12 -16.46
C THR A 110 -8.04 -0.66 -17.70
N LEU A 111 -7.38 0.15 -18.53
CA LEU A 111 -8.01 0.66 -19.74
C LEU A 111 -7.95 -0.37 -20.85
N PRO A 112 -9.04 -0.44 -21.65
CA PRO A 112 -9.13 -1.39 -22.77
C PRO A 112 -8.19 -1.03 -23.92
N VAL A 113 -7.27 -1.93 -24.23
CA VAL A 113 -6.31 -1.72 -25.30
C VAL A 113 -6.94 -0.93 -26.44
N SER A 114 -6.26 0.15 -26.85
CA SER A 114 -6.75 0.99 -27.93
C SER A 114 -5.77 1.00 -29.10
N GLY A 115 -6.31 1.12 -30.31
CA GLY A 115 -5.47 1.14 -31.50
C GLY A 115 -5.98 2.08 -32.55
N PRO A 116 -5.11 2.43 -33.52
CA PRO A 116 -5.47 3.35 -34.61
C PRO A 116 -6.46 2.73 -35.59
N SER A 117 -6.64 1.42 -35.48
CA SER A 117 -7.56 0.71 -36.36
C SER A 117 -8.79 1.55 -36.68
N SER A 118 -8.87 2.03 -37.92
CA SER A 118 -9.99 2.85 -38.35
C SER A 118 -11.30 2.09 -38.25
N GLY A 119 -11.27 0.82 -38.62
CA GLY A 119 -12.47 0.00 -38.57
C GLY A 119 -13.40 0.26 -39.73
N GLY A 1 -7.20 4.62 33.09
CA GLY A 1 -5.88 4.54 32.49
C GLY A 1 -5.04 5.76 32.81
N SER A 2 -3.76 5.71 32.43
CA SER A 2 -2.84 6.81 32.69
C SER A 2 -1.62 6.71 31.79
N SER A 3 -0.83 7.79 31.74
CA SER A 3 0.37 7.83 30.92
C SER A 3 1.18 9.09 31.19
N GLY A 4 2.37 9.17 30.60
CA GLY A 4 3.22 10.32 30.80
C GLY A 4 4.68 10.02 30.51
N SER A 5 5.53 11.03 30.66
CA SER A 5 6.95 10.88 30.41
C SER A 5 7.58 9.90 31.39
N SER A 6 7.73 8.64 30.97
CA SER A 6 8.31 7.61 31.81
C SER A 6 9.53 6.98 31.15
N GLY A 7 10.66 7.66 31.22
CA GLY A 7 11.88 7.14 30.62
C GLY A 7 11.68 6.74 29.17
N GLN A 8 12.29 5.63 28.77
CA GLN A 8 12.17 5.16 27.40
C GLN A 8 11.02 4.16 27.26
N GLU A 9 10.10 4.20 28.21
CA GLU A 9 8.96 3.30 28.20
C GLU A 9 7.65 4.08 28.16
N TYR A 10 7.63 5.15 27.36
CA TYR A 10 6.44 5.99 27.24
C TYR A 10 5.57 5.54 26.06
N ILE A 11 6.22 5.27 24.94
CA ILE A 11 5.51 4.83 23.74
C ILE A 11 6.12 3.54 23.18
N LEU A 12 7.45 3.48 23.17
CA LEU A 12 8.15 2.31 22.66
C LEU A 12 7.57 1.03 23.25
N ALA A 13 6.91 1.15 24.39
CA ALA A 13 6.30 0.01 25.06
C ALA A 13 4.89 -0.25 24.53
N LEU A 14 4.21 0.82 24.14
CA LEU A 14 2.85 0.72 23.62
C LEU A 14 2.84 0.76 22.09
N ALA A 15 4.04 0.77 21.50
CA ALA A 15 4.17 0.80 20.05
C ALA A 15 3.51 -0.42 19.41
N ASP A 16 2.42 -0.20 18.69
CA ASP A 16 1.70 -1.28 18.03
C ASP A 16 1.97 -1.27 16.53
N VAL A 17 1.35 -0.32 15.82
CA VAL A 17 1.53 -0.21 14.38
C VAL A 17 0.81 1.03 13.84
N PRO A 18 1.25 1.50 12.66
CA PRO A 18 0.66 2.66 12.00
C PRO A 18 -0.75 2.40 11.49
N SER A 19 -1.61 3.41 11.58
CA SER A 19 -2.99 3.28 11.13
C SER A 19 -3.06 3.22 9.61
N SER A 20 -4.15 2.68 9.09
CA SER A 20 -4.34 2.56 7.65
C SER A 20 -4.20 3.92 6.97
N PRO A 21 -3.54 3.93 5.80
CA PRO A 21 -3.32 5.14 5.02
C PRO A 21 -4.61 5.68 4.41
N TYR A 22 -4.58 6.94 3.99
CA TYR A 22 -5.74 7.58 3.39
C TYR A 22 -5.34 8.42 2.18
N GLY A 23 -6.34 8.89 1.43
CA GLY A 23 -6.07 9.71 0.27
C GLY A 23 -5.70 8.87 -0.95
N VAL A 24 -5.89 7.57 -0.84
CA VAL A 24 -5.56 6.66 -1.94
C VAL A 24 -6.36 7.01 -3.19
N LYS A 25 -5.66 7.10 -4.32
CA LYS A 25 -6.31 7.42 -5.59
C LYS A 25 -5.36 7.17 -6.75
N ILE A 26 -5.89 6.59 -7.83
CA ILE A 26 -5.09 6.31 -9.01
C ILE A 26 -5.02 7.51 -9.94
N ILE A 27 -3.87 8.19 -9.94
CA ILE A 27 -3.67 9.36 -10.78
C ILE A 27 -3.33 8.96 -12.22
N GLU A 28 -2.51 7.92 -12.36
CA GLU A 28 -2.11 7.44 -13.67
C GLU A 28 -2.55 6.00 -13.88
N LEU A 29 -3.66 5.82 -14.59
CA LEU A 29 -4.19 4.48 -14.85
C LEU A 29 -3.99 4.10 -16.32
N SER A 30 -3.37 2.94 -16.54
CA SER A 30 -3.12 2.47 -17.90
C SER A 30 -3.79 1.11 -18.13
N GLN A 31 -3.63 0.57 -19.34
CA GLN A 31 -4.22 -0.71 -19.69
C GLN A 31 -3.38 -1.86 -19.14
N THR A 32 -2.13 -1.58 -18.81
CA THR A 32 -1.22 -2.59 -18.29
C THR A 32 -0.63 -2.15 -16.95
N THR A 33 -0.47 -0.84 -16.77
CA THR A 33 0.08 -0.30 -15.54
C THR A 33 -0.95 0.51 -14.78
N ALA A 34 -0.69 0.75 -13.50
CA ALA A 34 -1.61 1.53 -12.66
C ALA A 34 -0.88 2.12 -11.46
N LYS A 35 -0.82 3.45 -11.41
CA LYS A 35 -0.16 4.14 -10.32
C LYS A 35 -1.16 4.55 -9.24
N VAL A 36 -0.80 4.32 -7.99
CA VAL A 36 -1.66 4.66 -6.87
C VAL A 36 -0.97 5.64 -5.91
N SER A 37 -1.53 6.84 -5.82
CA SER A 37 -0.97 7.88 -4.95
C SER A 37 -1.83 8.06 -3.70
N PHE A 38 -1.20 7.93 -2.53
CA PHE A 38 -1.91 8.09 -1.27
C PHE A 38 -1.15 9.04 -0.33
N ASN A 39 -1.69 9.24 0.86
CA ASN A 39 -1.06 10.11 1.84
C ASN A 39 -0.72 9.34 3.11
N LYS A 40 0.22 9.89 3.89
CA LYS A 40 0.64 9.25 5.13
C LYS A 40 -0.53 9.05 6.07
N PRO A 41 -0.41 8.06 6.97
CA PRO A 41 -1.47 7.74 7.93
C PRO A 41 -1.62 8.82 9.00
N ASP A 42 -2.86 9.18 9.29
CA ASP A 42 -3.14 10.20 10.30
C ASP A 42 -2.40 9.91 11.60
N SER A 43 -2.09 8.64 11.82
CA SER A 43 -1.39 8.23 13.03
C SER A 43 -0.35 7.14 12.71
N HIS A 44 0.61 6.97 13.62
CA HIS A 44 1.65 5.97 13.43
C HIS A 44 1.75 5.05 14.65
N GLY A 45 2.30 3.86 14.44
CA GLY A 45 2.44 2.91 15.53
C GLY A 45 3.57 3.26 16.48
N GLY A 46 3.53 4.47 17.02
CA GLY A 46 4.56 4.91 17.94
C GLY A 46 5.85 5.29 17.21
N VAL A 47 6.37 4.37 16.41
CA VAL A 47 7.60 4.60 15.67
C VAL A 47 7.30 5.10 14.26
N PRO A 48 8.26 5.81 13.66
CA PRO A 48 8.12 6.35 12.29
C PRO A 48 8.14 5.26 11.23
N ILE A 49 7.12 5.26 10.37
CA ILE A 49 7.02 4.27 9.31
C ILE A 49 8.31 4.19 8.51
N HIS A 50 8.52 3.05 7.85
CA HIS A 50 9.72 2.85 7.05
C HIS A 50 9.37 2.65 5.57
N HIS A 51 8.28 1.93 5.33
CA HIS A 51 7.83 1.66 3.97
C HIS A 51 6.33 1.35 3.93
N TYR A 52 5.82 1.02 2.76
CA TYR A 52 4.42 0.71 2.59
C TYR A 52 4.22 -0.63 1.90
N GLN A 53 3.26 -1.41 2.37
CA GLN A 53 2.98 -2.72 1.80
C GLN A 53 1.76 -2.66 0.88
N VAL A 54 1.96 -3.03 -0.38
CA VAL A 54 0.88 -3.01 -1.37
C VAL A 54 0.61 -4.42 -1.90
N ASP A 55 -0.67 -4.76 -2.04
CA ASP A 55 -1.06 -6.06 -2.54
C ASP A 55 -2.17 -5.94 -3.57
N VAL A 56 -1.89 -6.40 -4.79
CA VAL A 56 -2.87 -6.33 -5.88
C VAL A 56 -3.12 -7.72 -6.46
N LYS A 57 -4.36 -7.94 -6.93
CA LYS A 57 -4.73 -9.22 -7.52
C LYS A 57 -6.10 -9.12 -8.19
N GLU A 58 -6.27 -9.89 -9.26
CA GLU A 58 -7.53 -9.90 -9.99
C GLU A 58 -8.69 -10.27 -9.07
N VAL A 59 -9.85 -9.68 -9.33
CA VAL A 59 -11.05 -9.95 -8.53
C VAL A 59 -11.47 -11.41 -8.65
N ALA A 60 -10.82 -12.13 -9.55
CA ALA A 60 -11.12 -13.54 -9.77
C ALA A 60 -9.98 -14.43 -9.28
N SER A 61 -8.75 -13.97 -9.50
CA SER A 61 -7.56 -14.73 -9.09
C SER A 61 -7.57 -14.96 -7.58
N GLU A 62 -6.62 -15.77 -7.11
CA GLU A 62 -6.52 -16.08 -5.68
C GLU A 62 -5.13 -15.73 -5.15
N ILE A 63 -4.17 -15.60 -6.06
CA ILE A 63 -2.80 -15.26 -5.69
C ILE A 63 -2.64 -13.75 -5.52
N TRP A 64 -2.20 -13.33 -4.34
CA TRP A 64 -1.99 -11.92 -4.06
C TRP A 64 -0.56 -11.51 -4.36
N LYS A 65 -0.40 -10.47 -5.17
CA LYS A 65 0.92 -9.98 -5.55
C LYS A 65 1.33 -8.81 -4.66
N ILE A 66 2.46 -8.95 -3.97
CA ILE A 66 2.96 -7.90 -3.09
C ILE A 66 3.97 -7.02 -3.81
N VAL A 67 3.79 -5.71 -3.68
CA VAL A 67 4.70 -4.75 -4.32
C VAL A 67 5.19 -3.71 -3.31
N ARG A 68 6.44 -3.85 -2.90
CA ARG A 68 7.03 -2.92 -1.94
C ARG A 68 7.62 -1.71 -2.65
N SER A 69 7.71 -0.59 -1.94
CA SER A 69 8.24 0.64 -2.50
C SER A 69 9.75 0.75 -2.25
N HIS A 70 10.35 1.83 -2.72
CA HIS A 70 11.78 2.05 -2.54
C HIS A 70 12.03 3.18 -1.56
N GLY A 71 11.27 3.19 -0.46
CA GLY A 71 11.44 4.23 0.53
C GLY A 71 10.13 4.56 1.25
N VAL A 72 10.06 5.76 1.82
CA VAL A 72 8.87 6.19 2.52
C VAL A 72 7.92 6.95 1.59
N GLN A 73 7.92 6.55 0.32
CA GLN A 73 7.06 7.19 -0.67
C GLN A 73 5.68 6.55 -0.68
N THR A 74 4.66 7.37 -0.94
CA THR A 74 3.29 6.88 -0.97
C THR A 74 2.78 6.78 -2.40
N MET A 75 3.70 6.78 -3.35
CA MET A 75 3.35 6.68 -4.77
C MET A 75 4.15 5.57 -5.45
N VAL A 76 3.44 4.61 -6.02
CA VAL A 76 4.09 3.50 -6.72
C VAL A 76 3.28 3.06 -7.94
N VAL A 77 3.99 2.65 -8.98
CA VAL A 77 3.34 2.22 -10.21
C VAL A 77 3.34 0.69 -10.32
N LEU A 78 2.19 0.13 -10.68
CA LEU A 78 2.06 -1.31 -10.82
C LEU A 78 2.22 -1.74 -12.29
N ASN A 79 2.78 -2.93 -12.48
CA ASN A 79 2.99 -3.46 -13.83
C ASN A 79 2.53 -4.92 -13.92
N ASN A 80 2.69 -5.50 -15.11
CA ASN A 80 2.30 -6.89 -15.33
C ASN A 80 0.81 -7.07 -15.09
N LEU A 81 0.00 -6.25 -15.75
CA LEU A 81 -1.45 -6.32 -15.62
C LEU A 81 -2.11 -6.45 -16.98
N GLU A 82 -3.18 -7.24 -17.03
CA GLU A 82 -3.91 -7.45 -18.28
C GLU A 82 -4.90 -6.31 -18.53
N PRO A 83 -5.04 -5.91 -19.80
CA PRO A 83 -5.95 -4.84 -20.21
C PRO A 83 -7.42 -5.23 -20.06
N ASN A 84 -8.29 -4.23 -19.99
CA ASN A 84 -9.72 -4.47 -19.85
C ASN A 84 -10.00 -5.47 -18.73
N THR A 85 -9.24 -5.35 -17.65
CA THR A 85 -9.40 -6.24 -16.51
C THR A 85 -9.46 -5.45 -15.21
N THR A 86 -10.06 -6.05 -14.18
CA THR A 86 -10.17 -5.40 -12.88
C THR A 86 -9.27 -6.06 -11.84
N TYR A 87 -8.70 -5.25 -10.96
CA TYR A 87 -7.81 -5.75 -9.93
C TYR A 87 -8.04 -5.04 -8.60
N GLU A 88 -7.93 -5.79 -7.50
CA GLU A 88 -8.13 -5.22 -6.18
C GLU A 88 -6.80 -4.94 -5.49
N ILE A 89 -6.58 -3.68 -5.13
CA ILE A 89 -5.36 -3.27 -4.47
C ILE A 89 -5.63 -2.73 -3.07
N ARG A 90 -4.64 -2.84 -2.20
CA ARG A 90 -4.78 -2.37 -0.82
C ARG A 90 -3.47 -1.75 -0.33
N VAL A 91 -3.58 -0.62 0.36
CA VAL A 91 -2.41 0.08 0.89
C VAL A 91 -2.33 -0.07 2.41
N ALA A 92 -1.14 -0.43 2.89
CA ALA A 92 -0.93 -0.60 4.32
C ALA A 92 0.39 0.03 4.76
N ALA A 93 0.47 0.42 6.03
CA ALA A 93 1.67 1.03 6.57
C ALA A 93 2.48 0.02 7.39
N VAL A 94 3.76 -0.10 7.06
CA VAL A 94 4.65 -1.03 7.76
C VAL A 94 5.76 -0.29 8.48
N ASN A 95 5.75 -0.35 9.81
CA ASN A 95 6.76 0.32 10.62
C ASN A 95 7.63 -0.70 11.36
N GLY A 96 8.72 -0.22 11.94
CA GLY A 96 9.62 -1.10 12.67
C GLY A 96 8.87 -2.05 13.60
N LYS A 97 7.64 -1.68 13.95
CA LYS A 97 6.82 -2.50 14.82
C LYS A 97 6.20 -3.67 14.06
N GLY A 98 5.64 -3.38 12.89
CA GLY A 98 5.03 -4.42 12.09
C GLY A 98 4.08 -3.85 11.04
N GLN A 99 3.31 -4.73 10.41
CA GLN A 99 2.36 -4.32 9.39
C GLN A 99 1.00 -4.00 9.99
N GLY A 100 0.61 -2.73 9.92
CA GLY A 100 -0.68 -2.32 10.47
C GLY A 100 -1.85 -2.97 9.76
N ASP A 101 -2.93 -2.21 9.59
CA ASP A 101 -4.12 -2.72 8.91
C ASP A 101 -4.23 -2.17 7.51
N TYR A 102 -4.73 -2.99 6.58
CA TYR A 102 -4.86 -2.58 5.19
C TYR A 102 -6.01 -1.59 5.03
N SER A 103 -5.85 -0.63 4.12
CA SER A 103 -6.86 0.38 3.88
C SER A 103 -8.04 -0.20 3.09
N LYS A 104 -9.16 0.49 3.13
CA LYS A 104 -10.35 0.05 2.41
C LYS A 104 -10.00 -0.50 1.04
N ILE A 105 -10.13 -1.82 0.88
CA ILE A 105 -9.82 -2.48 -0.38
C ILE A 105 -10.22 -1.60 -1.57
N GLU A 106 -9.27 -1.35 -2.45
CA GLU A 106 -9.53 -0.52 -3.63
C GLU A 106 -9.66 -1.39 -4.89
N ILE A 107 -10.59 -1.01 -5.75
CA ILE A 107 -10.82 -1.75 -6.99
C ILE A 107 -10.66 -0.85 -8.21
N PHE A 108 -9.64 -1.13 -9.01
CA PHE A 108 -9.38 -0.34 -10.21
C PHE A 108 -9.30 -1.24 -11.45
N GLN A 109 -9.85 -0.76 -12.55
CA GLN A 109 -9.85 -1.52 -13.80
C GLN A 109 -8.94 -0.86 -14.83
N THR A 110 -7.98 -1.63 -15.34
CA THR A 110 -7.04 -1.12 -16.33
C THR A 110 -7.78 -0.57 -17.55
N LEU A 111 -7.13 0.35 -18.25
CA LEU A 111 -7.72 0.95 -19.44
C LEU A 111 -7.96 -0.10 -20.52
N PRO A 112 -9.12 -0.01 -21.20
CA PRO A 112 -9.49 -0.94 -22.28
C PRO A 112 -8.63 -0.76 -23.52
N VAL A 113 -7.91 -1.82 -23.89
CA VAL A 113 -7.05 -1.79 -25.07
C VAL A 113 -7.74 -1.08 -26.23
N SER A 114 -7.16 0.03 -26.67
CA SER A 114 -7.72 0.80 -27.77
C SER A 114 -6.78 0.79 -28.97
N GLY A 115 -6.97 -0.19 -29.86
CA GLY A 115 -6.14 -0.29 -31.04
C GLY A 115 -6.92 -0.14 -32.33
N PRO A 116 -6.26 -0.35 -33.47
CA PRO A 116 -6.87 -0.22 -34.79
C PRO A 116 -7.88 -1.35 -35.06
N SER A 117 -8.05 -2.22 -34.08
CA SER A 117 -8.98 -3.35 -34.21
C SER A 117 -10.38 -2.95 -33.74
N SER A 118 -11.23 -2.59 -34.69
CA SER A 118 -12.60 -2.19 -34.38
C SER A 118 -13.20 -3.10 -33.31
N GLY A 119 -14.12 -2.55 -32.51
CA GLY A 119 -14.75 -3.32 -31.46
C GLY A 119 -15.98 -4.06 -31.96
N GLY A 1 12.97 13.03 40.90
CA GLY A 1 13.03 11.61 41.21
C GLY A 1 12.50 10.75 40.08
N SER A 2 13.33 9.83 39.59
CA SER A 2 12.93 8.95 38.50
C SER A 2 13.83 7.72 38.45
N SER A 3 13.41 6.72 37.68
CA SER A 3 14.19 5.49 37.55
C SER A 3 14.63 5.29 36.10
N GLY A 4 15.88 4.86 35.93
CA GLY A 4 16.41 4.64 34.60
C GLY A 4 16.35 5.87 33.72
N SER A 5 17.49 6.54 33.56
CA SER A 5 17.55 7.75 32.75
C SER A 5 17.29 7.45 31.28
N SER A 6 18.15 6.62 30.69
CA SER A 6 18.01 6.25 29.29
C SER A 6 17.38 4.87 29.16
N GLY A 7 16.29 4.80 28.39
CA GLY A 7 15.61 3.53 28.20
C GLY A 7 15.33 3.24 26.73
N GLN A 8 15.44 1.97 26.36
CA GLN A 8 15.20 1.56 24.98
C GLN A 8 13.75 1.09 24.78
N GLU A 9 12.96 1.19 25.85
CA GLU A 9 11.56 0.77 25.80
C GLU A 9 10.65 1.91 26.23
N TYR A 10 11.23 3.07 26.52
CA TYR A 10 10.46 4.22 26.95
C TYR A 10 9.16 4.36 26.16
N ILE A 11 9.23 4.04 24.87
CA ILE A 11 8.07 4.11 24.00
C ILE A 11 7.92 2.84 23.17
N LEU A 12 9.05 2.26 22.78
CA LEU A 12 9.05 1.04 21.98
C LEU A 12 8.19 -0.03 22.63
N ALA A 13 7.99 0.09 23.94
CA ALA A 13 7.18 -0.88 24.69
C ALA A 13 5.70 -0.50 24.64
N LEU A 14 5.43 0.80 24.60
CA LEU A 14 4.06 1.29 24.56
C LEU A 14 3.68 1.72 23.14
N ALA A 15 4.49 1.31 22.17
CA ALA A 15 4.23 1.64 20.77
C ALA A 15 3.25 0.66 20.14
N ASP A 16 3.00 0.83 18.85
CA ASP A 16 2.08 -0.04 18.13
C ASP A 16 2.17 0.21 16.62
N VAL A 17 1.75 -0.78 15.84
CA VAL A 17 1.78 -0.66 14.38
C VAL A 17 0.97 0.53 13.91
N PRO A 18 1.35 1.08 12.75
CA PRO A 18 0.67 2.24 12.16
C PRO A 18 -0.72 1.90 11.65
N SER A 19 -1.60 2.90 11.60
CA SER A 19 -2.97 2.70 11.15
C SER A 19 -3.03 2.72 9.62
N SER A 20 -4.17 2.28 9.07
CA SER A 20 -4.36 2.25 7.63
C SER A 20 -4.35 3.66 7.05
N PRO A 21 -3.72 3.82 5.88
CA PRO A 21 -3.62 5.11 5.19
C PRO A 21 -4.96 5.58 4.64
N TYR A 22 -4.95 6.72 3.96
CA TYR A 22 -6.17 7.28 3.39
C TYR A 22 -5.86 8.11 2.15
N GLY A 23 -6.90 8.47 1.41
CA GLY A 23 -6.72 9.27 0.21
C GLY A 23 -6.32 8.42 -0.98
N VAL A 24 -5.80 7.23 -0.72
CA VAL A 24 -5.37 6.33 -1.77
C VAL A 24 -6.27 6.45 -2.99
N LYS A 25 -5.76 7.08 -4.05
CA LYS A 25 -6.52 7.26 -5.28
C LYS A 25 -5.63 7.10 -6.50
N ILE A 26 -6.17 6.51 -7.55
CA ILE A 26 -5.42 6.31 -8.79
C ILE A 26 -5.40 7.57 -9.64
N ILE A 27 -4.22 8.16 -9.78
CA ILE A 27 -4.06 9.38 -10.57
C ILE A 27 -3.71 9.05 -12.02
N GLU A 28 -2.80 8.10 -12.19
CA GLU A 28 -2.38 7.69 -13.53
C GLU A 28 -2.62 6.20 -13.75
N LEU A 29 -3.70 5.88 -14.46
CA LEU A 29 -4.06 4.50 -14.74
C LEU A 29 -3.85 4.17 -16.21
N SER A 30 -3.13 3.07 -16.47
CA SER A 30 -2.87 2.65 -17.84
C SER A 30 -3.53 1.31 -18.13
N GLN A 31 -3.25 0.77 -19.32
CA GLN A 31 -3.82 -0.51 -19.73
C GLN A 31 -3.11 -1.67 -19.05
N THR A 32 -1.80 -1.53 -18.86
CA THR A 32 -1.00 -2.56 -18.23
C THR A 32 -0.39 -2.07 -16.91
N THR A 33 -0.29 -0.74 -16.78
CA THR A 33 0.26 -0.15 -15.57
C THR A 33 -0.80 0.64 -14.80
N ALA A 34 -0.56 0.85 -13.51
CA ALA A 34 -1.49 1.59 -12.67
C ALA A 34 -0.77 2.26 -11.50
N LYS A 35 -0.80 3.58 -11.48
CA LYS A 35 -0.14 4.34 -10.42
C LYS A 35 -1.14 4.70 -9.31
N VAL A 36 -0.81 4.33 -8.08
CA VAL A 36 -1.67 4.62 -6.94
C VAL A 36 -1.02 5.61 -5.99
N SER A 37 -1.70 6.74 -5.77
CA SER A 37 -1.17 7.77 -4.89
C SER A 37 -2.02 7.89 -3.62
N PHE A 38 -1.38 7.68 -2.47
CA PHE A 38 -2.07 7.76 -1.19
C PHE A 38 -1.37 8.73 -0.25
N ASN A 39 -1.92 8.88 0.95
CA ASN A 39 -1.35 9.79 1.95
C ASN A 39 -1.03 9.04 3.24
N LYS A 40 -0.18 9.64 4.06
CA LYS A 40 0.20 9.04 5.33
C LYS A 40 -1.03 8.74 6.19
N PRO A 41 -0.92 7.71 7.04
CA PRO A 41 -2.00 7.30 7.93
C PRO A 41 -2.26 8.32 9.04
N ASP A 42 -3.53 8.49 9.40
CA ASP A 42 -3.90 9.42 10.45
C ASP A 42 -3.04 9.22 11.70
N SER A 43 -2.52 8.01 11.85
CA SER A 43 -1.67 7.69 13.00
C SER A 43 -0.59 6.69 12.61
N HIS A 44 0.66 7.03 12.93
CA HIS A 44 1.79 6.17 12.61
C HIS A 44 2.22 5.36 13.84
N GLY A 45 1.90 5.88 15.02
CA GLY A 45 2.26 5.20 16.25
C GLY A 45 3.44 5.85 16.94
N GLY A 46 4.28 5.03 17.57
CA GLY A 46 5.45 5.55 18.27
C GLY A 46 6.66 5.65 17.37
N VAL A 47 6.75 4.75 16.40
CA VAL A 47 7.87 4.74 15.47
C VAL A 47 7.44 5.16 14.07
N PRO A 48 8.36 5.82 13.35
CA PRO A 48 8.09 6.30 11.98
C PRO A 48 7.98 5.16 10.98
N ILE A 49 7.07 5.31 10.02
CA ILE A 49 6.87 4.28 8.99
C ILE A 49 8.12 4.10 8.14
N HIS A 50 8.49 2.84 7.90
CA HIS A 50 9.65 2.53 7.10
C HIS A 50 9.29 2.45 5.61
N HIS A 51 8.33 1.60 5.29
CA HIS A 51 7.89 1.43 3.91
C HIS A 51 6.41 1.08 3.85
N TYR A 52 5.90 0.87 2.64
CA TYR A 52 4.49 0.53 2.45
C TYR A 52 4.35 -0.78 1.69
N GLN A 53 3.37 -1.58 2.10
CA GLN A 53 3.12 -2.87 1.46
C GLN A 53 1.85 -2.83 0.62
N VAL A 54 2.02 -2.98 -0.70
CA VAL A 54 0.89 -2.95 -1.62
C VAL A 54 0.60 -4.36 -2.16
N ASP A 55 -0.67 -4.73 -2.14
CA ASP A 55 -1.09 -6.04 -2.63
C ASP A 55 -2.21 -5.91 -3.65
N VAL A 56 -1.98 -6.43 -4.85
CA VAL A 56 -2.97 -6.37 -5.93
C VAL A 56 -3.22 -7.74 -6.52
N LYS A 57 -4.45 -7.97 -6.98
CA LYS A 57 -4.82 -9.25 -7.58
C LYS A 57 -6.17 -9.16 -8.28
N GLU A 58 -6.36 -9.99 -9.29
CA GLU A 58 -7.61 -10.00 -10.04
C GLU A 58 -8.78 -10.44 -9.16
N VAL A 59 -9.90 -9.73 -9.28
CA VAL A 59 -11.08 -10.05 -8.50
C VAL A 59 -11.46 -11.52 -8.63
N ALA A 60 -10.95 -12.16 -9.67
CA ALA A 60 -11.23 -13.58 -9.91
C ALA A 60 -10.09 -14.45 -9.40
N SER A 61 -8.86 -13.99 -9.59
CA SER A 61 -7.68 -14.74 -9.16
C SER A 61 -7.76 -15.04 -7.67
N GLU A 62 -6.82 -15.85 -7.18
CA GLU A 62 -6.79 -16.24 -5.77
C GLU A 62 -5.44 -15.88 -5.16
N ILE A 63 -4.42 -15.72 -6.00
CA ILE A 63 -3.08 -15.38 -5.54
C ILE A 63 -2.90 -13.88 -5.47
N TRP A 64 -2.32 -13.42 -4.36
CA TRP A 64 -2.08 -11.99 -4.17
C TRP A 64 -0.64 -11.63 -4.50
N LYS A 65 -0.45 -10.49 -5.16
CA LYS A 65 0.88 -10.03 -5.54
C LYS A 65 1.32 -8.87 -4.66
N ILE A 66 2.43 -9.05 -3.96
CA ILE A 66 2.97 -8.00 -3.08
C ILE A 66 4.06 -7.21 -3.79
N VAL A 67 4.01 -5.89 -3.64
CA VAL A 67 4.99 -5.00 -4.26
C VAL A 67 5.42 -3.91 -3.30
N ARG A 68 6.66 -4.02 -2.81
CA ARG A 68 7.21 -3.03 -1.87
C ARG A 68 7.85 -1.88 -2.63
N SER A 69 7.84 -0.70 -2.01
CA SER A 69 8.43 0.49 -2.62
C SER A 69 9.91 0.62 -2.26
N HIS A 70 10.58 1.56 -2.89
CA HIS A 70 12.00 1.78 -2.63
C HIS A 70 12.21 2.45 -1.28
N GLY A 71 11.72 3.68 -1.15
CA GLY A 71 11.86 4.42 0.10
C GLY A 71 10.57 4.49 0.88
N VAL A 72 10.30 5.63 1.48
CA VAL A 72 9.08 5.82 2.26
C VAL A 72 8.00 6.53 1.44
N GLN A 73 8.23 6.63 0.14
CA GLN A 73 7.28 7.28 -0.75
C GLN A 73 5.86 6.80 -0.47
N THR A 74 4.88 7.55 -0.97
CA THR A 74 3.48 7.21 -0.76
C THR A 74 2.78 6.90 -2.09
N MET A 75 3.58 6.79 -3.14
CA MET A 75 3.05 6.49 -4.47
C MET A 75 3.83 5.36 -5.13
N VAL A 76 3.11 4.39 -5.69
CA VAL A 76 3.74 3.25 -6.35
C VAL A 76 3.03 2.92 -7.66
N VAL A 77 3.79 2.42 -8.63
CA VAL A 77 3.24 2.06 -9.92
C VAL A 77 3.22 0.55 -10.12
N LEU A 78 2.09 0.02 -10.56
CA LEU A 78 1.94 -1.41 -10.79
C LEU A 78 2.17 -1.75 -12.25
N ASN A 79 2.64 -2.98 -12.50
CA ASN A 79 2.91 -3.44 -13.85
C ASN A 79 2.50 -4.90 -14.03
N ASN A 80 2.73 -5.43 -15.23
CA ASN A 80 2.39 -6.82 -15.52
C ASN A 80 0.89 -7.06 -15.32
N LEU A 81 0.08 -6.11 -15.78
CA LEU A 81 -1.37 -6.23 -15.65
C LEU A 81 -2.03 -6.28 -17.03
N GLU A 82 -3.11 -7.07 -17.13
CA GLU A 82 -3.83 -7.21 -18.38
C GLU A 82 -4.85 -6.10 -18.55
N PRO A 83 -5.00 -5.60 -19.79
CA PRO A 83 -5.93 -4.52 -20.11
C PRO A 83 -7.38 -4.98 -20.03
N ASN A 84 -8.29 -4.02 -19.89
CA ASN A 84 -9.72 -4.32 -19.79
C ASN A 84 -9.98 -5.32 -18.67
N THR A 85 -9.22 -5.22 -17.59
CA THR A 85 -9.37 -6.11 -16.45
C THR A 85 -9.43 -5.34 -15.15
N THR A 86 -10.08 -5.92 -14.15
CA THR A 86 -10.22 -5.29 -12.84
C THR A 86 -9.35 -5.97 -11.80
N TYR A 87 -8.70 -5.17 -10.97
CA TYR A 87 -7.81 -5.69 -9.93
C TYR A 87 -8.04 -4.95 -8.61
N GLU A 88 -8.02 -5.70 -7.51
CA GLU A 88 -8.22 -5.12 -6.19
C GLU A 88 -6.88 -4.85 -5.52
N ILE A 89 -6.65 -3.58 -5.17
CA ILE A 89 -5.41 -3.18 -4.52
C ILE A 89 -5.68 -2.61 -3.13
N ARG A 90 -4.71 -2.77 -2.23
CA ARG A 90 -4.84 -2.27 -0.87
C ARG A 90 -3.50 -1.78 -0.34
N VAL A 91 -3.51 -0.60 0.28
CA VAL A 91 -2.29 -0.01 0.83
C VAL A 91 -2.20 -0.24 2.33
N ALA A 92 -0.99 -0.53 2.81
CA ALA A 92 -0.77 -0.77 4.23
C ALA A 92 0.56 -0.17 4.69
N ALA A 93 0.59 0.30 5.93
CA ALA A 93 1.80 0.88 6.49
C ALA A 93 2.57 -0.12 7.32
N VAL A 94 3.87 -0.26 7.05
CA VAL A 94 4.71 -1.19 7.77
C VAL A 94 5.89 -0.47 8.43
N ASN A 95 6.05 -0.68 9.74
CA ASN A 95 7.13 -0.05 10.48
C ASN A 95 7.83 -1.07 11.37
N GLY A 96 8.94 -0.64 11.99
CA GLY A 96 9.69 -1.52 12.86
C GLY A 96 8.78 -2.35 13.75
N LYS A 97 7.59 -1.85 14.02
CA LYS A 97 6.63 -2.55 14.87
C LYS A 97 6.07 -3.77 14.15
N GLY A 98 5.58 -3.56 12.93
CA GLY A 98 5.02 -4.67 12.17
C GLY A 98 4.23 -4.18 10.97
N GLN A 99 3.18 -4.92 10.62
CA GLN A 99 2.34 -4.57 9.48
C GLN A 99 0.95 -4.13 9.95
N GLY A 100 0.74 -2.82 10.01
CA GLY A 100 -0.54 -2.29 10.44
C GLY A 100 -1.69 -2.83 9.63
N ASP A 101 -2.89 -2.31 9.86
CA ASP A 101 -4.08 -2.75 9.15
C ASP A 101 -4.09 -2.21 7.72
N TYR A 102 -4.85 -2.84 6.86
CA TYR A 102 -4.95 -2.43 5.46
C TYR A 102 -6.03 -1.36 5.27
N SER A 103 -5.89 -0.57 4.22
CA SER A 103 -6.85 0.49 3.93
C SER A 103 -7.99 -0.03 3.07
N LYS A 104 -9.13 0.65 3.13
CA LYS A 104 -10.30 0.26 2.35
C LYS A 104 -9.89 -0.32 1.00
N ILE A 105 -10.18 -1.60 0.79
CA ILE A 105 -9.85 -2.26 -0.46
C ILE A 105 -10.24 -1.41 -1.65
N GLU A 106 -9.28 -1.15 -2.53
CA GLU A 106 -9.53 -0.34 -3.72
C GLU A 106 -9.71 -1.24 -4.95
N ILE A 107 -10.57 -0.80 -5.87
CA ILE A 107 -10.82 -1.56 -7.09
C ILE A 107 -10.66 -0.68 -8.32
N PHE A 108 -9.65 -1.00 -9.14
CA PHE A 108 -9.39 -0.25 -10.36
C PHE A 108 -9.33 -1.17 -11.57
N GLN A 109 -9.85 -0.70 -12.70
CA GLN A 109 -9.87 -1.48 -13.92
C GLN A 109 -9.02 -0.80 -15.01
N THR A 110 -7.96 -1.49 -15.43
CA THR A 110 -7.08 -0.96 -16.47
C THR A 110 -7.87 -0.45 -17.67
N LEU A 111 -7.19 0.22 -18.59
CA LEU A 111 -7.83 0.75 -19.78
C LEU A 111 -7.74 -0.25 -20.93
N PRO A 112 -8.81 -0.32 -21.74
CA PRO A 112 -8.86 -1.22 -22.90
C PRO A 112 -7.92 -0.80 -24.01
N VAL A 113 -6.96 -1.66 -24.34
CA VAL A 113 -6.00 -1.38 -25.40
C VAL A 113 -6.66 -0.66 -26.55
N SER A 114 -5.96 0.34 -27.09
CA SER A 114 -6.48 1.11 -28.21
C SER A 114 -5.64 0.90 -29.47
N GLY A 115 -6.20 0.17 -30.43
CA GLY A 115 -5.50 -0.11 -31.67
C GLY A 115 -6.32 0.22 -32.90
N PRO A 116 -5.89 -0.28 -34.06
CA PRO A 116 -6.57 -0.06 -35.34
C PRO A 116 -7.90 -0.78 -35.41
N SER A 117 -9.00 -0.02 -35.38
CA SER A 117 -10.33 -0.60 -35.44
C SER A 117 -10.71 -0.95 -36.88
N SER A 118 -10.35 -2.16 -37.29
CA SER A 118 -10.64 -2.62 -38.65
C SER A 118 -12.09 -3.09 -38.76
N GLY A 119 -12.73 -2.75 -39.88
CA GLY A 119 -14.10 -3.14 -40.09
C GLY A 119 -14.92 -2.05 -40.78
N GLY A 1 -3.48 -7.39 32.61
CA GLY A 1 -2.30 -6.79 32.02
C GLY A 1 -1.21 -6.56 33.04
N SER A 2 -0.15 -7.36 32.99
CA SER A 2 0.96 -7.25 33.92
C SER A 2 2.15 -6.58 33.24
N SER A 3 2.90 -5.80 34.03
CA SER A 3 4.07 -5.09 33.52
C SER A 3 5.18 -5.06 34.56
N GLY A 4 6.34 -4.54 34.16
CA GLY A 4 7.47 -4.46 35.07
C GLY A 4 8.72 -3.94 34.40
N SER A 5 9.02 -4.46 33.21
CA SER A 5 10.20 -4.05 32.47
C SER A 5 10.36 -2.53 32.51
N SER A 6 11.61 -2.07 32.50
CA SER A 6 11.91 -0.65 32.54
C SER A 6 13.18 -0.34 31.77
N GLY A 7 13.26 0.88 31.24
CA GLY A 7 14.44 1.28 30.48
C GLY A 7 14.14 1.48 29.01
N GLN A 8 15.04 0.99 28.16
CA GLN A 8 14.87 1.12 26.72
C GLN A 8 13.42 0.92 26.32
N GLU A 9 12.68 0.17 27.14
CA GLU A 9 11.28 -0.09 26.87
C GLU A 9 10.40 1.06 27.36
N TYR A 10 10.91 2.28 27.24
CA TYR A 10 10.17 3.46 27.68
C TYR A 10 8.92 3.67 26.82
N ILE A 11 9.11 3.71 25.50
CA ILE A 11 8.00 3.89 24.59
C ILE A 11 7.93 2.76 23.56
N LEU A 12 9.09 2.35 23.07
CA LEU A 12 9.16 1.26 22.09
C LEU A 12 8.41 0.03 22.59
N ALA A 13 8.15 -0.02 23.89
CA ALA A 13 7.44 -1.14 24.49
C ALA A 13 5.94 -0.92 24.46
N LEU A 14 5.52 0.34 24.59
CA LEU A 14 4.10 0.69 24.57
C LEU A 14 3.68 1.14 23.17
N ALA A 15 4.58 1.03 22.21
CA ALA A 15 4.30 1.42 20.84
C ALA A 15 3.27 0.49 20.21
N ASP A 16 2.80 0.85 19.01
CA ASP A 16 1.81 0.05 18.30
C ASP A 16 1.97 0.20 16.80
N VAL A 17 1.34 -0.69 16.04
CA VAL A 17 1.41 -0.65 14.58
C VAL A 17 0.74 0.59 14.04
N PRO A 18 1.21 1.07 12.88
CA PRO A 18 0.67 2.26 12.22
C PRO A 18 -0.73 2.02 11.65
N SER A 19 -1.53 3.08 11.61
CA SER A 19 -2.90 2.98 11.09
C SER A 19 -2.90 2.98 9.57
N SER A 20 -4.00 2.51 8.99
CA SER A 20 -4.13 2.46 7.54
C SER A 20 -4.09 3.85 6.93
N PRO A 21 -3.42 3.98 5.77
CA PRO A 21 -3.30 5.26 5.07
C PRO A 21 -4.63 5.72 4.47
N TYR A 22 -4.61 6.90 3.85
CA TYR A 22 -5.82 7.45 3.24
C TYR A 22 -5.47 8.24 1.98
N GLY A 23 -6.50 8.67 1.26
CA GLY A 23 -6.28 9.44 0.05
C GLY A 23 -5.92 8.56 -1.13
N VAL A 24 -5.61 7.29 -0.85
CA VAL A 24 -5.23 6.36 -1.90
C VAL A 24 -6.23 6.38 -3.06
N LYS A 25 -5.78 6.91 -4.20
CA LYS A 25 -6.64 6.99 -5.38
C LYS A 25 -5.79 6.95 -6.65
N ILE A 26 -6.26 6.18 -7.64
CA ILE A 26 -5.55 6.07 -8.91
C ILE A 26 -5.72 7.33 -9.75
N ILE A 27 -4.61 7.99 -10.05
CA ILE A 27 -4.63 9.20 -10.85
C ILE A 27 -4.25 8.91 -12.30
N GLU A 28 -3.23 8.08 -12.49
CA GLU A 28 -2.78 7.72 -13.83
C GLU A 28 -2.96 6.22 -14.08
N LEU A 29 -4.12 5.87 -14.61
CA LEU A 29 -4.42 4.47 -14.90
C LEU A 29 -4.16 4.15 -16.37
N SER A 30 -3.56 3.00 -16.63
CA SER A 30 -3.26 2.58 -18.00
C SER A 30 -3.86 1.21 -18.29
N GLN A 31 -3.56 0.68 -19.47
CA GLN A 31 -4.07 -0.63 -19.86
C GLN A 31 -3.29 -1.75 -19.17
N THR A 32 -2.04 -1.48 -18.83
CA THR A 32 -1.20 -2.46 -18.16
C THR A 32 -0.62 -1.90 -16.87
N THR A 33 -0.46 -0.58 -16.82
CA THR A 33 0.09 0.08 -15.63
C THR A 33 -1.00 0.84 -14.89
N ALA A 34 -0.78 1.06 -13.59
CA ALA A 34 -1.73 1.78 -12.76
C ALA A 34 -1.04 2.52 -11.64
N LYS A 35 -1.12 3.85 -11.66
CA LYS A 35 -0.49 4.68 -10.64
C LYS A 35 -1.44 4.90 -9.46
N VAL A 36 -0.94 4.64 -8.25
CA VAL A 36 -1.74 4.81 -7.05
C VAL A 36 -1.13 5.86 -6.13
N SER A 37 -1.87 6.95 -5.92
CA SER A 37 -1.40 8.04 -5.07
C SER A 37 -2.13 8.03 -3.73
N PHE A 38 -1.37 7.95 -2.65
CA PHE A 38 -1.94 7.94 -1.30
C PHE A 38 -1.21 8.91 -0.39
N ASN A 39 -1.68 9.02 0.85
CA ASN A 39 -1.07 9.91 1.82
C ASN A 39 -0.61 9.14 3.06
N LYS A 40 0.09 9.82 3.96
CA LYS A 40 0.59 9.21 5.18
C LYS A 40 -0.57 8.88 6.12
N PRO A 41 -0.36 7.85 6.96
CA PRO A 41 -1.38 7.40 7.92
C PRO A 41 -1.59 8.41 9.05
N ASP A 42 -2.84 8.80 9.27
CA ASP A 42 -3.16 9.75 10.32
C ASP A 42 -2.25 9.57 11.53
N SER A 43 -1.88 8.33 11.80
CA SER A 43 -1.01 8.02 12.93
C SER A 43 -0.07 6.86 12.60
N HIS A 44 1.20 7.00 12.95
CA HIS A 44 2.19 5.97 12.68
C HIS A 44 2.26 4.98 13.84
N GLY A 45 1.53 5.28 14.92
CA GLY A 45 1.53 4.40 16.08
C GLY A 45 2.48 4.88 17.16
N GLY A 46 3.57 4.14 17.36
CA GLY A 46 4.54 4.50 18.37
C GLY A 46 5.97 4.43 17.86
N VAL A 47 6.11 4.17 16.57
CA VAL A 47 7.43 4.08 15.95
C VAL A 47 7.41 4.58 14.51
N PRO A 48 8.57 4.99 14.00
CA PRO A 48 8.71 5.50 12.63
C PRO A 48 8.54 4.40 11.58
N ILE A 49 7.65 4.64 10.63
CA ILE A 49 7.39 3.67 9.57
C ILE A 49 8.66 3.35 8.79
N HIS A 50 8.74 2.12 8.27
CA HIS A 50 9.90 1.69 7.51
C HIS A 50 9.63 1.77 6.02
N HIS A 51 8.50 1.22 5.59
CA HIS A 51 8.13 1.24 4.18
C HIS A 51 6.63 0.93 4.01
N TYR A 52 6.15 1.04 2.78
CA TYR A 52 4.76 0.76 2.48
C TYR A 52 4.61 -0.50 1.65
N GLN A 53 3.52 -1.23 1.86
CA GLN A 53 3.26 -2.46 1.13
C GLN A 53 2.04 -2.32 0.24
N VAL A 54 2.07 -2.98 -0.91
CA VAL A 54 0.96 -2.94 -1.86
C VAL A 54 0.63 -4.33 -2.39
N ASP A 55 -0.60 -4.76 -2.17
CA ASP A 55 -1.04 -6.07 -2.63
C ASP A 55 -2.14 -5.94 -3.69
N VAL A 56 -1.82 -6.28 -4.92
CA VAL A 56 -2.77 -6.20 -6.02
C VAL A 56 -2.98 -7.56 -6.67
N LYS A 57 -4.22 -7.82 -7.09
CA LYS A 57 -4.56 -9.09 -7.73
C LYS A 57 -5.92 -9.01 -8.40
N GLU A 58 -6.24 -10.02 -9.20
CA GLU A 58 -7.52 -10.07 -9.90
C GLU A 58 -8.65 -10.46 -8.95
N VAL A 59 -9.79 -9.78 -9.08
CA VAL A 59 -10.94 -10.05 -8.23
C VAL A 59 -11.35 -11.52 -8.33
N ALA A 60 -10.83 -12.22 -9.33
CA ALA A 60 -11.15 -13.63 -9.54
C ALA A 60 -10.03 -14.51 -8.99
N SER A 61 -8.79 -14.09 -9.19
CA SER A 61 -7.63 -14.85 -8.73
C SER A 61 -7.49 -14.77 -7.21
N GLU A 62 -6.80 -15.73 -6.62
CA GLU A 62 -6.60 -15.76 -5.18
C GLU A 62 -5.12 -15.61 -4.84
N ILE A 63 -4.38 -14.94 -5.72
CA ILE A 63 -2.95 -14.72 -5.52
C ILE A 63 -2.65 -13.23 -5.35
N TRP A 64 -2.32 -12.83 -4.13
CA TRP A 64 -2.00 -11.44 -3.84
C TRP A 64 -0.55 -11.13 -4.19
N LYS A 65 -0.35 -10.19 -5.11
CA LYS A 65 0.99 -9.81 -5.53
C LYS A 65 1.50 -8.62 -4.70
N ILE A 66 2.60 -8.84 -3.99
CA ILE A 66 3.18 -7.79 -3.16
C ILE A 66 4.19 -6.97 -3.96
N VAL A 67 4.06 -5.64 -3.89
CA VAL A 67 4.97 -4.75 -4.60
C VAL A 67 5.41 -3.60 -3.70
N ARG A 68 6.61 -3.72 -3.14
CA ARG A 68 7.16 -2.69 -2.26
C ARG A 68 7.90 -1.63 -3.07
N SER A 69 8.08 -0.46 -2.46
CA SER A 69 8.77 0.64 -3.13
C SER A 69 10.17 0.83 -2.55
N HIS A 70 10.96 1.67 -3.20
CA HIS A 70 12.32 1.95 -2.76
C HIS A 70 12.34 2.43 -1.31
N GLY A 71 11.80 3.63 -1.09
CA GLY A 71 11.76 4.19 0.24
C GLY A 71 10.36 4.22 0.82
N VAL A 72 10.00 5.34 1.44
CA VAL A 72 8.68 5.50 2.04
C VAL A 72 7.73 6.26 1.11
N GLN A 73 8.09 6.31 -0.17
CA GLN A 73 7.27 7.01 -1.16
C GLN A 73 5.79 6.81 -0.89
N THR A 74 4.97 7.71 -1.42
CA THR A 74 3.52 7.63 -1.23
C THR A 74 2.81 7.35 -2.55
N MET A 75 3.58 7.31 -3.64
CA MET A 75 3.03 7.04 -4.96
C MET A 75 3.86 6.00 -5.70
N VAL A 76 3.19 4.98 -6.22
CA VAL A 76 3.87 3.91 -6.95
C VAL A 76 3.05 3.46 -8.15
N VAL A 77 3.74 3.09 -9.23
CA VAL A 77 3.06 2.63 -10.44
C VAL A 77 3.13 1.12 -10.57
N LEU A 78 1.96 0.49 -10.71
CA LEU A 78 1.89 -0.96 -10.84
C LEU A 78 2.12 -1.38 -12.29
N ASN A 79 2.65 -2.60 -12.46
CA ASN A 79 2.92 -3.13 -13.79
C ASN A 79 2.52 -4.60 -13.88
N ASN A 80 2.70 -5.19 -15.06
CA ASN A 80 2.37 -6.59 -15.28
C ASN A 80 0.88 -6.83 -15.07
N LEU A 81 0.05 -6.02 -15.71
CA LEU A 81 -1.40 -6.14 -15.59
C LEU A 81 -2.05 -6.28 -16.96
N GLU A 82 -3.03 -7.16 -17.07
CA GLU A 82 -3.73 -7.38 -18.33
C GLU A 82 -4.77 -6.29 -18.56
N PRO A 83 -4.92 -5.87 -19.83
CA PRO A 83 -5.87 -4.84 -20.22
C PRO A 83 -7.32 -5.30 -20.10
N ASN A 84 -8.23 -4.36 -19.87
CA ASN A 84 -9.64 -4.67 -19.74
C ASN A 84 -9.88 -5.65 -18.58
N THR A 85 -9.10 -5.49 -17.51
CA THR A 85 -9.22 -6.36 -16.35
C THR A 85 -9.28 -5.55 -15.06
N THR A 86 -9.87 -6.14 -14.03
CA THR A 86 -9.99 -5.46 -12.74
C THR A 86 -9.11 -6.13 -11.69
N TYR A 87 -8.58 -5.32 -10.77
CA TYR A 87 -7.70 -5.83 -9.72
C TYR A 87 -7.93 -5.07 -8.42
N GLU A 88 -7.82 -5.79 -7.30
CA GLU A 88 -8.03 -5.19 -5.98
C GLU A 88 -6.69 -4.85 -5.33
N ILE A 89 -6.49 -3.58 -5.01
CA ILE A 89 -5.25 -3.13 -4.39
C ILE A 89 -5.52 -2.51 -3.02
N ARG A 90 -4.60 -2.71 -2.09
CA ARG A 90 -4.74 -2.17 -0.74
C ARG A 90 -3.40 -1.67 -0.21
N VAL A 91 -3.39 -0.46 0.33
CA VAL A 91 -2.17 0.12 0.87
C VAL A 91 -2.13 -0.01 2.38
N ALA A 92 -0.97 -0.42 2.91
CA ALA A 92 -0.80 -0.59 4.35
C ALA A 92 0.58 -0.11 4.79
N ALA A 93 0.66 0.39 6.02
CA ALA A 93 1.92 0.88 6.57
C ALA A 93 2.60 -0.19 7.43
N VAL A 94 3.88 -0.42 7.17
CA VAL A 94 4.63 -1.42 7.91
C VAL A 94 5.75 -0.76 8.72
N ASN A 95 5.89 -1.18 9.97
CA ASN A 95 6.93 -0.63 10.85
C ASN A 95 7.47 -1.70 11.79
N GLY A 96 8.46 -1.33 12.59
CA GLY A 96 9.04 -2.28 13.53
C GLY A 96 8.01 -3.17 14.17
N LYS A 97 6.81 -2.63 14.38
CA LYS A 97 5.73 -3.39 14.99
C LYS A 97 5.12 -4.38 14.00
N GLY A 98 4.83 -3.89 12.80
CA GLY A 98 4.26 -4.75 11.77
C GLY A 98 3.41 -3.98 10.78
N GLN A 99 2.56 -4.69 10.04
CA GLN A 99 1.70 -4.07 9.05
C GLN A 99 0.30 -3.84 9.61
N GLY A 100 0.01 -2.60 10.00
CA GLY A 100 -1.29 -2.28 10.55
C GLY A 100 -2.42 -2.70 9.63
N ASP A 101 -3.65 -2.46 10.07
CA ASP A 101 -4.83 -2.82 9.28
C ASP A 101 -4.71 -2.26 7.86
N TYR A 102 -5.22 -3.02 6.90
CA TYR A 102 -5.18 -2.60 5.50
C TYR A 102 -6.17 -1.47 5.23
N SER A 103 -5.80 -0.58 4.31
CA SER A 103 -6.66 0.55 3.97
C SER A 103 -7.85 0.09 3.13
N LYS A 104 -8.91 0.91 3.11
CA LYS A 104 -10.11 0.59 2.35
C LYS A 104 -9.75 -0.06 1.02
N ILE A 105 -10.12 -1.33 0.87
CA ILE A 105 -9.84 -2.06 -0.36
C ILE A 105 -10.18 -1.23 -1.60
N GLU A 106 -9.24 -1.14 -2.52
CA GLU A 106 -9.44 -0.38 -3.75
C GLU A 106 -9.57 -1.30 -4.96
N ILE A 107 -10.43 -0.92 -5.90
CA ILE A 107 -10.64 -1.72 -7.10
C ILE A 107 -10.49 -0.86 -8.36
N PHE A 108 -9.45 -1.15 -9.14
CA PHE A 108 -9.19 -0.41 -10.37
C PHE A 108 -9.20 -1.34 -11.58
N GLN A 109 -9.76 -0.87 -12.69
CA GLN A 109 -9.82 -1.66 -13.91
C GLN A 109 -9.00 -1.02 -15.01
N THR A 110 -7.96 -1.72 -15.45
CA THR A 110 -7.09 -1.21 -16.52
C THR A 110 -7.89 -0.82 -17.75
N LEU A 111 -7.28 -0.03 -18.62
CA LEU A 111 -7.95 0.41 -19.84
C LEU A 111 -7.81 -0.63 -20.95
N PRO A 112 -8.87 -0.76 -21.77
CA PRO A 112 -8.90 -1.71 -22.88
C PRO A 112 -7.96 -1.31 -24.01
N VAL A 113 -6.98 -2.17 -24.29
CA VAL A 113 -6.01 -1.90 -25.34
C VAL A 113 -6.67 -1.19 -26.52
N SER A 114 -6.43 0.12 -26.60
CA SER A 114 -6.99 0.93 -27.69
C SER A 114 -8.44 0.51 -27.97
N GLY A 115 -9.24 0.40 -26.92
CA GLY A 115 -10.63 0.01 -27.09
C GLY A 115 -10.80 -1.49 -27.20
N PRO A 116 -11.91 -2.00 -26.67
CA PRO A 116 -12.22 -3.43 -26.71
C PRO A 116 -12.54 -3.93 -28.11
N SER A 117 -13.17 -3.06 -28.91
CA SER A 117 -13.54 -3.40 -30.28
C SER A 117 -13.32 -2.22 -31.21
N SER A 118 -12.70 -2.49 -32.35
CA SER A 118 -12.41 -1.44 -33.33
C SER A 118 -13.66 -1.11 -34.15
N GLY A 119 -14.27 -2.13 -34.73
CA GLY A 119 -15.47 -1.92 -35.52
C GLY A 119 -15.85 -3.14 -36.34
N GLY A 1 8.82 -10.79 37.88
CA GLY A 1 9.28 -9.43 38.14
C GLY A 1 8.24 -8.61 38.86
N SER A 2 8.41 -7.28 38.82
CA SER A 2 7.49 -6.38 39.49
C SER A 2 7.44 -5.03 38.77
N SER A 3 6.23 -4.49 38.60
CA SER A 3 6.04 -3.22 37.92
C SER A 3 6.62 -2.08 38.75
N GLY A 4 7.49 -1.28 38.13
CA GLY A 4 8.09 -0.16 38.84
C GLY A 4 9.22 0.47 38.04
N SER A 5 10.34 -0.25 37.93
CA SER A 5 11.49 0.25 37.20
C SER A 5 11.16 0.47 35.74
N SER A 6 10.49 1.58 35.45
CA SER A 6 10.10 1.91 34.08
C SER A 6 11.19 2.75 33.41
N GLY A 7 11.31 2.58 32.09
CA GLY A 7 12.30 3.31 31.34
C GLY A 7 12.16 3.13 29.84
N GLN A 8 13.09 2.39 29.24
CA GLN A 8 13.06 2.15 27.80
C GLN A 8 11.64 1.93 27.32
N GLU A 9 10.78 1.46 28.22
CA GLU A 9 9.37 1.21 27.88
C GLU A 9 8.55 2.49 27.95
N TYR A 10 9.16 3.59 27.49
CA TYR A 10 8.49 4.88 27.50
C TYR A 10 7.37 4.92 26.45
N ILE A 11 7.73 4.66 25.20
CA ILE A 11 6.76 4.66 24.11
C ILE A 11 6.74 3.32 23.39
N LEU A 12 7.90 2.68 23.32
CA LEU A 12 8.02 1.38 22.65
C LEU A 12 7.10 0.36 23.30
N ALA A 13 6.68 0.63 24.53
CA ALA A 13 5.79 -0.27 25.26
C ALA A 13 4.35 -0.12 24.78
N LEU A 14 3.98 1.10 24.42
CA LEU A 14 2.63 1.37 23.94
C LEU A 14 2.59 1.44 22.43
N ALA A 15 3.71 1.14 21.79
CA ALA A 15 3.81 1.17 20.34
C ALA A 15 3.20 -0.09 19.73
N ASP A 16 2.12 0.09 18.97
CA ASP A 16 1.44 -1.03 18.33
C ASP A 16 1.78 -1.09 16.84
N VAL A 17 1.19 -0.18 16.07
CA VAL A 17 1.44 -0.14 14.63
C VAL A 17 0.73 1.04 13.99
N PRO A 18 1.19 1.43 12.78
CA PRO A 18 0.60 2.55 12.04
C PRO A 18 -0.79 2.23 11.51
N SER A 19 -1.66 3.24 11.50
CA SER A 19 -3.03 3.07 11.03
C SER A 19 -3.08 3.11 9.50
N SER A 20 -4.19 2.62 8.94
CA SER A 20 -4.36 2.59 7.50
C SER A 20 -4.34 4.01 6.91
N PRO A 21 -3.67 4.16 5.77
CA PRO A 21 -3.56 5.45 5.09
C PRO A 21 -4.88 5.91 4.49
N TYR A 22 -4.86 7.06 3.82
CA TYR A 22 -6.05 7.62 3.22
C TYR A 22 -5.70 8.43 1.97
N GLY A 23 -6.73 8.86 1.24
CA GLY A 23 -6.51 9.65 0.04
C GLY A 23 -6.05 8.80 -1.14
N VAL A 24 -5.72 7.54 -0.85
CA VAL A 24 -5.27 6.62 -1.89
C VAL A 24 -6.13 6.72 -3.14
N LYS A 25 -5.51 7.05 -4.27
CA LYS A 25 -6.22 7.18 -5.53
C LYS A 25 -5.29 7.00 -6.71
N ILE A 26 -5.81 6.45 -7.80
CA ILE A 26 -5.01 6.23 -9.00
C ILE A 26 -4.96 7.48 -9.87
N ILE A 27 -3.80 8.14 -9.87
CA ILE A 27 -3.62 9.35 -10.66
C ILE A 27 -3.31 9.01 -12.11
N GLU A 28 -2.48 8.00 -12.32
CA GLU A 28 -2.11 7.58 -13.66
C GLU A 28 -2.52 6.13 -13.91
N LEU A 29 -3.72 5.94 -14.43
CA LEU A 29 -4.24 4.60 -14.71
C LEU A 29 -4.02 4.23 -16.17
N SER A 30 -3.39 3.09 -16.40
CA SER A 30 -3.11 2.63 -17.75
C SER A 30 -3.78 1.29 -18.01
N GLN A 31 -3.53 0.72 -19.20
CA GLN A 31 -4.11 -0.57 -19.57
C GLN A 31 -3.26 -1.73 -19.04
N THR A 32 -1.96 -1.47 -18.88
CA THR A 32 -1.04 -2.49 -18.39
C THR A 32 -0.31 -2.01 -17.15
N THR A 33 -0.58 -0.78 -16.74
CA THR A 33 0.06 -0.19 -15.56
C THR A 33 -0.94 0.64 -14.76
N ALA A 34 -0.67 0.78 -13.46
CA ALA A 34 -1.54 1.56 -12.59
C ALA A 34 -0.74 2.23 -11.48
N LYS A 35 -0.81 3.56 -11.43
CA LYS A 35 -0.09 4.32 -10.42
C LYS A 35 -1.00 4.65 -9.24
N VAL A 36 -0.70 4.07 -8.08
CA VAL A 36 -1.49 4.31 -6.89
C VAL A 36 -0.82 5.35 -5.98
N SER A 37 -1.43 6.53 -5.90
CA SER A 37 -0.90 7.61 -5.08
C SER A 37 -1.74 7.80 -3.82
N PHE A 38 -1.10 7.69 -2.67
CA PHE A 38 -1.79 7.85 -1.39
C PHE A 38 -1.03 8.81 -0.49
N ASN A 39 -1.57 9.06 0.70
CA ASN A 39 -0.96 9.97 1.66
C ASN A 39 -0.56 9.23 2.93
N LYS A 40 0.17 9.92 3.81
CA LYS A 40 0.61 9.33 5.06
C LYS A 40 -0.57 9.06 5.99
N PRO A 41 -0.43 8.03 6.84
CA PRO A 41 -1.48 7.65 7.80
C PRO A 41 -1.65 8.69 8.91
N ASP A 42 -2.81 8.66 9.57
CA ASP A 42 -3.10 9.60 10.65
C ASP A 42 -2.09 9.44 11.78
N SER A 43 -1.55 8.23 11.92
CA SER A 43 -0.58 7.94 12.97
C SER A 43 0.50 7.00 12.46
N HIS A 44 1.45 6.67 13.34
CA HIS A 44 2.54 5.77 12.98
C HIS A 44 2.62 4.60 13.96
N GLY A 45 2.25 4.86 15.21
CA GLY A 45 2.29 3.81 16.23
C GLY A 45 3.56 3.86 17.04
N GLY A 46 3.99 5.08 17.40
CA GLY A 46 5.20 5.23 18.19
C GLY A 46 6.44 5.36 17.33
N VAL A 47 6.73 4.32 16.55
CA VAL A 47 7.90 4.33 15.68
C VAL A 47 7.54 4.81 14.28
N PRO A 48 8.53 5.37 13.57
CA PRO A 48 8.35 5.89 12.22
C PRO A 48 8.13 4.77 11.21
N ILE A 49 7.46 5.11 10.10
CA ILE A 49 7.18 4.14 9.05
C ILE A 49 8.42 3.87 8.21
N HIS A 50 8.77 2.60 8.04
CA HIS A 50 9.94 2.21 7.26
C HIS A 50 9.60 2.18 5.77
N HIS A 51 8.46 1.59 5.44
CA HIS A 51 8.02 1.50 4.04
C HIS A 51 6.55 1.13 3.97
N TYR A 52 6.03 1.03 2.74
CA TYR A 52 4.64 0.69 2.53
C TYR A 52 4.50 -0.71 1.91
N GLN A 53 3.33 -1.32 2.10
CA GLN A 53 3.08 -2.64 1.56
C GLN A 53 1.78 -2.67 0.77
N VAL A 54 1.88 -2.91 -0.54
CA VAL A 54 0.72 -2.96 -1.40
C VAL A 54 0.46 -4.38 -1.88
N ASP A 55 -0.81 -4.69 -2.12
CA ASP A 55 -1.20 -6.02 -2.59
C ASP A 55 -2.30 -5.93 -3.66
N VAL A 56 -1.96 -6.34 -4.87
CA VAL A 56 -2.91 -6.30 -5.98
C VAL A 56 -3.14 -7.69 -6.56
N LYS A 57 -4.36 -7.94 -7.04
CA LYS A 57 -4.70 -9.23 -7.62
C LYS A 57 -6.07 -9.17 -8.28
N GLU A 58 -6.25 -9.97 -9.33
CA GLU A 58 -7.52 -10.02 -10.06
C GLU A 58 -8.66 -10.47 -9.14
N VAL A 59 -9.80 -9.82 -9.27
CA VAL A 59 -10.97 -10.16 -8.46
C VAL A 59 -11.33 -11.63 -8.60
N ALA A 60 -10.75 -12.29 -9.61
CA ALA A 60 -11.01 -13.69 -9.85
C ALA A 60 -9.84 -14.57 -9.37
N SER A 61 -8.63 -14.05 -9.56
CA SER A 61 -7.43 -14.78 -9.16
C SER A 61 -7.42 -15.04 -7.66
N GLU A 62 -6.57 -15.97 -7.23
CA GLU A 62 -6.48 -16.31 -5.81
C GLU A 62 -5.07 -16.05 -5.29
N ILE A 63 -4.22 -15.47 -6.14
CA ILE A 63 -2.85 -15.17 -5.77
C ILE A 63 -2.65 -13.67 -5.59
N TRP A 64 -2.22 -13.26 -4.40
CA TRP A 64 -2.00 -11.86 -4.11
C TRP A 64 -0.53 -11.49 -4.32
N LYS A 65 -0.30 -10.41 -5.09
CA LYS A 65 1.05 -9.96 -5.37
C LYS A 65 1.41 -8.74 -4.52
N ILE A 66 2.53 -8.84 -3.80
CA ILE A 66 2.98 -7.75 -2.95
C ILE A 66 4.03 -6.90 -3.66
N VAL A 67 3.83 -5.58 -3.63
CA VAL A 67 4.76 -4.67 -4.27
C VAL A 67 5.07 -3.47 -3.36
N ARG A 68 6.24 -3.49 -2.75
CA ARG A 68 6.65 -2.43 -1.85
C ARG A 68 7.52 -1.40 -2.58
N SER A 69 7.70 -0.25 -1.97
CA SER A 69 8.49 0.83 -2.56
C SER A 69 9.90 0.85 -1.96
N HIS A 70 10.79 1.61 -2.61
CA HIS A 70 12.17 1.73 -2.14
C HIS A 70 12.34 2.94 -1.24
N GLY A 71 11.50 3.02 -0.20
CA GLY A 71 11.59 4.14 0.72
C GLY A 71 10.25 4.42 1.40
N VAL A 72 10.08 5.65 1.87
CA VAL A 72 8.85 6.05 2.55
C VAL A 72 7.92 6.80 1.61
N GLN A 73 7.99 6.45 0.32
CA GLN A 73 7.15 7.10 -0.69
C GLN A 73 5.74 6.53 -0.67
N THR A 74 4.76 7.40 -0.88
CA THR A 74 3.36 6.98 -0.89
C THR A 74 2.83 6.84 -2.32
N MET A 75 3.75 6.67 -3.27
CA MET A 75 3.38 6.52 -4.67
C MET A 75 4.11 5.34 -5.30
N VAL A 76 3.35 4.40 -5.84
CA VAL A 76 3.93 3.22 -6.49
C VAL A 76 3.15 2.84 -7.74
N VAL A 77 3.88 2.43 -8.77
CA VAL A 77 3.26 2.04 -10.04
C VAL A 77 3.26 0.52 -10.19
N LEU A 78 2.16 -0.02 -10.72
CA LEU A 78 2.03 -1.45 -10.93
C LEU A 78 2.16 -1.80 -12.41
N ASN A 79 2.64 -3.01 -12.68
CA ASN A 79 2.82 -3.47 -14.05
C ASN A 79 2.36 -4.92 -14.20
N ASN A 80 2.58 -5.48 -15.38
CA ASN A 80 2.19 -6.87 -15.66
C ASN A 80 0.68 -7.06 -15.46
N LEU A 81 -0.10 -6.10 -15.96
CA LEU A 81 -1.56 -6.17 -15.84
C LEU A 81 -2.20 -6.31 -17.21
N GLU A 82 -3.35 -6.98 -17.25
CA GLU A 82 -4.08 -7.18 -18.50
C GLU A 82 -5.12 -6.07 -18.70
N PRO A 83 -5.30 -5.67 -19.97
CA PRO A 83 -6.27 -4.62 -20.33
C PRO A 83 -7.71 -5.08 -20.17
N ASN A 84 -8.61 -4.12 -19.96
CA ASN A 84 -10.02 -4.43 -19.79
C ASN A 84 -10.22 -5.41 -18.64
N THR A 85 -9.35 -5.34 -17.64
CA THR A 85 -9.44 -6.24 -16.49
C THR A 85 -9.49 -5.45 -15.19
N THR A 86 -10.06 -6.06 -14.15
CA THR A 86 -10.16 -5.41 -12.85
C THR A 86 -9.26 -6.07 -11.82
N TYR A 87 -8.76 -5.28 -10.88
CA TYR A 87 -7.86 -5.79 -9.84
C TYR A 87 -8.09 -5.06 -8.53
N GLU A 88 -8.00 -5.79 -7.42
CA GLU A 88 -8.19 -5.21 -6.09
C GLU A 88 -6.85 -4.90 -5.44
N ILE A 89 -6.63 -3.63 -5.10
CA ILE A 89 -5.40 -3.20 -4.46
C ILE A 89 -5.66 -2.62 -3.09
N ARG A 90 -4.70 -2.79 -2.19
CA ARG A 90 -4.83 -2.27 -0.82
C ARG A 90 -3.50 -1.69 -0.34
N VAL A 91 -3.57 -0.50 0.26
CA VAL A 91 -2.38 0.17 0.77
C VAL A 91 -2.25 -0.03 2.28
N ALA A 92 -1.06 -0.39 2.72
CA ALA A 92 -0.80 -0.60 4.15
C ALA A 92 0.54 0.01 4.56
N ALA A 93 0.59 0.53 5.77
CA ALA A 93 1.81 1.15 6.29
C ALA A 93 2.57 0.17 7.19
N VAL A 94 3.89 0.14 7.04
CA VAL A 94 4.73 -0.74 7.84
C VAL A 94 5.81 0.05 8.57
N ASN A 95 5.80 -0.04 9.89
CA ASN A 95 6.78 0.67 10.72
C ASN A 95 7.76 -0.32 11.34
N GLY A 96 8.75 0.23 12.06
CA GLY A 96 9.75 -0.61 12.70
C GLY A 96 9.13 -1.74 13.50
N LYS A 97 7.85 -1.61 13.81
CA LYS A 97 7.13 -2.62 14.58
C LYS A 97 6.61 -3.73 13.67
N GLY A 98 5.77 -3.36 12.71
CA GLY A 98 5.22 -4.34 11.79
C GLY A 98 4.20 -3.73 10.84
N GLN A 99 3.36 -4.57 10.26
CA GLN A 99 2.33 -4.12 9.33
C GLN A 99 1.00 -3.92 10.03
N GLY A 100 0.59 -2.66 10.18
CA GLY A 100 -0.68 -2.37 10.84
C GLY A 100 -1.84 -3.07 10.18
N ASP A 101 -2.73 -2.30 9.56
CA ASP A 101 -3.90 -2.86 8.90
C ASP A 101 -4.05 -2.31 7.48
N TYR A 102 -4.56 -3.13 6.58
CA TYR A 102 -4.74 -2.72 5.19
C TYR A 102 -5.88 -1.73 5.07
N SER A 103 -5.73 -0.76 4.16
CA SER A 103 -6.74 0.26 3.94
C SER A 103 -7.96 -0.33 3.23
N LYS A 104 -9.00 0.49 3.10
CA LYS A 104 -10.23 0.05 2.43
C LYS A 104 -9.92 -0.52 1.05
N ILE A 105 -10.09 -1.83 0.90
CA ILE A 105 -9.85 -2.50 -0.37
C ILE A 105 -10.25 -1.61 -1.55
N GLU A 106 -9.32 -1.40 -2.48
CA GLU A 106 -9.58 -0.58 -3.65
C GLU A 106 -9.73 -1.43 -4.90
N ILE A 107 -10.62 -1.02 -5.79
CA ILE A 107 -10.87 -1.76 -7.03
C ILE A 107 -10.70 -0.85 -8.24
N PHE A 108 -9.69 -1.13 -9.04
CA PHE A 108 -9.43 -0.35 -10.24
C PHE A 108 -9.41 -1.23 -11.49
N GLN A 109 -9.99 -0.73 -12.57
CA GLN A 109 -10.05 -1.48 -13.82
C GLN A 109 -9.15 -0.84 -14.88
N THR A 110 -8.24 -1.64 -15.44
CA THR A 110 -7.32 -1.16 -16.46
C THR A 110 -8.08 -0.68 -17.70
N LEU A 111 -7.50 0.28 -18.40
CA LEU A 111 -8.10 0.83 -19.62
C LEU A 111 -8.10 -0.20 -20.74
N PRO A 112 -9.19 -0.24 -21.51
CA PRO A 112 -9.32 -1.17 -22.64
C PRO A 112 -8.39 -0.82 -23.79
N VAL A 113 -7.48 -1.74 -24.12
CA VAL A 113 -6.54 -1.52 -25.21
C VAL A 113 -7.16 -0.73 -26.34
N SER A 114 -6.63 0.45 -26.60
CA SER A 114 -7.14 1.32 -27.66
C SER A 114 -6.81 0.75 -29.04
N GLY A 115 -5.53 0.47 -29.26
CA GLY A 115 -5.10 -0.08 -30.54
C GLY A 115 -3.77 -0.78 -30.44
N PRO A 116 -3.12 -1.00 -31.59
CA PRO A 116 -1.82 -1.68 -31.67
C PRO A 116 -0.70 -0.83 -31.08
N SER A 117 0.02 -1.40 -30.12
CA SER A 117 1.13 -0.68 -29.48
C SER A 117 2.43 -0.92 -30.24
N SER A 118 3.29 0.09 -30.25
CA SER A 118 4.57 0.00 -30.93
C SER A 118 5.72 -0.16 -29.94
N GLY A 119 5.72 0.67 -28.90
CA GLY A 119 6.75 0.61 -27.90
C GLY A 119 6.65 1.73 -26.88
N GLY A 1 27.29 -9.80 24.39
CA GLY A 1 27.07 -8.89 25.50
C GLY A 1 25.92 -7.93 25.24
N SER A 2 26.20 -6.64 25.32
CA SER A 2 25.17 -5.62 25.10
C SER A 2 25.16 -5.17 23.64
N SER A 3 24.09 -4.49 23.25
CA SER A 3 23.95 -4.01 21.88
C SER A 3 24.59 -2.64 21.72
N GLY A 4 24.13 -1.68 22.53
CA GLY A 4 24.67 -0.33 22.46
C GLY A 4 24.10 0.57 23.53
N SER A 5 23.38 1.60 23.12
CA SER A 5 22.78 2.54 24.06
C SER A 5 22.02 1.81 25.16
N SER A 6 21.92 2.45 26.31
CA SER A 6 21.22 1.86 27.45
C SER A 6 19.72 2.04 27.32
N GLY A 7 19.05 1.00 26.83
CA GLY A 7 17.61 1.05 26.66
C GLY A 7 17.19 0.96 25.21
N GLN A 8 16.83 -0.25 24.78
CA GLN A 8 16.41 -0.47 23.40
C GLN A 8 14.90 -0.54 23.30
N GLU A 9 14.25 -0.84 24.41
CA GLU A 9 12.80 -0.94 24.46
C GLU A 9 12.17 0.33 25.00
N TYR A 10 13.01 1.33 25.26
CA TYR A 10 12.54 2.61 25.80
C TYR A 10 11.18 2.98 25.20
N ILE A 11 11.00 2.68 23.92
CA ILE A 11 9.75 2.98 23.24
C ILE A 11 9.24 1.77 22.46
N LEU A 12 10.18 1.00 21.92
CA LEU A 12 9.83 -0.20 21.14
C LEU A 12 8.89 -1.10 21.92
N ALA A 13 8.85 -0.91 23.24
CA ALA A 13 8.00 -1.71 24.11
C ALA A 13 6.62 -1.07 24.26
N LEU A 14 6.60 0.26 24.26
CA LEU A 14 5.34 0.99 24.39
C LEU A 14 4.85 1.51 23.05
N ALA A 15 5.38 0.92 21.98
CA ALA A 15 4.99 1.30 20.63
C ALA A 15 3.87 0.42 20.10
N ASP A 16 3.36 0.76 18.92
CA ASP A 16 2.28 -0.01 18.30
C ASP A 16 2.32 0.11 16.79
N VAL A 17 1.53 -0.71 16.10
CA VAL A 17 1.47 -0.70 14.65
C VAL A 17 0.81 0.57 14.14
N PRO A 18 1.22 1.01 12.93
CA PRO A 18 0.67 2.22 12.30
C PRO A 18 -0.77 2.04 11.86
N SER A 19 -1.47 3.16 11.64
CA SER A 19 -2.86 3.12 11.23
C SER A 19 -2.97 3.01 9.71
N SER A 20 -4.18 2.74 9.23
CA SER A 20 -4.42 2.60 7.80
C SER A 20 -4.33 3.95 7.10
N PRO A 21 -3.65 3.97 5.94
CA PRO A 21 -3.48 5.19 5.15
C PRO A 21 -4.79 5.66 4.51
N TYR A 22 -4.78 6.88 4.00
CA TYR A 22 -5.97 7.45 3.36
C TYR A 22 -5.59 8.28 2.14
N GLY A 23 -6.58 8.66 1.35
CA GLY A 23 -6.33 9.45 0.16
C GLY A 23 -5.88 8.59 -1.02
N VAL A 24 -6.11 7.30 -0.93
CA VAL A 24 -5.73 6.38 -1.99
C VAL A 24 -6.57 6.60 -3.24
N LYS A 25 -5.97 7.22 -4.25
CA LYS A 25 -6.66 7.49 -5.51
C LYS A 25 -5.73 7.31 -6.70
N ILE A 26 -6.25 6.73 -7.77
CA ILE A 26 -5.46 6.49 -8.97
C ILE A 26 -5.37 7.75 -9.82
N ILE A 27 -4.15 8.23 -10.03
CA ILE A 27 -3.93 9.42 -10.84
C ILE A 27 -3.52 9.07 -12.26
N GLU A 28 -2.68 8.04 -12.39
CA GLU A 28 -2.22 7.59 -13.71
C GLU A 28 -2.57 6.13 -13.93
N LEU A 29 -3.65 5.88 -14.65
CA LEU A 29 -4.09 4.53 -14.94
C LEU A 29 -3.87 4.18 -16.41
N SER A 30 -3.22 3.05 -16.66
CA SER A 30 -2.94 2.60 -18.02
C SER A 30 -3.64 1.27 -18.31
N GLN A 31 -3.36 0.71 -19.49
CA GLN A 31 -3.96 -0.55 -19.89
C GLN A 31 -3.27 -1.72 -19.19
N THR A 32 -1.99 -1.55 -18.89
CA THR A 32 -1.22 -2.59 -18.22
C THR A 32 -0.64 -2.08 -16.90
N THR A 33 -0.41 -0.79 -16.81
CA THR A 33 0.14 -0.18 -15.60
C THR A 33 -0.92 0.62 -14.86
N ALA A 34 -0.68 0.86 -13.57
CA ALA A 34 -1.62 1.61 -12.76
C ALA A 34 -0.92 2.22 -11.55
N LYS A 35 -0.89 3.55 -11.49
CA LYS A 35 -0.26 4.26 -10.38
C LYS A 35 -1.27 4.57 -9.29
N VAL A 36 -0.87 4.34 -8.04
CA VAL A 36 -1.74 4.60 -6.90
C VAL A 36 -1.12 5.63 -5.97
N SER A 37 -1.75 6.80 -5.88
CA SER A 37 -1.26 7.88 -5.03
C SER A 37 -2.11 8.00 -3.77
N PHE A 38 -1.44 7.96 -2.61
CA PHE A 38 -2.14 8.06 -1.34
C PHE A 38 -1.43 9.06 -0.42
N ASN A 39 -1.93 9.18 0.80
CA ASN A 39 -1.35 10.09 1.78
C ASN A 39 -0.93 9.35 3.05
N LYS A 40 0.01 9.93 3.78
CA LYS A 40 0.50 9.33 5.01
C LYS A 40 -0.65 8.98 5.95
N PRO A 41 -0.44 7.97 6.79
CA PRO A 41 -1.45 7.52 7.76
C PRO A 41 -1.68 8.53 8.88
N ASP A 42 -2.94 8.78 9.20
CA ASP A 42 -3.29 9.73 10.25
C ASP A 42 -2.37 9.56 11.46
N SER A 43 -1.83 8.36 11.62
CA SER A 43 -0.94 8.07 12.74
C SER A 43 0.13 7.06 12.34
N HIS A 44 1.34 7.26 12.82
CA HIS A 44 2.45 6.37 12.51
C HIS A 44 2.72 5.40 13.67
N GLY A 45 2.00 5.61 14.77
CA GLY A 45 2.18 4.76 15.94
C GLY A 45 3.31 5.22 16.83
N GLY A 46 3.85 4.29 17.62
CA GLY A 46 4.95 4.63 18.52
C GLY A 46 6.28 4.68 17.80
N VAL A 47 6.44 3.85 16.79
CA VAL A 47 7.69 3.78 16.03
C VAL A 47 7.49 4.34 14.62
N PRO A 48 8.57 4.90 14.04
CA PRO A 48 8.54 5.46 12.70
C PRO A 48 8.40 4.39 11.62
N ILE A 49 7.45 4.61 10.70
CA ILE A 49 7.21 3.66 9.62
C ILE A 49 8.50 3.34 8.87
N HIS A 50 8.59 2.13 8.34
CA HIS A 50 9.77 1.70 7.60
C HIS A 50 9.51 1.75 6.09
N HIS A 51 8.41 1.12 5.67
CA HIS A 51 8.05 1.10 4.25
C HIS A 51 6.57 0.78 4.07
N TYR A 52 6.08 0.89 2.85
CA TYR A 52 4.68 0.62 2.55
C TYR A 52 4.54 -0.70 1.79
N GLN A 53 3.48 -1.44 2.11
CA GLN A 53 3.22 -2.72 1.46
C GLN A 53 1.99 -2.65 0.57
N VAL A 54 2.17 -2.86 -0.72
CA VAL A 54 1.06 -2.82 -1.67
C VAL A 54 0.73 -4.21 -2.20
N ASP A 55 -0.55 -4.57 -2.18
CA ASP A 55 -0.99 -5.87 -2.66
C ASP A 55 -2.08 -5.72 -3.71
N VAL A 56 -1.79 -6.18 -4.93
CA VAL A 56 -2.75 -6.09 -6.02
C VAL A 56 -2.94 -7.45 -6.69
N LYS A 57 -4.17 -7.72 -7.12
CA LYS A 57 -4.49 -8.98 -7.77
C LYS A 57 -5.84 -8.90 -8.49
N GLU A 58 -6.14 -9.91 -9.29
CA GLU A 58 -7.39 -9.95 -10.03
C GLU A 58 -8.56 -10.32 -9.12
N VAL A 59 -9.69 -9.65 -9.31
CA VAL A 59 -10.87 -9.92 -8.50
C VAL A 59 -11.27 -11.38 -8.56
N ALA A 60 -10.69 -12.12 -9.50
CA ALA A 60 -10.97 -13.53 -9.66
C ALA A 60 -9.82 -14.39 -9.15
N SER A 61 -8.60 -13.85 -9.25
CA SER A 61 -7.41 -14.56 -8.81
C SER A 61 -7.46 -14.83 -7.31
N GLU A 62 -6.70 -15.82 -6.86
CA GLU A 62 -6.66 -16.17 -5.44
C GLU A 62 -5.32 -15.77 -4.83
N ILE A 63 -4.34 -15.48 -5.68
CA ILE A 63 -3.02 -15.09 -5.21
C ILE A 63 -2.87 -13.57 -5.21
N TRP A 64 -2.17 -13.06 -4.20
CA TRP A 64 -1.94 -11.62 -4.08
C TRP A 64 -0.51 -11.26 -4.42
N LYS A 65 -0.33 -10.21 -5.21
CA LYS A 65 0.99 -9.75 -5.61
C LYS A 65 1.44 -8.57 -4.77
N ILE A 66 2.57 -8.73 -4.08
CA ILE A 66 3.11 -7.67 -3.23
C ILE A 66 4.07 -6.79 -4.01
N VAL A 67 4.09 -5.49 -3.67
CA VAL A 67 4.98 -4.55 -4.34
C VAL A 67 5.52 -3.52 -3.35
N ARG A 68 6.81 -3.23 -3.45
CA ARG A 68 7.46 -2.26 -2.57
C ARG A 68 7.33 -0.84 -3.13
N SER A 69 7.30 0.14 -2.23
CA SER A 69 7.16 1.53 -2.63
C SER A 69 8.54 2.16 -2.84
N HIS A 70 9.50 1.35 -3.25
CA HIS A 70 10.86 1.82 -3.50
C HIS A 70 11.25 2.90 -2.48
N GLY A 71 10.73 2.77 -1.26
CA GLY A 71 11.03 3.74 -0.23
C GLY A 71 9.84 4.00 0.68
N VAL A 72 9.83 5.16 1.32
CA VAL A 72 8.75 5.54 2.23
C VAL A 72 7.78 6.51 1.56
N GLN A 73 7.76 6.48 0.23
CA GLN A 73 6.88 7.37 -0.53
C GLN A 73 5.44 6.86 -0.50
N THR A 74 4.52 7.69 -0.98
CA THR A 74 3.11 7.33 -1.00
C THR A 74 2.59 7.19 -2.43
N MET A 75 3.51 7.17 -3.38
CA MET A 75 3.16 7.04 -4.79
C MET A 75 4.00 5.95 -5.46
N VAL A 76 3.33 5.06 -6.19
CA VAL A 76 4.02 3.97 -6.88
C VAL A 76 3.24 3.54 -8.12
N VAL A 77 3.94 2.91 -9.06
CA VAL A 77 3.32 2.44 -10.29
C VAL A 77 3.29 0.91 -10.34
N LEU A 78 2.15 0.37 -10.76
CA LEU A 78 1.99 -1.08 -10.85
C LEU A 78 2.20 -1.56 -12.28
N ASN A 79 2.72 -2.77 -12.44
CA ASN A 79 2.97 -3.34 -13.75
C ASN A 79 2.56 -4.81 -13.80
N ASN A 80 2.79 -5.45 -14.93
CA ASN A 80 2.46 -6.86 -15.10
C ASN A 80 0.96 -7.09 -14.91
N LEU A 81 0.15 -6.29 -15.60
CA LEU A 81 -1.30 -6.39 -15.51
C LEU A 81 -1.92 -6.56 -16.89
N GLU A 82 -3.07 -7.22 -16.94
CA GLU A 82 -3.76 -7.44 -18.21
C GLU A 82 -4.80 -6.35 -18.45
N PRO A 83 -4.96 -5.96 -19.73
CA PRO A 83 -5.91 -4.93 -20.13
C PRO A 83 -7.36 -5.39 -19.99
N ASN A 84 -8.27 -4.43 -19.86
CA ASN A 84 -9.69 -4.74 -19.71
C ASN A 84 -9.93 -5.72 -18.57
N THR A 85 -9.13 -5.59 -17.52
CA THR A 85 -9.25 -6.46 -16.35
C THR A 85 -9.31 -5.65 -15.07
N THR A 86 -9.97 -6.21 -14.06
CA THR A 86 -10.11 -5.53 -12.77
C THR A 86 -9.15 -6.13 -11.74
N TYR A 87 -8.62 -5.27 -10.88
CA TYR A 87 -7.69 -5.71 -9.84
C TYR A 87 -7.93 -4.96 -8.54
N GLU A 88 -7.83 -5.66 -7.42
CA GLU A 88 -8.03 -5.07 -6.11
C GLU A 88 -6.70 -4.71 -5.45
N ILE A 89 -6.51 -3.43 -5.13
CA ILE A 89 -5.29 -2.97 -4.51
C ILE A 89 -5.56 -2.40 -3.12
N ARG A 90 -4.65 -2.67 -2.19
CA ARG A 90 -4.80 -2.18 -0.82
C ARG A 90 -3.47 -1.66 -0.29
N VAL A 91 -3.49 -0.45 0.27
CA VAL A 91 -2.29 0.16 0.82
C VAL A 91 -2.25 0.03 2.34
N ALA A 92 -1.06 -0.29 2.87
CA ALA A 92 -0.89 -0.45 4.31
C ALA A 92 0.49 -0.01 4.74
N ALA A 93 0.62 0.39 6.00
CA ALA A 93 1.90 0.83 6.54
C ALA A 93 2.58 -0.27 7.34
N VAL A 94 3.85 -0.51 7.05
CA VAL A 94 4.61 -1.55 7.74
C VAL A 94 5.81 -0.96 8.47
N ASN A 95 5.93 -1.29 9.75
CA ASN A 95 7.04 -0.80 10.57
C ASN A 95 7.59 -1.90 11.46
N GLY A 96 8.56 -1.54 12.31
CA GLY A 96 9.16 -2.51 13.21
C GLY A 96 8.12 -3.37 13.90
N LYS A 97 7.06 -2.75 14.39
CA LYS A 97 6.00 -3.47 15.07
C LYS A 97 5.39 -4.55 14.17
N GLY A 98 4.98 -4.13 12.97
CA GLY A 98 4.39 -5.07 12.04
C GLY A 98 3.43 -4.40 11.07
N GLN A 99 2.74 -5.20 10.26
CA GLN A 99 1.79 -4.67 9.29
C GLN A 99 0.47 -4.31 9.97
N GLY A 100 0.22 -3.02 10.13
CA GLY A 100 -1.00 -2.56 10.76
C GLY A 100 -2.24 -2.96 9.97
N ASP A 101 -3.27 -2.13 10.03
CA ASP A 101 -4.52 -2.39 9.32
C ASP A 101 -4.42 -1.95 7.86
N TYR A 102 -5.15 -2.63 6.99
CA TYR A 102 -5.14 -2.31 5.57
C TYR A 102 -6.17 -1.25 5.25
N SER A 103 -5.84 -0.38 4.30
CA SER A 103 -6.75 0.70 3.90
C SER A 103 -7.89 0.16 3.04
N LYS A 104 -9.01 0.88 3.05
CA LYS A 104 -10.17 0.48 2.28
C LYS A 104 -9.76 -0.13 0.94
N ILE A 105 -10.06 -1.42 0.76
CA ILE A 105 -9.72 -2.12 -0.47
C ILE A 105 -10.13 -1.30 -1.69
N GLU A 106 -9.18 -1.04 -2.58
CA GLU A 106 -9.44 -0.28 -3.79
C GLU A 106 -9.59 -1.20 -4.99
N ILE A 107 -10.45 -0.80 -5.93
CA ILE A 107 -10.68 -1.60 -7.12
C ILE A 107 -10.56 -0.74 -8.38
N PHE A 108 -9.54 -1.03 -9.19
CA PHE A 108 -9.31 -0.29 -10.42
C PHE A 108 -9.19 -1.24 -11.62
N GLN A 109 -9.89 -0.91 -12.70
CA GLN A 109 -9.87 -1.73 -13.90
C GLN A 109 -9.04 -1.07 -15.00
N THR A 110 -8.02 -1.77 -15.48
CA THR A 110 -7.16 -1.25 -16.52
C THR A 110 -7.96 -0.89 -17.77
N LEU A 111 -7.33 -0.15 -18.67
CA LEU A 111 -7.98 0.28 -19.91
C LEU A 111 -7.82 -0.78 -20.99
N PRO A 112 -8.86 -0.96 -21.81
CA PRO A 112 -8.86 -1.94 -22.91
C PRO A 112 -7.92 -1.52 -24.04
N VAL A 113 -6.91 -2.36 -24.29
CA VAL A 113 -5.94 -2.09 -25.34
C VAL A 113 -6.62 -1.47 -26.56
N SER A 114 -5.99 -0.41 -27.11
CA SER A 114 -6.53 0.27 -28.27
C SER A 114 -5.60 0.13 -29.47
N GLY A 115 -5.86 -0.88 -30.29
CA GLY A 115 -5.03 -1.10 -31.46
C GLY A 115 -5.42 -0.21 -32.63
N PRO A 116 -4.89 -0.53 -33.82
CA PRO A 116 -5.17 0.25 -35.04
C PRO A 116 -6.61 0.08 -35.51
N SER A 117 -7.20 -1.07 -35.20
CA SER A 117 -8.57 -1.37 -35.60
C SER A 117 -9.47 -0.17 -35.37
N SER A 118 -9.74 0.59 -36.43
CA SER A 118 -10.59 1.77 -36.34
C SER A 118 -12.05 1.38 -36.19
N GLY A 119 -12.76 2.09 -35.32
CA GLY A 119 -14.17 1.81 -35.11
C GLY A 119 -14.50 1.64 -33.63
N GLY A 1 8.50 -3.00 38.62
CA GLY A 1 9.64 -3.89 38.51
C GLY A 1 10.87 -3.33 39.21
N SER A 2 11.96 -3.20 38.47
CA SER A 2 13.21 -2.69 39.02
C SER A 2 13.14 -1.17 39.20
N SER A 3 14.13 -0.63 39.91
CA SER A 3 14.18 0.81 40.15
C SER A 3 15.04 1.51 39.10
N GLY A 4 14.41 2.39 38.33
CA GLY A 4 15.13 3.11 37.30
C GLY A 4 14.23 3.52 36.14
N SER A 5 14.81 4.21 35.16
CA SER A 5 14.05 4.65 34.00
C SER A 5 13.94 3.55 32.96
N SER A 6 12.94 3.66 32.08
CA SER A 6 12.72 2.66 31.05
C SER A 6 13.92 2.57 30.11
N GLY A 7 14.26 3.71 29.50
CA GLY A 7 15.39 3.74 28.58
C GLY A 7 15.02 3.30 27.18
N GLN A 8 15.11 2.00 26.92
CA GLN A 8 14.77 1.46 25.61
C GLN A 8 13.29 1.11 25.52
N GLU A 9 12.78 0.46 26.57
CA GLU A 9 11.37 0.08 26.61
C GLU A 9 10.50 1.22 27.13
N TYR A 10 10.92 2.45 26.84
CA TYR A 10 10.19 3.62 27.28
C TYR A 10 8.91 3.80 26.46
N ILE A 11 9.03 3.63 25.15
CA ILE A 11 7.89 3.78 24.25
C ILE A 11 7.73 2.55 23.36
N LEU A 12 8.86 2.01 22.91
CA LEU A 12 8.85 0.83 22.05
C LEU A 12 8.01 -0.29 22.67
N ALA A 13 7.76 -0.18 23.97
CA ALA A 13 6.97 -1.18 24.68
C ALA A 13 5.50 -0.80 24.71
N LEU A 14 5.22 0.49 24.57
CA LEU A 14 3.85 0.98 24.58
C LEU A 14 3.44 1.47 23.19
N ALA A 15 4.22 1.10 22.18
CA ALA A 15 3.94 1.50 20.81
C ALA A 15 2.89 0.60 20.19
N ASP A 16 2.55 0.87 18.93
CA ASP A 16 1.55 0.08 18.21
C ASP A 16 1.67 0.31 16.71
N VAL A 17 1.41 -0.75 15.94
CA VAL A 17 1.49 -0.67 14.49
C VAL A 17 0.78 0.57 13.97
N PRO A 18 1.23 1.06 12.79
CA PRO A 18 0.64 2.24 12.16
C PRO A 18 -0.76 1.99 11.63
N SER A 19 -1.58 3.04 11.59
CA SER A 19 -2.96 2.93 11.12
C SER A 19 -2.99 2.88 9.60
N SER A 20 -4.11 2.42 9.05
CA SER A 20 -4.28 2.31 7.60
C SER A 20 -4.26 3.68 6.95
N PRO A 21 -3.65 3.77 5.76
CA PRO A 21 -3.55 5.03 5.02
C PRO A 21 -4.90 5.47 4.46
N TYR A 22 -5.00 6.76 4.11
CA TYR A 22 -6.24 7.31 3.58
C TYR A 22 -5.94 8.22 2.39
N GLY A 23 -6.99 8.56 1.64
CA GLY A 23 -6.83 9.42 0.49
C GLY A 23 -6.15 8.72 -0.68
N VAL A 24 -6.50 7.47 -0.89
CA VAL A 24 -5.92 6.68 -1.98
C VAL A 24 -6.73 6.84 -3.26
N LYS A 25 -6.04 6.81 -4.39
CA LYS A 25 -6.69 6.95 -5.70
C LYS A 25 -5.70 6.71 -6.83
N ILE A 26 -6.21 6.24 -7.96
CA ILE A 26 -5.37 5.97 -9.13
C ILE A 26 -5.27 7.19 -10.03
N ILE A 27 -4.36 8.10 -9.70
CA ILE A 27 -4.15 9.31 -10.49
C ILE A 27 -3.74 8.98 -11.91
N GLU A 28 -2.72 8.13 -12.04
CA GLU A 28 -2.23 7.73 -13.35
C GLU A 28 -2.52 6.25 -13.61
N LEU A 29 -3.51 5.99 -14.45
CA LEU A 29 -3.89 4.63 -14.79
C LEU A 29 -3.59 4.32 -16.25
N SER A 30 -3.12 3.11 -16.51
CA SER A 30 -2.79 2.69 -17.87
C SER A 30 -3.53 1.40 -18.24
N GLN A 31 -3.20 0.86 -19.41
CA GLN A 31 -3.83 -0.36 -19.89
C GLN A 31 -3.22 -1.58 -19.20
N THR A 32 -1.93 -1.50 -18.91
CA THR A 32 -1.22 -2.60 -18.26
C THR A 32 -0.65 -2.17 -16.91
N THR A 33 -0.37 -0.88 -16.77
CA THR A 33 0.17 -0.33 -15.53
C THR A 33 -0.86 0.49 -14.80
N ALA A 34 -0.66 0.67 -13.50
CA ALA A 34 -1.58 1.45 -12.67
C ALA A 34 -0.85 2.11 -11.51
N LYS A 35 -0.95 3.44 -11.42
CA LYS A 35 -0.30 4.18 -10.35
C LYS A 35 -1.23 4.33 -9.15
N VAL A 36 -0.71 4.05 -7.97
CA VAL A 36 -1.48 4.16 -6.74
C VAL A 36 -0.95 5.27 -5.84
N SER A 37 -1.72 6.35 -5.72
CA SER A 37 -1.31 7.48 -4.89
C SER A 37 -2.16 7.56 -3.62
N PHE A 38 -1.50 7.77 -2.48
CA PHE A 38 -2.20 7.86 -1.21
C PHE A 38 -1.52 8.87 -0.29
N ASN A 39 -2.04 9.01 0.92
CA ASN A 39 -1.48 9.94 1.90
C ASN A 39 -1.12 9.22 3.19
N LYS A 40 0.05 9.57 3.74
CA LYS A 40 0.51 8.96 4.99
C LYS A 40 -0.65 8.74 5.95
N PRO A 41 -0.50 7.75 6.85
CA PRO A 41 -1.52 7.43 7.85
C PRO A 41 -1.65 8.50 8.92
N ASP A 42 -2.88 8.77 9.34
CA ASP A 42 -3.14 9.77 10.36
C ASP A 42 -2.09 9.71 11.48
N SER A 43 -1.57 8.51 11.71
CA SER A 43 -0.56 8.31 12.75
C SER A 43 0.47 7.28 12.30
N HIS A 44 1.61 7.26 12.99
CA HIS A 44 2.68 6.32 12.67
C HIS A 44 2.71 5.16 13.66
N GLY A 45 2.43 5.46 14.93
CA GLY A 45 2.42 4.43 15.96
C GLY A 45 3.66 4.46 16.81
N GLY A 46 4.02 5.64 17.31
CA GLY A 46 5.20 5.77 18.14
C GLY A 46 6.48 5.74 17.33
N VAL A 47 6.69 4.65 16.60
CA VAL A 47 7.89 4.49 15.78
C VAL A 47 7.64 4.96 14.35
N PRO A 48 8.70 5.46 13.70
CA PRO A 48 8.62 5.95 12.32
C PRO A 48 8.41 4.82 11.32
N ILE A 49 7.64 5.09 10.28
CA ILE A 49 7.37 4.10 9.24
C ILE A 49 8.61 3.83 8.39
N HIS A 50 8.77 2.58 7.98
CA HIS A 50 9.91 2.19 7.16
C HIS A 50 9.55 2.23 5.67
N HIS A 51 8.43 1.61 5.33
CA HIS A 51 7.97 1.58 3.95
C HIS A 51 6.49 1.22 3.87
N TYR A 52 5.98 1.09 2.64
CA TYR A 52 4.58 0.75 2.44
C TYR A 52 4.44 -0.56 1.65
N GLN A 53 3.41 -1.34 1.99
CA GLN A 53 3.18 -2.60 1.32
C GLN A 53 1.93 -2.54 0.44
N VAL A 54 2.11 -2.71 -0.87
CA VAL A 54 1.01 -2.67 -1.81
C VAL A 54 0.74 -4.04 -2.40
N ASP A 55 -0.49 -4.53 -2.23
CA ASP A 55 -0.88 -5.83 -2.75
C ASP A 55 -2.03 -5.70 -3.74
N VAL A 56 -1.84 -6.28 -4.92
CA VAL A 56 -2.87 -6.23 -5.96
C VAL A 56 -3.12 -7.62 -6.56
N LYS A 57 -4.36 -7.86 -6.97
CA LYS A 57 -4.73 -9.14 -7.55
C LYS A 57 -6.10 -9.05 -8.22
N GLU A 58 -6.29 -9.85 -9.27
CA GLU A 58 -7.55 -9.86 -10.00
C GLU A 58 -8.70 -10.29 -9.09
N VAL A 59 -9.85 -9.65 -9.26
CA VAL A 59 -11.03 -9.97 -8.45
C VAL A 59 -11.40 -11.44 -8.58
N ALA A 60 -10.80 -12.12 -9.56
CA ALA A 60 -11.07 -13.53 -9.78
C ALA A 60 -9.93 -14.39 -9.27
N SER A 61 -8.70 -13.94 -9.49
CA SER A 61 -7.51 -14.67 -9.06
C SER A 61 -7.62 -15.02 -7.58
N GLU A 62 -6.66 -15.82 -7.10
CA GLU A 62 -6.63 -16.23 -5.70
C GLU A 62 -5.32 -15.86 -5.05
N ILE A 63 -4.29 -15.64 -5.87
CA ILE A 63 -2.97 -15.27 -5.36
C ILE A 63 -2.82 -13.75 -5.31
N TRP A 64 -2.21 -13.27 -4.24
CA TRP A 64 -1.99 -11.83 -4.06
C TRP A 64 -0.55 -11.46 -4.43
N LYS A 65 -0.41 -10.40 -5.22
CA LYS A 65 0.90 -9.93 -5.64
C LYS A 65 1.35 -8.73 -4.81
N ILE A 66 2.43 -8.88 -4.08
CA ILE A 66 2.96 -7.81 -3.24
C ILE A 66 4.03 -7.01 -3.99
N VAL A 67 4.10 -5.71 -3.69
CA VAL A 67 5.08 -4.83 -4.34
C VAL A 67 5.65 -3.83 -3.34
N ARG A 68 6.93 -3.97 -3.04
CA ARG A 68 7.60 -3.08 -2.10
C ARG A 68 8.13 -1.84 -2.81
N SER A 69 7.96 -0.68 -2.19
CA SER A 69 8.42 0.58 -2.77
C SER A 69 9.91 0.79 -2.49
N HIS A 70 10.48 1.81 -3.14
CA HIS A 70 11.89 2.12 -2.96
C HIS A 70 12.14 2.79 -1.61
N GLY A 71 11.47 3.91 -1.38
CA GLY A 71 11.62 4.63 -0.13
C GLY A 71 10.32 4.75 0.63
N VAL A 72 10.19 5.84 1.39
CA VAL A 72 8.98 6.08 2.18
C VAL A 72 7.96 6.89 1.39
N GLN A 73 7.92 6.66 0.07
CA GLN A 73 6.99 7.38 -0.79
C GLN A 73 5.60 6.72 -0.76
N THR A 74 4.58 7.50 -1.08
CA THR A 74 3.21 7.00 -1.09
C THR A 74 2.69 6.86 -2.50
N MET A 75 3.61 6.77 -3.46
CA MET A 75 3.23 6.63 -4.87
C MET A 75 4.03 5.50 -5.53
N VAL A 76 3.33 4.62 -6.24
CA VAL A 76 3.97 3.51 -6.92
C VAL A 76 3.17 3.07 -8.13
N VAL A 77 3.86 2.49 -9.12
CA VAL A 77 3.20 2.03 -10.34
C VAL A 77 3.26 0.51 -10.44
N LEU A 78 2.10 -0.10 -10.66
CA LEU A 78 2.01 -1.55 -10.78
C LEU A 78 2.18 -1.98 -12.24
N ASN A 79 2.72 -3.18 -12.44
CA ASN A 79 2.93 -3.71 -13.77
C ASN A 79 2.44 -5.16 -13.87
N ASN A 80 2.55 -5.74 -15.06
CA ASN A 80 2.12 -7.12 -15.28
C ASN A 80 0.61 -7.25 -15.06
N LEU A 81 -0.16 -6.41 -15.74
CA LEU A 81 -1.61 -6.44 -15.63
C LEU A 81 -2.27 -6.50 -17.00
N GLU A 82 -3.35 -7.27 -17.09
CA GLU A 82 -4.07 -7.42 -18.35
C GLU A 82 -5.00 -6.22 -18.59
N PRO A 83 -5.12 -5.83 -19.86
CA PRO A 83 -5.97 -4.70 -20.25
C PRO A 83 -7.45 -5.01 -20.11
N ASN A 84 -8.26 -3.97 -19.88
CA ASN A 84 -9.70 -4.14 -19.72
C ASN A 84 -10.00 -5.14 -18.61
N THR A 85 -9.23 -5.09 -17.53
CA THR A 85 -9.43 -5.99 -16.40
C THR A 85 -9.49 -5.22 -15.09
N THR A 86 -10.12 -5.82 -14.08
CA THR A 86 -10.25 -5.19 -12.77
C THR A 86 -9.37 -5.88 -11.75
N TYR A 87 -8.70 -5.09 -10.91
CA TYR A 87 -7.83 -5.63 -9.88
C TYR A 87 -8.05 -4.92 -8.56
N GLU A 88 -7.95 -5.67 -7.46
CA GLU A 88 -8.15 -5.12 -6.13
C GLU A 88 -6.80 -4.82 -5.47
N ILE A 89 -6.60 -3.56 -5.10
CA ILE A 89 -5.37 -3.13 -4.46
C ILE A 89 -5.63 -2.56 -3.07
N ARG A 90 -4.69 -2.79 -2.16
CA ARG A 90 -4.83 -2.30 -0.79
C ARG A 90 -3.51 -1.71 -0.29
N VAL A 91 -3.58 -0.54 0.34
CA VAL A 91 -2.40 0.12 0.87
C VAL A 91 -2.29 -0.06 2.38
N ALA A 92 -1.08 -0.36 2.84
CA ALA A 92 -0.85 -0.56 4.27
C ALA A 92 0.48 0.07 4.70
N ALA A 93 0.60 0.33 6.00
CA ALA A 93 1.82 0.94 6.54
C ALA A 93 2.59 -0.05 7.39
N VAL A 94 3.89 -0.16 7.14
CA VAL A 94 4.75 -1.07 7.89
C VAL A 94 5.84 -0.31 8.62
N ASN A 95 6.05 -0.66 9.89
CA ASN A 95 7.07 -0.02 10.71
C ASN A 95 7.78 -1.04 11.59
N GLY A 96 8.75 -0.57 12.37
CA GLY A 96 9.49 -1.45 13.25
C GLY A 96 8.60 -2.48 13.93
N LYS A 97 7.36 -2.09 14.21
CA LYS A 97 6.41 -2.99 14.86
C LYS A 97 5.90 -4.05 13.89
N GLY A 98 5.37 -3.59 12.76
CA GLY A 98 4.85 -4.52 11.76
C GLY A 98 3.91 -3.85 10.78
N GLN A 99 2.99 -4.63 10.22
CA GLN A 99 2.03 -4.11 9.26
C GLN A 99 0.64 -3.99 9.88
N GLY A 100 0.19 -2.77 10.10
CA GLY A 100 -1.12 -2.55 10.68
C GLY A 100 -2.25 -3.03 9.79
N ASP A 101 -3.45 -2.50 10.01
CA ASP A 101 -4.61 -2.89 9.22
C ASP A 101 -4.52 -2.31 7.81
N TYR A 102 -4.97 -3.08 6.83
CA TYR A 102 -4.93 -2.65 5.44
C TYR A 102 -6.03 -1.63 5.16
N SER A 103 -5.72 -0.66 4.31
CA SER A 103 -6.67 0.39 3.96
C SER A 103 -7.87 -0.19 3.20
N LYS A 104 -8.92 0.61 3.08
CA LYS A 104 -10.13 0.17 2.38
C LYS A 104 -9.79 -0.43 1.02
N ILE A 105 -10.22 -1.67 0.81
CA ILE A 105 -9.97 -2.36 -0.45
C ILE A 105 -10.28 -1.48 -1.65
N GLU A 106 -9.28 -1.24 -2.48
CA GLU A 106 -9.46 -0.40 -3.67
C GLU A 106 -9.64 -1.26 -4.91
N ILE A 107 -10.53 -0.81 -5.80
CA ILE A 107 -10.79 -1.54 -7.04
C ILE A 107 -10.60 -0.64 -8.25
N PHE A 108 -9.58 -0.95 -9.06
CA PHE A 108 -9.30 -0.17 -10.26
C PHE A 108 -9.23 -1.07 -11.49
N GLN A 109 -9.85 -0.62 -12.58
CA GLN A 109 -9.86 -1.38 -13.82
C GLN A 109 -8.97 -0.72 -14.87
N THR A 110 -7.94 -1.44 -15.30
CA THR A 110 -7.01 -0.93 -16.30
C THR A 110 -7.76 -0.41 -17.52
N LEU A 111 -7.04 0.28 -18.40
CA LEU A 111 -7.63 0.82 -19.62
C LEU A 111 -7.57 -0.18 -20.76
N PRO A 112 -8.62 -0.19 -21.60
CA PRO A 112 -8.70 -1.09 -22.75
C PRO A 112 -7.71 -0.74 -23.85
N VAL A 113 -6.81 -1.66 -24.14
CA VAL A 113 -5.79 -1.45 -25.17
C VAL A 113 -6.37 -0.69 -26.36
N SER A 114 -5.54 0.13 -26.98
CA SER A 114 -5.97 0.93 -28.13
C SER A 114 -5.40 0.35 -29.42
N GLY A 115 -6.28 -0.04 -30.33
CA GLY A 115 -5.85 -0.60 -31.60
C GLY A 115 -5.70 0.45 -32.68
N PRO A 116 -4.72 0.26 -33.57
CA PRO A 116 -4.45 1.19 -34.66
C PRO A 116 -5.54 1.17 -35.72
N SER A 117 -6.56 0.35 -35.50
CA SER A 117 -7.67 0.24 -36.44
C SER A 117 -7.99 1.60 -37.06
N SER A 118 -8.35 1.58 -38.35
CA SER A 118 -8.67 2.81 -39.06
C SER A 118 -10.06 3.30 -38.69
N GLY A 119 -11.02 2.38 -38.65
CA GLY A 119 -12.39 2.75 -38.30
C GLY A 119 -13.31 1.55 -38.26
N GLY A 1 3.40 2.78 41.04
CA GLY A 1 4.07 3.63 42.00
C GLY A 1 5.56 3.74 41.73
N SER A 2 6.36 3.10 42.57
CA SER A 2 7.81 3.13 42.42
C SER A 2 8.23 2.52 41.09
N SER A 3 8.84 3.34 40.23
CA SER A 3 9.29 2.88 38.93
C SER A 3 10.64 3.51 38.56
N GLY A 4 11.47 2.75 37.86
CA GLY A 4 12.77 3.25 37.46
C GLY A 4 12.81 3.67 36.02
N SER A 5 13.90 4.31 35.61
CA SER A 5 14.06 4.77 34.24
C SER A 5 13.98 3.60 33.26
N SER A 6 13.15 3.75 32.24
CA SER A 6 12.98 2.70 31.23
C SER A 6 14.12 2.73 30.22
N GLY A 7 14.14 3.77 29.38
CA GLY A 7 15.17 3.90 28.38
C GLY A 7 14.76 3.33 27.03
N GLN A 8 15.21 2.12 26.73
CA GLN A 8 14.88 1.48 25.47
C GLN A 8 13.38 1.25 25.35
N GLU A 9 12.67 1.45 26.44
CA GLU A 9 11.22 1.27 26.46
C GLU A 9 10.51 2.61 26.64
N TYR A 10 11.25 3.70 26.48
CA TYR A 10 10.70 5.04 26.62
C TYR A 10 9.47 5.21 25.73
N ILE A 11 9.51 4.63 24.54
CA ILE A 11 8.40 4.71 23.60
C ILE A 11 8.04 3.34 23.05
N LEU A 12 9.06 2.53 22.77
CA LEU A 12 8.85 1.19 22.24
C LEU A 12 7.78 0.45 23.02
N ALA A 13 7.59 0.86 24.28
CA ALA A 13 6.58 0.23 25.13
C ALA A 13 5.21 0.85 24.91
N LEU A 14 5.18 2.14 24.59
CA LEU A 14 3.93 2.84 24.35
C LEU A 14 3.70 3.05 22.86
N ALA A 15 4.30 2.19 22.05
CA ALA A 15 4.16 2.29 20.60
C ALA A 15 3.06 1.35 20.09
N ASP A 16 2.55 1.63 18.90
CA ASP A 16 1.49 0.82 18.31
C ASP A 16 1.52 0.92 16.79
N VAL A 17 1.37 -0.21 16.12
CA VAL A 17 1.38 -0.25 14.65
C VAL A 17 0.70 0.98 14.08
N PRO A 18 1.18 1.40 12.89
CA PRO A 18 0.64 2.58 12.20
C PRO A 18 -0.77 2.34 11.66
N SER A 19 -1.56 3.40 11.60
CA SER A 19 -2.93 3.31 11.11
C SER A 19 -2.95 3.23 9.59
N SER A 20 -4.09 2.80 9.04
CA SER A 20 -4.24 2.68 7.60
C SER A 20 -4.24 4.04 6.93
N PRO A 21 -3.59 4.12 5.75
CA PRO A 21 -3.50 5.37 4.98
C PRO A 21 -4.83 5.79 4.39
N TYR A 22 -4.92 7.04 3.96
CA TYR A 22 -6.15 7.55 3.36
C TYR A 22 -5.85 8.37 2.10
N GLY A 23 -6.91 8.80 1.42
CA GLY A 23 -6.74 9.58 0.21
C GLY A 23 -6.22 8.75 -0.95
N VAL A 24 -6.28 7.43 -0.80
CA VAL A 24 -5.82 6.52 -1.85
C VAL A 24 -6.62 6.71 -3.13
N LYS A 25 -5.91 6.98 -4.23
CA LYS A 25 -6.55 7.18 -5.52
C LYS A 25 -5.56 7.00 -6.66
N ILE A 26 -6.00 6.37 -7.73
CA ILE A 26 -5.15 6.14 -8.90
C ILE A 26 -5.09 7.38 -9.79
N ILE A 27 -3.97 8.07 -9.75
CA ILE A 27 -3.79 9.27 -10.57
C ILE A 27 -3.37 8.91 -11.99
N GLU A 28 -2.49 7.92 -12.12
CA GLU A 28 -2.03 7.48 -13.42
C GLU A 28 -2.45 6.04 -13.69
N LEU A 29 -3.63 5.88 -14.28
CA LEU A 29 -4.16 4.55 -14.60
C LEU A 29 -4.02 4.26 -16.09
N SER A 30 -3.41 3.11 -16.40
CA SER A 30 -3.21 2.71 -17.79
C SER A 30 -3.89 1.37 -18.07
N GLN A 31 -3.70 0.86 -19.28
CA GLN A 31 -4.29 -0.41 -19.67
C GLN A 31 -3.46 -1.58 -19.17
N THR A 32 -2.17 -1.32 -18.93
CA THR A 32 -1.26 -2.36 -18.45
C THR A 32 -0.63 -1.95 -17.12
N THR A 33 -0.57 -0.66 -16.87
CA THR A 33 0.01 -0.14 -15.64
C THR A 33 -1.01 0.64 -14.83
N ALA A 34 -0.71 0.88 -13.56
CA ALA A 34 -1.60 1.62 -12.67
C ALA A 34 -0.86 2.18 -11.48
N LYS A 35 -0.96 3.49 -11.29
CA LYS A 35 -0.28 4.15 -10.18
C LYS A 35 -1.25 4.41 -9.02
N VAL A 36 -0.77 4.21 -7.80
CA VAL A 36 -1.60 4.42 -6.62
C VAL A 36 -0.99 5.48 -5.70
N SER A 37 -1.65 6.62 -5.59
CA SER A 37 -1.17 7.71 -4.75
C SER A 37 -2.06 7.87 -3.51
N PHE A 38 -1.43 7.92 -2.34
CA PHE A 38 -2.16 8.07 -1.09
C PHE A 38 -1.47 9.08 -0.18
N ASN A 39 -2.05 9.30 0.99
CA ASN A 39 -1.50 10.25 1.95
C ASN A 39 -1.08 9.54 3.24
N LYS A 40 0.12 9.87 3.72
CA LYS A 40 0.63 9.26 4.94
C LYS A 40 -0.47 9.10 5.98
N PRO A 41 -0.31 8.11 6.87
CA PRO A 41 -1.28 7.82 7.93
C PRO A 41 -1.30 8.91 9.00
N ASP A 42 -2.48 9.40 9.32
CA ASP A 42 -2.64 10.44 10.34
C ASP A 42 -1.67 10.22 11.49
N SER A 43 -1.43 8.95 11.81
CA SER A 43 -0.53 8.60 12.91
C SER A 43 0.37 7.44 12.51
N HIS A 44 1.60 7.46 13.02
CA HIS A 44 2.57 6.41 12.71
C HIS A 44 2.78 5.50 13.92
N GLY A 45 2.20 5.89 15.06
CA GLY A 45 2.33 5.10 16.27
C GLY A 45 3.42 5.62 17.17
N GLY A 46 4.47 4.83 17.37
CA GLY A 46 5.56 5.23 18.22
C GLY A 46 6.91 5.14 17.52
N VAL A 47 6.91 4.61 16.31
CA VAL A 47 8.13 4.47 15.53
C VAL A 47 7.92 4.91 14.08
N PRO A 48 9.01 5.36 13.44
CA PRO A 48 8.97 5.82 12.05
C PRO A 48 8.73 4.68 11.06
N ILE A 49 7.74 4.85 10.20
CA ILE A 49 7.41 3.84 9.21
C ILE A 49 8.62 3.47 8.36
N HIS A 50 8.80 2.19 8.09
CA HIS A 50 9.91 1.71 7.29
C HIS A 50 9.56 1.73 5.80
N HIS A 51 8.42 1.15 5.46
CA HIS A 51 7.97 1.10 4.07
C HIS A 51 6.49 0.76 3.99
N TYR A 52 5.94 0.79 2.79
CA TYR A 52 4.53 0.48 2.57
C TYR A 52 4.38 -0.83 1.81
N GLN A 53 3.32 -1.58 2.15
CA GLN A 53 3.05 -2.86 1.49
C GLN A 53 1.82 -2.76 0.60
N VAL A 54 1.98 -3.13 -0.66
CA VAL A 54 0.88 -3.09 -1.62
C VAL A 54 0.59 -4.49 -2.17
N ASP A 55 -0.67 -4.91 -2.08
CA ASP A 55 -1.07 -6.21 -2.57
C ASP A 55 -2.16 -6.07 -3.64
N VAL A 56 -1.82 -6.43 -4.88
CA VAL A 56 -2.76 -6.35 -5.98
C VAL A 56 -2.96 -7.71 -6.63
N LYS A 57 -4.16 -7.93 -7.19
CA LYS A 57 -4.48 -9.18 -7.85
C LYS A 57 -5.81 -9.09 -8.58
N GLU A 58 -6.11 -10.10 -9.39
CA GLU A 58 -7.36 -10.12 -10.15
C GLU A 58 -8.52 -10.58 -9.27
N VAL A 59 -9.63 -9.85 -9.34
CA VAL A 59 -10.81 -10.19 -8.55
C VAL A 59 -11.25 -11.62 -8.78
N ALA A 60 -10.71 -12.23 -9.83
CA ALA A 60 -11.04 -13.62 -10.16
C ALA A 60 -9.91 -14.56 -9.77
N SER A 61 -8.68 -14.03 -9.72
CA SER A 61 -7.52 -14.83 -9.35
C SER A 61 -7.31 -14.83 -7.84
N GLU A 62 -6.90 -15.97 -7.31
CA GLU A 62 -6.66 -16.10 -5.87
C GLU A 62 -5.18 -15.97 -5.55
N ILE A 63 -4.44 -15.32 -6.43
CA ILE A 63 -3.01 -15.14 -6.25
C ILE A 63 -2.67 -13.66 -6.00
N TRP A 64 -2.35 -13.33 -4.75
CA TRP A 64 -2.01 -11.96 -4.39
C TRP A 64 -0.54 -11.67 -4.70
N LYS A 65 -0.29 -10.52 -5.33
CA LYS A 65 1.07 -10.13 -5.67
C LYS A 65 1.50 -8.91 -4.86
N ILE A 66 2.53 -9.09 -4.05
CA ILE A 66 3.05 -8.00 -3.22
C ILE A 66 4.04 -7.15 -4.00
N VAL A 67 3.87 -5.83 -3.92
CA VAL A 67 4.75 -4.89 -4.60
C VAL A 67 5.19 -3.77 -3.67
N ARG A 68 6.40 -3.90 -3.13
CA ARG A 68 6.94 -2.89 -2.23
C ARG A 68 7.67 -1.79 -3.00
N SER A 69 7.83 -0.64 -2.38
CA SER A 69 8.50 0.49 -3.00
C SER A 69 9.93 0.63 -2.50
N HIS A 70 10.69 1.54 -3.11
CA HIS A 70 12.07 1.77 -2.71
C HIS A 70 12.14 2.52 -1.39
N GLY A 71 11.74 3.78 -1.41
CA GLY A 71 11.77 4.59 -0.19
C GLY A 71 10.45 4.56 0.56
N VAL A 72 10.20 5.60 1.34
CA VAL A 72 8.97 5.69 2.11
C VAL A 72 7.93 6.54 1.39
N GLN A 73 7.94 6.49 0.06
CA GLN A 73 7.00 7.26 -0.74
C GLN A 73 5.61 6.62 -0.71
N THR A 74 4.58 7.46 -0.83
CA THR A 74 3.21 6.98 -0.81
C THR A 74 2.66 6.83 -2.22
N MET A 75 3.56 6.79 -3.20
CA MET A 75 3.17 6.66 -4.60
C MET A 75 3.99 5.57 -5.28
N VAL A 76 3.31 4.73 -6.06
CA VAL A 76 3.97 3.64 -6.77
C VAL A 76 3.20 3.25 -8.02
N VAL A 77 3.89 2.63 -8.98
CA VAL A 77 3.27 2.21 -10.22
C VAL A 77 3.29 0.69 -10.36
N LEU A 78 2.18 0.12 -10.79
CA LEU A 78 2.07 -1.32 -10.97
C LEU A 78 2.24 -1.70 -12.43
N ASN A 79 2.93 -2.82 -12.68
CA ASN A 79 3.15 -3.29 -14.04
C ASN A 79 2.72 -4.75 -14.18
N ASN A 80 2.86 -5.29 -15.39
CA ASN A 80 2.48 -6.67 -15.66
C ASN A 80 0.99 -6.89 -15.42
N LEU A 81 0.18 -5.96 -15.90
CA LEU A 81 -1.27 -6.06 -15.74
C LEU A 81 -1.96 -6.19 -17.09
N GLU A 82 -3.05 -6.95 -17.12
CA GLU A 82 -3.80 -7.16 -18.35
C GLU A 82 -4.84 -6.05 -18.55
N PRO A 83 -5.05 -5.66 -19.82
CA PRO A 83 -6.01 -4.62 -20.18
C PRO A 83 -7.45 -5.05 -19.96
N ASN A 84 -8.36 -4.09 -19.89
CA ASN A 84 -9.77 -4.37 -19.69
C ASN A 84 -9.97 -5.40 -18.58
N THR A 85 -9.18 -5.26 -17.51
CA THR A 85 -9.27 -6.18 -16.38
C THR A 85 -9.33 -5.40 -15.06
N THR A 86 -9.92 -6.02 -14.04
CA THR A 86 -10.05 -5.40 -12.74
C THR A 86 -9.14 -6.06 -11.71
N TYR A 87 -8.56 -5.25 -10.83
CA TYR A 87 -7.66 -5.76 -9.80
C TYR A 87 -7.91 -5.06 -8.47
N GLU A 88 -7.83 -5.82 -7.38
CA GLU A 88 -8.03 -5.28 -6.05
C GLU A 88 -6.71 -4.96 -5.37
N ILE A 89 -6.53 -3.70 -5.01
CA ILE A 89 -5.30 -3.26 -4.36
C ILE A 89 -5.59 -2.67 -2.98
N ARG A 90 -4.62 -2.81 -2.07
CA ARG A 90 -4.77 -2.29 -0.71
C ARG A 90 -3.45 -1.73 -0.20
N VAL A 91 -3.50 -0.55 0.40
CA VAL A 91 -2.32 0.10 0.93
C VAL A 91 -2.25 -0.05 2.45
N ALA A 92 -1.10 -0.50 2.95
CA ALA A 92 -0.91 -0.68 4.38
C ALA A 92 0.45 -0.17 4.83
N ALA A 93 0.52 0.29 6.07
CA ALA A 93 1.78 0.82 6.61
C ALA A 93 2.46 -0.22 7.50
N VAL A 94 3.73 -0.49 7.22
CA VAL A 94 4.50 -1.45 7.99
C VAL A 94 5.66 -0.79 8.71
N ASN A 95 5.78 -1.07 10.01
CA ASN A 95 6.85 -0.49 10.82
C ASN A 95 7.40 -1.52 11.80
N GLY A 96 8.33 -1.08 12.64
CA GLY A 96 8.92 -1.98 13.62
C GLY A 96 7.89 -2.81 14.34
N LYS A 97 6.72 -2.23 14.59
CA LYS A 97 5.65 -2.94 15.28
C LYS A 97 5.12 -4.08 14.42
N GLY A 98 4.85 -3.80 13.16
CA GLY A 98 4.33 -4.83 12.27
C GLY A 98 3.56 -4.25 11.11
N GLN A 99 2.56 -5.00 10.63
CA GLN A 99 1.73 -4.55 9.51
C GLN A 99 0.38 -4.08 10.00
N GLY A 100 0.21 -2.76 10.08
CA GLY A 100 -1.05 -2.20 10.53
C GLY A 100 -2.23 -2.71 9.74
N ASP A 101 -3.42 -2.21 10.07
CA ASP A 101 -4.64 -2.63 9.37
C ASP A 101 -4.61 -2.16 7.91
N TYR A 102 -5.07 -3.02 7.02
CA TYR A 102 -5.11 -2.71 5.60
C TYR A 102 -6.20 -1.68 5.30
N SER A 103 -5.88 -0.74 4.41
CA SER A 103 -6.83 0.30 4.03
C SER A 103 -7.97 -0.28 3.21
N LYS A 104 -9.12 0.40 3.24
CA LYS A 104 -10.29 -0.04 2.51
C LYS A 104 -9.90 -0.62 1.15
N ILE A 105 -10.14 -1.92 0.96
CA ILE A 105 -9.82 -2.59 -0.28
C ILE A 105 -10.21 -1.73 -1.49
N GLU A 106 -9.23 -1.45 -2.35
CA GLU A 106 -9.47 -0.65 -3.54
C GLU A 106 -9.63 -1.53 -4.78
N ILE A 107 -10.44 -1.08 -5.72
CA ILE A 107 -10.68 -1.83 -6.95
C ILE A 107 -10.55 -0.92 -8.17
N PHE A 108 -9.53 -1.19 -8.99
CA PHE A 108 -9.30 -0.40 -10.20
C PHE A 108 -9.32 -1.29 -11.43
N GLN A 109 -9.82 -0.74 -12.54
CA GLN A 109 -9.90 -1.49 -13.79
C GLN A 109 -9.05 -0.84 -14.87
N THR A 110 -8.12 -1.60 -15.44
CA THR A 110 -7.24 -1.09 -16.49
C THR A 110 -8.03 -0.64 -17.70
N LEU A 111 -7.48 0.31 -18.45
CA LEU A 111 -8.13 0.83 -19.64
C LEU A 111 -8.07 -0.18 -20.78
N PRO A 112 -9.16 -0.24 -21.57
CA PRO A 112 -9.25 -1.16 -22.71
C PRO A 112 -8.32 -0.77 -23.85
N VAL A 113 -7.39 -1.65 -24.18
CA VAL A 113 -6.44 -1.40 -25.25
C VAL A 113 -7.08 -0.60 -26.38
N SER A 114 -6.63 0.64 -26.55
CA SER A 114 -7.17 1.51 -27.59
C SER A 114 -6.46 1.26 -28.92
N GLY A 115 -7.24 1.17 -29.99
CA GLY A 115 -6.68 0.94 -31.31
C GLY A 115 -5.58 1.93 -31.65
N PRO A 116 -4.63 1.50 -32.49
CA PRO A 116 -3.50 2.34 -32.91
C PRO A 116 -3.94 3.47 -33.84
N SER A 117 -5.22 3.46 -34.22
CA SER A 117 -5.76 4.47 -35.11
C SER A 117 -5.54 5.87 -34.54
N SER A 118 -6.05 6.09 -33.33
CA SER A 118 -5.91 7.39 -32.67
C SER A 118 -4.52 7.55 -32.07
N GLY A 119 -3.87 8.67 -32.39
CA GLY A 119 -2.54 8.92 -31.87
C GLY A 119 -2.54 9.95 -30.75
N GLY A 1 15.06 1.28 42.84
CA GLY A 1 14.25 0.27 42.16
C GLY A 1 14.42 0.32 40.66
N SER A 2 14.07 -0.78 39.99
CA SER A 2 14.17 -0.85 38.54
C SER A 2 13.71 0.43 37.88
N SER A 3 14.56 1.02 37.05
CA SER A 3 14.23 2.26 36.36
C SER A 3 15.23 2.54 35.24
N GLY A 4 14.73 3.00 34.10
CA GLY A 4 15.59 3.30 32.98
C GLY A 4 16.47 4.51 33.22
N SER A 5 17.71 4.44 32.77
CA SER A 5 18.66 5.53 32.95
C SER A 5 18.62 6.49 31.76
N SER A 6 18.67 5.93 30.56
CA SER A 6 18.64 6.74 29.35
C SER A 6 17.23 7.20 29.03
N GLY A 7 16.28 6.25 29.07
CA GLY A 7 14.90 6.58 28.79
C GLY A 7 14.24 5.56 27.89
N GLN A 8 14.06 4.35 28.40
CA GLN A 8 13.44 3.27 27.63
C GLN A 8 12.09 2.90 28.23
N GLU A 9 11.36 2.02 27.53
CA GLU A 9 10.05 1.58 27.99
C GLU A 9 9.12 2.77 28.23
N TYR A 10 9.32 3.83 27.45
CA TYR A 10 8.51 5.03 27.58
C TYR A 10 7.42 5.06 26.50
N ILE A 11 7.79 4.71 25.28
CA ILE A 11 6.84 4.71 24.17
C ILE A 11 6.92 3.39 23.40
N LEU A 12 8.11 2.83 23.30
CA LEU A 12 8.32 1.57 22.60
C LEU A 12 7.38 0.49 23.14
N ALA A 13 6.91 0.68 24.37
CA ALA A 13 6.01 -0.27 25.00
C ALA A 13 4.59 -0.11 24.48
N LEU A 14 4.16 1.14 24.30
CA LEU A 14 2.82 1.43 23.82
C LEU A 14 2.79 1.45 22.29
N ALA A 15 3.92 1.09 21.68
CA ALA A 15 4.01 1.06 20.22
C ALA A 15 3.30 -0.16 19.65
N ASP A 16 2.26 0.08 18.87
CA ASP A 16 1.51 -1.01 18.25
C ASP A 16 1.79 -1.10 16.76
N VAL A 17 1.23 -0.16 15.99
CA VAL A 17 1.43 -0.14 14.55
C VAL A 17 0.77 1.09 13.93
N PRO A 18 1.24 1.47 12.73
CA PRO A 18 0.72 2.63 12.01
C PRO A 18 -0.69 2.40 11.48
N SER A 19 -1.52 3.44 11.54
CA SER A 19 -2.90 3.34 11.08
C SER A 19 -2.96 3.30 9.56
N SER A 20 -4.01 2.68 9.02
CA SER A 20 -4.19 2.57 7.58
C SER A 20 -4.08 3.94 6.91
N PRO A 21 -3.46 3.96 5.72
CA PRO A 21 -3.28 5.20 4.95
C PRO A 21 -4.60 5.73 4.41
N TYR A 22 -4.57 6.99 3.95
CA TYR A 22 -5.76 7.63 3.40
C TYR A 22 -5.42 8.42 2.14
N GLY A 23 -6.46 8.87 1.44
CA GLY A 23 -6.25 9.64 0.23
C GLY A 23 -5.94 8.76 -0.97
N VAL A 24 -5.59 7.51 -0.70
CA VAL A 24 -5.25 6.56 -1.75
C VAL A 24 -6.24 6.66 -2.91
N LYS A 25 -5.74 7.03 -4.09
CA LYS A 25 -6.58 7.17 -5.27
C LYS A 25 -5.75 7.08 -6.54
N ILE A 26 -6.27 6.37 -7.54
CA ILE A 26 -5.56 6.20 -8.81
C ILE A 26 -5.65 7.48 -9.64
N ILE A 27 -4.49 8.02 -9.98
CA ILE A 27 -4.43 9.25 -10.79
C ILE A 27 -4.07 8.92 -12.23
N GLU A 28 -3.09 8.06 -12.42
CA GLU A 28 -2.65 7.66 -13.76
C GLU A 28 -2.80 6.17 -13.97
N LEU A 29 -3.98 5.76 -14.45
CA LEU A 29 -4.24 4.34 -14.70
C LEU A 29 -4.08 4.01 -16.18
N SER A 30 -3.27 2.98 -16.45
CA SER A 30 -3.02 2.56 -17.82
C SER A 30 -3.69 1.22 -18.11
N GLN A 31 -3.44 0.67 -19.29
CA GLN A 31 -4.02 -0.60 -19.68
C GLN A 31 -3.26 -1.76 -19.04
N THR A 32 -1.97 -1.54 -18.77
CA THR A 32 -1.14 -2.57 -18.15
C THR A 32 -0.54 -2.08 -16.84
N THR A 33 -0.42 -0.76 -16.70
CA THR A 33 0.14 -0.16 -15.50
C THR A 33 -0.93 0.64 -14.74
N ALA A 34 -0.66 0.91 -13.47
CA ALA A 34 -1.58 1.67 -12.64
C ALA A 34 -0.84 2.44 -11.55
N LYS A 35 -0.98 3.76 -11.57
CA LYS A 35 -0.33 4.61 -10.59
C LYS A 35 -1.25 4.89 -9.41
N VAL A 36 -0.79 4.54 -8.21
CA VAL A 36 -1.57 4.75 -7.00
C VAL A 36 -0.95 5.84 -6.13
N SER A 37 -1.74 6.89 -5.86
CA SER A 37 -1.27 7.99 -5.04
C SER A 37 -2.04 8.07 -3.72
N PHE A 38 -1.32 8.00 -2.61
CA PHE A 38 -1.94 8.06 -1.29
C PHE A 38 -1.20 9.05 -0.39
N ASN A 39 -1.70 9.21 0.83
CA ASN A 39 -1.09 10.13 1.78
C ASN A 39 -0.65 9.38 3.04
N LYS A 40 0.29 9.97 3.77
CA LYS A 40 0.80 9.36 5.00
C LYS A 40 -0.30 9.27 6.05
N PRO A 41 -0.22 8.22 6.88
CA PRO A 41 -1.20 7.98 7.95
C PRO A 41 -1.10 9.02 9.07
N ASP A 42 -2.23 9.33 9.69
CA ASP A 42 -2.27 10.30 10.78
C ASP A 42 -1.58 9.76 12.03
N SER A 43 -1.46 8.43 12.09
CA SER A 43 -0.83 7.78 13.23
C SER A 43 0.22 6.77 12.77
N HIS A 44 1.48 7.02 13.14
CA HIS A 44 2.58 6.14 12.75
C HIS A 44 2.67 4.96 13.72
N GLY A 45 2.23 5.16 14.95
CA GLY A 45 2.28 4.11 15.94
C GLY A 45 3.54 4.16 16.78
N GLY A 46 3.93 5.37 17.18
CA GLY A 46 5.13 5.53 17.99
C GLY A 46 6.39 5.65 17.15
N VAL A 47 6.69 4.61 16.38
CA VAL A 47 7.87 4.60 15.53
C VAL A 47 7.51 4.96 14.09
N PRO A 48 8.48 5.51 13.35
CA PRO A 48 8.30 5.90 11.96
C PRO A 48 8.13 4.70 11.03
N ILE A 49 7.37 4.89 9.95
CA ILE A 49 7.13 3.82 9.00
C ILE A 49 8.39 3.50 8.19
N HIS A 50 8.62 2.22 7.92
CA HIS A 50 9.78 1.79 7.16
C HIS A 50 9.47 1.74 5.66
N HIS A 51 8.39 1.05 5.32
CA HIS A 51 7.98 0.93 3.92
C HIS A 51 6.50 0.62 3.82
N TYR A 52 5.96 0.72 2.61
CA TYR A 52 4.54 0.45 2.37
C TYR A 52 4.35 -0.91 1.70
N GLN A 53 3.37 -1.67 2.18
CA GLN A 53 3.08 -2.98 1.63
C GLN A 53 1.78 -2.96 0.83
N VAL A 54 1.92 -2.97 -0.49
CA VAL A 54 0.76 -2.95 -1.39
C VAL A 54 0.50 -4.33 -1.98
N ASP A 55 -0.76 -4.75 -1.97
CA ASP A 55 -1.13 -6.05 -2.52
C ASP A 55 -2.22 -5.89 -3.59
N VAL A 56 -1.91 -6.37 -4.79
CA VAL A 56 -2.85 -6.29 -5.90
C VAL A 56 -3.05 -7.65 -6.56
N LYS A 57 -4.24 -7.87 -7.12
CA LYS A 57 -4.55 -9.13 -7.79
C LYS A 57 -5.88 -9.03 -8.54
N GLU A 58 -6.17 -10.05 -9.35
CA GLU A 58 -7.41 -10.08 -10.11
C GLU A 58 -8.58 -10.49 -9.22
N VAL A 59 -9.73 -9.84 -9.43
CA VAL A 59 -10.92 -10.13 -8.65
C VAL A 59 -11.31 -11.61 -8.78
N ALA A 60 -10.69 -12.29 -9.73
CA ALA A 60 -10.97 -13.71 -9.96
C ALA A 60 -9.81 -14.57 -9.49
N SER A 61 -8.60 -14.05 -9.58
CA SER A 61 -7.41 -14.78 -9.16
C SER A 61 -7.43 -15.03 -7.67
N GLU A 62 -6.56 -15.93 -7.21
CA GLU A 62 -6.48 -16.27 -5.80
C GLU A 62 -5.09 -15.94 -5.24
N ILE A 63 -4.16 -15.63 -6.14
CA ILE A 63 -2.80 -15.29 -5.74
C ILE A 63 -2.62 -13.78 -5.64
N TRP A 64 -2.31 -13.31 -4.44
CA TRP A 64 -2.10 -11.88 -4.20
C TRP A 64 -0.66 -11.48 -4.51
N LYS A 65 -0.50 -10.39 -5.25
CA LYS A 65 0.83 -9.89 -5.60
C LYS A 65 1.24 -8.74 -4.69
N ILE A 66 2.38 -8.91 -4.03
CA ILE A 66 2.90 -7.87 -3.13
C ILE A 66 3.94 -7.00 -3.83
N VAL A 67 3.81 -5.69 -3.65
CA VAL A 67 4.75 -4.75 -4.26
C VAL A 67 5.06 -3.60 -3.31
N ARG A 68 6.25 -3.62 -2.72
CA ARG A 68 6.67 -2.58 -1.79
C ARG A 68 7.49 -1.51 -2.51
N SER A 69 7.48 -0.30 -1.97
CA SER A 69 8.21 0.81 -2.55
C SER A 69 9.63 0.89 -1.99
N HIS A 70 10.55 1.39 -2.81
CA HIS A 70 11.95 1.52 -2.39
C HIS A 70 12.04 2.08 -0.97
N GLY A 71 11.43 3.24 -0.75
CA GLY A 71 11.46 3.86 0.55
C GLY A 71 10.08 4.07 1.13
N VAL A 72 9.85 5.25 1.70
CA VAL A 72 8.55 5.57 2.29
C VAL A 72 7.69 6.35 1.31
N GLN A 73 8.01 6.25 0.02
CA GLN A 73 7.25 6.95 -1.01
C GLN A 73 5.75 6.85 -0.75
N THR A 74 4.98 7.66 -1.47
CA THR A 74 3.54 7.67 -1.32
C THR A 74 2.84 7.35 -2.64
N MET A 75 3.62 7.27 -3.70
CA MET A 75 3.10 6.97 -5.03
C MET A 75 3.92 5.88 -5.72
N VAL A 76 3.24 4.83 -6.17
CA VAL A 76 3.92 3.72 -6.85
C VAL A 76 3.12 3.26 -8.05
N VAL A 77 3.83 2.86 -9.11
CA VAL A 77 3.19 2.38 -10.33
C VAL A 77 3.26 0.87 -10.43
N LEU A 78 2.10 0.24 -10.66
CA LEU A 78 2.04 -1.21 -10.79
C LEU A 78 2.23 -1.65 -12.24
N ASN A 79 2.76 -2.85 -12.43
CA ASN A 79 3.00 -3.38 -13.77
C ASN A 79 2.60 -4.85 -13.85
N ASN A 80 2.84 -5.46 -15.00
CA ASN A 80 2.52 -6.87 -15.20
C ASN A 80 1.02 -7.12 -15.03
N LEU A 81 0.21 -6.20 -15.57
CA LEU A 81 -1.24 -6.32 -15.48
C LEU A 81 -1.86 -6.44 -16.86
N GLU A 82 -3.02 -7.11 -16.93
CA GLU A 82 -3.71 -7.29 -18.20
C GLU A 82 -4.73 -6.18 -18.41
N PRO A 83 -4.89 -5.76 -19.68
CA PRO A 83 -5.83 -4.70 -20.06
C PRO A 83 -7.27 -5.15 -19.93
N ASN A 84 -8.20 -4.18 -19.91
CA ASN A 84 -9.62 -4.47 -19.79
C ASN A 84 -9.88 -5.46 -18.66
N THR A 85 -9.09 -5.34 -17.59
CA THR A 85 -9.24 -6.22 -16.44
C THR A 85 -9.31 -5.42 -15.14
N THR A 86 -9.90 -6.01 -14.11
CA THR A 86 -10.03 -5.36 -12.82
C THR A 86 -9.13 -6.01 -11.78
N TYR A 87 -8.57 -5.19 -10.89
CA TYR A 87 -7.69 -5.68 -9.84
C TYR A 87 -7.92 -4.93 -8.54
N GLU A 88 -7.91 -5.67 -7.43
CA GLU A 88 -8.12 -5.08 -6.11
C GLU A 88 -6.78 -4.80 -5.43
N ILE A 89 -6.56 -3.52 -5.09
CA ILE A 89 -5.33 -3.12 -4.43
C ILE A 89 -5.61 -2.55 -3.05
N ARG A 90 -4.67 -2.74 -2.12
CA ARG A 90 -4.82 -2.24 -0.76
C ARG A 90 -3.49 -1.68 -0.25
N VAL A 91 -3.56 -0.51 0.39
CA VAL A 91 -2.37 0.14 0.93
C VAL A 91 -2.26 -0.09 2.42
N ALA A 92 -1.08 -0.51 2.86
CA ALA A 92 -0.84 -0.76 4.28
C ALA A 92 0.51 -0.19 4.72
N ALA A 93 0.55 0.35 5.93
CA ALA A 93 1.77 0.93 6.48
C ALA A 93 2.47 -0.04 7.42
N VAL A 94 3.76 -0.26 7.19
CA VAL A 94 4.55 -1.17 8.02
C VAL A 94 5.70 -0.44 8.70
N ASN A 95 5.74 -0.52 10.03
CA ASN A 95 6.79 0.14 10.79
C ASN A 95 7.64 -0.89 11.54
N GLY A 96 8.67 -0.42 12.23
CA GLY A 96 9.54 -1.30 12.98
C GLY A 96 8.77 -2.21 13.91
N LYS A 97 7.52 -1.86 14.18
CA LYS A 97 6.68 -2.65 15.08
C LYS A 97 6.05 -3.83 14.33
N GLY A 98 5.51 -3.55 13.15
CA GLY A 98 4.88 -4.58 12.35
C GLY A 98 4.11 -4.02 11.18
N GLN A 99 3.02 -4.70 10.81
CA GLN A 99 2.19 -4.27 9.70
C GLN A 99 0.81 -3.81 10.18
N GLY A 100 0.53 -2.52 10.03
CA GLY A 100 -0.75 -1.98 10.45
C GLY A 100 -1.90 -2.51 9.62
N ASP A 101 -3.12 -2.14 9.99
CA ASP A 101 -4.31 -2.56 9.27
C ASP A 101 -4.24 -2.15 7.80
N TYR A 102 -4.93 -2.90 6.96
CA TYR A 102 -4.94 -2.60 5.52
C TYR A 102 -6.03 -1.60 5.18
N SER A 103 -5.70 -0.64 4.31
CA SER A 103 -6.65 0.38 3.91
C SER A 103 -7.88 -0.24 3.25
N LYS A 104 -8.91 0.57 3.03
CA LYS A 104 -10.14 0.10 2.41
C LYS A 104 -9.86 -0.50 1.04
N ILE A 105 -10.02 -1.82 0.93
CA ILE A 105 -9.80 -2.52 -0.32
C ILE A 105 -10.21 -1.66 -1.52
N GLU A 106 -9.25 -1.34 -2.38
CA GLU A 106 -9.50 -0.53 -3.55
C GLU A 106 -9.65 -1.39 -4.79
N ILE A 107 -10.47 -0.94 -5.74
CA ILE A 107 -10.70 -1.68 -6.97
C ILE A 107 -10.58 -0.77 -8.19
N PHE A 108 -9.57 -1.01 -9.02
CA PHE A 108 -9.35 -0.21 -10.22
C PHE A 108 -9.33 -1.08 -11.46
N GLN A 109 -10.03 -0.64 -12.50
CA GLN A 109 -10.10 -1.39 -13.75
C GLN A 109 -9.20 -0.75 -14.81
N THR A 110 -8.26 -1.54 -15.33
CA THR A 110 -7.34 -1.05 -16.35
C THR A 110 -8.09 -0.58 -17.58
N LEU A 111 -7.38 0.10 -18.48
CA LEU A 111 -7.98 0.62 -19.71
C LEU A 111 -7.93 -0.43 -20.81
N PRO A 112 -8.99 -0.48 -21.62
CA PRO A 112 -9.10 -1.44 -22.74
C PRO A 112 -8.13 -1.11 -23.87
N VAL A 113 -7.21 -2.03 -24.14
CA VAL A 113 -6.23 -1.84 -25.20
C VAL A 113 -6.84 -1.09 -26.38
N SER A 114 -6.25 0.05 -26.71
CA SER A 114 -6.73 0.87 -27.82
C SER A 114 -5.56 1.40 -28.66
N GLY A 115 -5.81 1.60 -29.94
CA GLY A 115 -4.77 2.10 -30.83
C GLY A 115 -3.91 0.99 -31.41
N PRO A 116 -3.46 1.18 -32.65
CA PRO A 116 -2.62 0.20 -33.35
C PRO A 116 -1.22 0.10 -32.74
N SER A 117 -0.61 1.25 -32.49
CA SER A 117 0.73 1.30 -31.91
C SER A 117 0.77 0.56 -30.57
N SER A 118 1.83 -0.22 -30.37
CA SER A 118 1.98 -0.97 -29.13
C SER A 118 2.27 -0.04 -27.96
N GLY A 119 1.96 -0.50 -26.75
CA GLY A 119 2.18 0.31 -25.56
C GLY A 119 1.41 -0.19 -24.37
N GLY A 1 9.38 4.43 38.09
CA GLY A 1 10.70 4.60 37.53
C GLY A 1 10.98 6.03 37.14
N SER A 2 11.22 6.88 38.13
CA SER A 2 11.49 8.30 37.87
C SER A 2 12.93 8.65 38.26
N SER A 3 13.38 9.83 37.86
CA SER A 3 14.73 10.28 38.16
C SER A 3 15.75 9.18 37.89
N GLY A 4 15.56 8.48 36.77
CA GLY A 4 16.47 7.40 36.42
C GLY A 4 17.16 7.64 35.10
N SER A 5 16.98 6.72 34.16
CA SER A 5 17.59 6.83 32.84
C SER A 5 16.78 6.08 31.80
N SER A 6 17.12 6.28 30.53
CA SER A 6 16.43 5.63 29.43
C SER A 6 16.64 4.12 29.48
N GLY A 7 15.65 3.40 30.01
CA GLY A 7 15.75 1.96 30.11
C GLY A 7 14.80 1.25 29.16
N GLN A 8 14.50 -0.01 29.46
CA GLN A 8 13.61 -0.80 28.62
C GLN A 8 12.15 -0.44 28.91
N GLU A 9 11.25 -0.88 28.03
CA GLU A 9 9.83 -0.61 28.18
C GLU A 9 9.57 0.89 28.28
N TYR A 10 10.47 1.68 27.69
CA TYR A 10 10.34 3.13 27.71
C TYR A 10 9.38 3.60 26.62
N ILE A 11 9.49 3.01 25.44
CA ILE A 11 8.64 3.36 24.32
C ILE A 11 8.02 2.12 23.67
N LEU A 12 8.82 1.07 23.56
CA LEU A 12 8.35 -0.18 22.96
C LEU A 12 7.04 -0.64 23.61
N ALA A 13 6.76 -0.12 24.79
CA ALA A 13 5.53 -0.46 25.50
C ALA A 13 4.40 0.49 25.12
N LEU A 14 4.74 1.74 24.87
CA LEU A 14 3.74 2.74 24.49
C LEU A 14 3.66 2.89 22.98
N ALA A 15 4.26 1.94 22.26
CA ALA A 15 4.26 1.97 20.80
C ALA A 15 3.09 1.16 20.25
N ASP A 16 2.65 1.50 19.04
CA ASP A 16 1.54 0.80 18.40
C ASP A 16 1.63 0.95 16.88
N VAL A 17 1.40 -0.16 16.17
CA VAL A 17 1.44 -0.15 14.72
C VAL A 17 0.69 1.05 14.15
N PRO A 18 1.14 1.51 12.97
CA PRO A 18 0.52 2.66 12.29
C PRO A 18 -0.87 2.34 11.76
N SER A 19 -1.73 3.36 11.73
CA SER A 19 -3.09 3.18 11.24
C SER A 19 -3.13 3.10 9.73
N SER A 20 -4.27 2.69 9.18
CA SER A 20 -4.43 2.57 7.74
C SER A 20 -4.42 3.93 7.06
N PRO A 21 -3.74 4.01 5.91
CA PRO A 21 -3.63 5.25 5.14
C PRO A 21 -4.96 5.67 4.50
N TYR A 22 -4.94 6.77 3.76
CA TYR A 22 -6.14 7.27 3.11
C TYR A 22 -5.78 8.08 1.87
N GLY A 23 -6.81 8.48 1.12
CA GLY A 23 -6.58 9.27 -0.09
C GLY A 23 -6.08 8.41 -1.24
N VAL A 24 -6.18 7.10 -1.10
CA VAL A 24 -5.73 6.18 -2.14
C VAL A 24 -6.52 6.38 -3.43
N LYS A 25 -5.85 6.89 -4.46
CA LYS A 25 -6.48 7.12 -5.75
C LYS A 25 -5.49 6.95 -6.89
N ILE A 26 -5.95 6.41 -8.00
CA ILE A 26 -5.09 6.20 -9.17
C ILE A 26 -5.00 7.47 -10.02
N ILE A 27 -3.91 8.20 -9.84
CA ILE A 27 -3.70 9.43 -10.59
C ILE A 27 -3.41 9.14 -12.06
N GLU A 28 -2.64 8.07 -12.31
CA GLU A 28 -2.29 7.69 -13.66
C GLU A 28 -2.62 6.22 -13.92
N LEU A 29 -3.79 5.98 -14.52
CA LEU A 29 -4.23 4.62 -14.83
C LEU A 29 -3.99 4.28 -16.29
N SER A 30 -3.36 3.15 -16.54
CA SER A 30 -3.07 2.71 -17.90
C SER A 30 -3.73 1.36 -18.19
N GLN A 31 -3.51 0.85 -19.39
CA GLN A 31 -4.08 -0.42 -19.79
C GLN A 31 -3.25 -1.59 -19.25
N THR A 32 -2.01 -1.29 -18.86
CA THR A 32 -1.12 -2.32 -18.34
C THR A 32 -0.55 -1.89 -16.98
N THR A 33 -0.30 -0.60 -16.83
CA THR A 33 0.25 -0.08 -15.58
C THR A 33 -0.82 0.71 -14.80
N ALA A 34 -0.54 0.95 -13.53
CA ALA A 34 -1.47 1.70 -12.68
C ALA A 34 -0.74 2.39 -11.53
N LYS A 35 -0.77 3.72 -11.53
CA LYS A 35 -0.11 4.49 -10.49
C LYS A 35 -1.08 4.84 -9.37
N VAL A 36 -0.78 4.36 -8.16
CA VAL A 36 -1.63 4.63 -7.01
C VAL A 36 -0.98 5.63 -6.07
N SER A 37 -1.68 6.73 -5.80
CA SER A 37 -1.17 7.76 -4.91
C SER A 37 -2.04 7.90 -3.67
N PHE A 38 -1.44 7.73 -2.50
CA PHE A 38 -2.16 7.83 -1.25
C PHE A 38 -1.48 8.82 -0.30
N ASN A 39 -2.06 9.01 0.88
CA ASN A 39 -1.52 9.93 1.87
C ASN A 39 -1.11 9.18 3.14
N LYS A 40 0.14 9.34 3.54
CA LYS A 40 0.65 8.69 4.75
C LYS A 40 -0.34 8.83 5.90
N PRO A 41 -0.35 7.83 6.80
CA PRO A 41 -1.23 7.83 7.97
C PRO A 41 -0.85 8.89 8.99
N ASP A 42 -1.76 9.82 9.24
CA ASP A 42 -1.53 10.88 10.20
C ASP A 42 -0.97 10.33 11.51
N SER A 43 -1.23 9.06 11.76
CA SER A 43 -0.75 8.40 12.98
C SER A 43 0.20 7.27 12.65
N HIS A 44 1.31 7.20 13.38
CA HIS A 44 2.32 6.16 13.16
C HIS A 44 2.51 5.32 14.42
N GLY A 45 2.38 5.97 15.58
CA GLY A 45 2.55 5.26 16.85
C GLY A 45 3.81 5.67 17.58
N GLY A 46 4.51 4.69 18.13
CA GLY A 46 5.74 4.98 18.85
C GLY A 46 6.98 4.80 17.98
N VAL A 47 6.86 4.00 16.94
CA VAL A 47 7.98 3.75 16.04
C VAL A 47 7.73 4.37 14.67
N PRO A 48 8.81 4.82 14.02
CA PRO A 48 8.72 5.45 12.69
C PRO A 48 8.37 4.45 11.60
N ILE A 49 7.71 4.94 10.55
CA ILE A 49 7.31 4.09 9.44
C ILE A 49 8.50 3.74 8.55
N HIS A 50 8.62 2.46 8.19
CA HIS A 50 9.72 2.00 7.35
C HIS A 50 9.34 2.07 5.87
N HIS A 51 8.22 1.44 5.53
CA HIS A 51 7.74 1.44 4.16
C HIS A 51 6.27 1.01 4.10
N TYR A 52 5.74 0.93 2.88
CA TYR A 52 4.35 0.54 2.68
C TYR A 52 4.25 -0.75 1.88
N GLN A 53 3.29 -1.59 2.24
CA GLN A 53 3.10 -2.87 1.55
C GLN A 53 1.81 -2.85 0.74
N VAL A 54 1.94 -2.97 -0.58
CA VAL A 54 0.79 -2.98 -1.47
C VAL A 54 0.63 -4.32 -2.18
N ASP A 55 -0.59 -4.84 -2.18
CA ASP A 55 -0.87 -6.12 -2.83
C ASP A 55 -1.98 -5.98 -3.86
N VAL A 56 -1.70 -6.38 -5.09
CA VAL A 56 -2.68 -6.30 -6.17
C VAL A 56 -2.91 -7.67 -6.80
N LYS A 57 -4.14 -7.90 -7.27
CA LYS A 57 -4.49 -9.16 -7.90
C LYS A 57 -5.85 -9.06 -8.60
N GLU A 58 -6.18 -10.07 -9.38
CA GLU A 58 -7.45 -10.10 -10.10
C GLU A 58 -8.59 -10.52 -9.18
N VAL A 59 -9.73 -9.85 -9.30
CA VAL A 59 -10.89 -10.15 -8.47
C VAL A 59 -11.32 -11.60 -8.65
N ALA A 60 -10.76 -12.26 -9.66
CA ALA A 60 -11.09 -13.65 -9.94
C ALA A 60 -9.93 -14.57 -9.57
N SER A 61 -8.72 -14.02 -9.55
CA SER A 61 -7.53 -14.79 -9.22
C SER A 61 -7.36 -14.88 -7.70
N GLU A 62 -6.84 -16.02 -7.24
CA GLU A 62 -6.62 -16.23 -5.82
C GLU A 62 -5.15 -16.07 -5.46
N ILE A 63 -4.41 -15.36 -6.31
CA ILE A 63 -3.00 -15.12 -6.09
C ILE A 63 -2.70 -13.63 -5.89
N TRP A 64 -2.29 -13.28 -4.67
CA TRP A 64 -1.98 -11.89 -4.35
C TRP A 64 -0.52 -11.58 -4.65
N LYS A 65 -0.28 -10.44 -5.31
CA LYS A 65 1.07 -10.02 -5.65
C LYS A 65 1.50 -8.83 -4.82
N ILE A 66 2.56 -9.00 -4.05
CA ILE A 66 3.07 -7.92 -3.20
C ILE A 66 4.10 -7.07 -3.96
N VAL A 67 4.11 -5.77 -3.65
CA VAL A 67 5.03 -4.84 -4.30
C VAL A 67 5.53 -3.80 -3.32
N ARG A 68 6.83 -3.53 -3.36
CA ARG A 68 7.44 -2.54 -2.47
C ARG A 68 7.39 -1.15 -3.09
N SER A 69 7.48 -0.13 -2.25
CA SER A 69 7.44 1.25 -2.71
C SER A 69 8.85 1.81 -2.88
N HIS A 70 9.80 0.92 -3.15
CA HIS A 70 11.19 1.33 -3.33
C HIS A 70 11.55 2.48 -2.40
N GLY A 71 10.99 2.45 -1.19
CA GLY A 71 11.27 3.49 -0.22
C GLY A 71 10.07 3.80 0.65
N VAL A 72 10.00 5.03 1.15
CA VAL A 72 8.89 5.46 2.00
C VAL A 72 7.90 6.33 1.22
N GLN A 73 7.89 6.17 -0.10
CA GLN A 73 7.00 6.94 -0.95
C GLN A 73 5.56 6.44 -0.83
N THR A 74 4.61 7.34 -1.07
CA THR A 74 3.19 6.98 -1.00
C THR A 74 2.59 6.80 -2.37
N MET A 75 3.44 6.79 -3.39
CA MET A 75 2.99 6.61 -4.78
C MET A 75 3.84 5.57 -5.50
N VAL A 76 3.17 4.59 -6.09
CA VAL A 76 3.85 3.53 -6.82
C VAL A 76 3.13 3.19 -8.11
N VAL A 77 3.88 2.69 -9.09
CA VAL A 77 3.30 2.33 -10.39
C VAL A 77 3.36 0.81 -10.60
N LEU A 78 2.19 0.20 -10.71
CA LEU A 78 2.11 -1.24 -10.93
C LEU A 78 2.28 -1.58 -12.40
N ASN A 79 2.79 -2.78 -12.67
CA ASN A 79 3.01 -3.24 -14.04
C ASN A 79 2.62 -4.70 -14.19
N ASN A 80 2.75 -5.22 -15.41
CA ASN A 80 2.42 -6.61 -15.69
C ASN A 80 0.93 -6.88 -15.44
N LEU A 81 0.09 -5.97 -15.92
CA LEU A 81 -1.35 -6.11 -15.75
C LEU A 81 -2.05 -6.21 -17.10
N GLU A 82 -3.14 -6.97 -17.15
CA GLU A 82 -3.91 -7.15 -18.38
C GLU A 82 -4.95 -6.04 -18.53
N PRO A 83 -5.14 -5.60 -19.78
CA PRO A 83 -6.11 -4.54 -20.10
C PRO A 83 -7.56 -5.00 -19.92
N ASN A 84 -8.46 -4.04 -19.80
CA ASN A 84 -9.88 -4.36 -19.63
C ASN A 84 -10.08 -5.37 -18.50
N THR A 85 -9.28 -5.25 -17.45
CA THR A 85 -9.37 -6.16 -16.32
C THR A 85 -9.39 -5.39 -15.00
N THR A 86 -10.00 -5.98 -13.98
CA THR A 86 -10.09 -5.36 -12.67
C THR A 86 -9.15 -6.02 -11.67
N TYR A 87 -8.62 -5.22 -10.75
CA TYR A 87 -7.70 -5.73 -9.74
C TYR A 87 -7.91 -5.03 -8.41
N GLU A 88 -7.77 -5.78 -7.32
CA GLU A 88 -7.95 -5.23 -5.99
C GLU A 88 -6.60 -4.90 -5.36
N ILE A 89 -6.41 -3.63 -4.99
CA ILE A 89 -5.16 -3.19 -4.36
C ILE A 89 -5.42 -2.64 -2.97
N ARG A 90 -4.49 -2.93 -2.06
CA ARG A 90 -4.60 -2.47 -0.68
C ARG A 90 -3.27 -1.92 -0.17
N VAL A 91 -3.32 -0.77 0.50
CA VAL A 91 -2.12 -0.15 1.03
C VAL A 91 -2.07 -0.26 2.55
N ALA A 92 -0.95 -0.74 3.07
CA ALA A 92 -0.77 -0.90 4.51
C ALA A 92 0.56 -0.31 4.96
N ALA A 93 0.59 0.21 6.19
CA ALA A 93 1.80 0.79 6.75
C ALA A 93 2.54 -0.22 7.63
N VAL A 94 3.81 -0.45 7.32
CA VAL A 94 4.62 -1.38 8.08
C VAL A 94 5.84 -0.69 8.68
N ASN A 95 6.13 -1.01 9.94
CA ASN A 95 7.28 -0.42 10.63
C ASN A 95 7.97 -1.44 11.52
N GLY A 96 8.98 -1.00 12.26
CA GLY A 96 9.71 -1.90 13.13
C GLY A 96 8.80 -2.69 14.05
N LYS A 97 7.58 -2.20 14.23
CA LYS A 97 6.60 -2.87 15.09
C LYS A 97 5.93 -4.01 14.34
N GLY A 98 5.26 -3.68 13.23
CA GLY A 98 4.57 -4.69 12.45
C GLY A 98 3.83 -4.10 11.27
N GLN A 99 2.69 -4.70 10.94
CA GLN A 99 1.88 -4.23 9.82
C GLN A 99 0.49 -3.80 10.30
N GLY A 100 0.28 -2.49 10.38
CA GLY A 100 -0.99 -1.97 10.81
C GLY A 100 -2.15 -2.47 9.96
N ASP A 101 -3.37 -2.04 10.30
CA ASP A 101 -4.55 -2.44 9.56
C ASP A 101 -4.42 -2.09 8.08
N TYR A 102 -5.36 -2.58 7.28
CA TYR A 102 -5.34 -2.31 5.85
C TYR A 102 -6.46 -1.35 5.45
N SER A 103 -6.15 -0.44 4.53
CA SER A 103 -7.12 0.54 4.07
C SER A 103 -8.20 -0.12 3.22
N LYS A 104 -9.38 0.48 3.21
CA LYS A 104 -10.50 -0.05 2.42
C LYS A 104 -10.02 -0.55 1.07
N ILE A 105 -9.97 -1.87 0.92
CA ILE A 105 -9.53 -2.48 -0.33
C ILE A 105 -10.00 -1.67 -1.53
N GLU A 106 -9.06 -1.32 -2.40
CA GLU A 106 -9.38 -0.54 -3.60
C GLU A 106 -9.49 -1.44 -4.83
N ILE A 107 -10.33 -1.03 -5.77
CA ILE A 107 -10.53 -1.80 -6.99
C ILE A 107 -10.42 -0.91 -8.23
N PHE A 108 -9.39 -1.15 -9.03
CA PHE A 108 -9.16 -0.38 -10.24
C PHE A 108 -9.18 -1.28 -11.48
N GLN A 109 -9.79 -0.79 -12.55
CA GLN A 109 -9.86 -1.54 -13.80
C GLN A 109 -9.05 -0.88 -14.90
N THR A 110 -8.04 -1.58 -15.38
CA THR A 110 -7.18 -1.05 -16.43
C THR A 110 -8.00 -0.64 -17.66
N LEU A 111 -7.43 0.24 -18.48
CA LEU A 111 -8.11 0.71 -19.68
C LEU A 111 -7.99 -0.31 -20.81
N PRO A 112 -9.06 -0.43 -21.61
CA PRO A 112 -9.10 -1.36 -22.74
C PRO A 112 -8.17 -0.94 -23.87
N VAL A 113 -7.20 -1.78 -24.18
CA VAL A 113 -6.24 -1.49 -25.25
C VAL A 113 -6.91 -0.72 -26.38
N SER A 114 -6.22 0.28 -26.91
CA SER A 114 -6.75 1.09 -27.99
C SER A 114 -5.73 1.23 -29.12
N GLY A 115 -5.73 0.26 -30.04
CA GLY A 115 -4.81 0.29 -31.15
C GLY A 115 -5.51 0.19 -32.49
N PRO A 116 -4.95 0.86 -33.50
CA PRO A 116 -5.51 0.86 -34.86
C PRO A 116 -5.36 -0.50 -35.55
N SER A 117 -6.33 -1.37 -35.33
CA SER A 117 -6.29 -2.70 -35.93
C SER A 117 -6.89 -2.68 -37.33
N SER A 118 -6.37 -3.54 -38.20
CA SER A 118 -6.84 -3.62 -39.58
C SER A 118 -8.14 -4.41 -39.66
N GLY A 119 -9.26 -3.72 -39.51
CA GLY A 119 -10.55 -4.38 -39.56
C GLY A 119 -10.57 -5.70 -38.83
N GLY A 1 -1.62 9.16 36.77
CA GLY A 1 -0.90 9.85 35.71
C GLY A 1 -0.23 8.88 34.75
N SER A 2 1.10 8.79 34.84
CA SER A 2 1.86 7.91 33.97
C SER A 2 3.28 7.73 34.49
N SER A 3 4.06 6.90 33.78
CA SER A 3 5.44 6.64 34.17
C SER A 3 6.24 7.93 34.22
N GLY A 4 7.40 7.88 34.87
CA GLY A 4 8.26 9.05 34.98
C GLY A 4 9.27 9.14 33.87
N SER A 5 10.35 9.86 34.11
CA SER A 5 11.41 10.03 33.11
C SER A 5 12.37 8.84 33.14
N SER A 6 11.81 7.64 33.18
CA SER A 6 12.61 6.43 33.21
C SER A 6 13.40 6.26 31.92
N GLY A 7 12.75 6.49 30.79
CA GLY A 7 13.41 6.37 29.51
C GLY A 7 12.96 5.14 28.74
N GLN A 8 13.20 3.97 29.32
CA GLN A 8 12.82 2.72 28.68
C GLN A 8 11.32 2.47 28.82
N GLU A 9 10.79 1.57 27.98
CA GLU A 9 9.38 1.25 28.02
C GLU A 9 8.52 2.51 28.09
N TYR A 10 9.07 3.61 27.58
CA TYR A 10 8.36 4.89 27.59
C TYR A 10 7.35 4.95 26.45
N ILE A 11 7.75 4.48 25.28
CA ILE A 11 6.87 4.48 24.12
C ILE A 11 6.80 3.10 23.48
N LEU A 12 7.96 2.48 23.31
CA LEU A 12 8.03 1.15 22.71
C LEU A 12 6.97 0.23 23.30
N ALA A 13 6.54 0.53 24.52
CA ALA A 13 5.52 -0.27 25.18
C ALA A 13 4.12 0.07 24.65
N LEU A 14 3.88 1.36 24.42
CA LEU A 14 2.59 1.82 23.92
C LEU A 14 2.58 1.84 22.39
N ALA A 15 3.66 1.35 21.79
CA ALA A 15 3.76 1.30 20.34
C ALA A 15 3.22 -0.01 19.78
N ASP A 16 2.16 0.09 18.99
CA ASP A 16 1.55 -1.09 18.39
C ASP A 16 1.83 -1.17 16.90
N VAL A 17 1.21 -0.26 16.14
CA VAL A 17 1.40 -0.22 14.70
C VAL A 17 0.68 0.98 14.08
N PRO A 18 1.15 1.41 12.91
CA PRO A 18 0.57 2.54 12.19
C PRO A 18 -0.82 2.24 11.63
N SER A 19 -1.68 3.25 11.62
CA SER A 19 -3.05 3.09 11.12
C SER A 19 -3.07 3.05 9.59
N SER A 20 -4.22 2.74 9.03
CA SER A 20 -4.38 2.67 7.58
C SER A 20 -4.29 4.06 6.95
N PRO A 21 -3.65 4.14 5.78
CA PRO A 21 -3.48 5.39 5.05
C PRO A 21 -4.80 5.92 4.48
N TYR A 22 -4.75 7.10 3.87
CA TYR A 22 -5.93 7.72 3.29
C TYR A 22 -5.58 8.53 2.05
N GLY A 23 -6.59 8.89 1.28
CA GLY A 23 -6.37 9.68 0.08
C GLY A 23 -6.03 8.82 -1.12
N VAL A 24 -5.64 7.56 -0.86
CA VAL A 24 -5.29 6.64 -1.94
C VAL A 24 -6.21 6.81 -3.13
N LYS A 25 -5.64 7.24 -4.25
CA LYS A 25 -6.42 7.45 -5.47
C LYS A 25 -5.55 7.24 -6.71
N ILE A 26 -6.12 6.63 -7.74
CA ILE A 26 -5.41 6.37 -8.97
C ILE A 26 -5.34 7.62 -9.85
N ILE A 27 -4.14 8.15 -10.04
CA ILE A 27 -3.95 9.33 -10.86
C ILE A 27 -3.60 8.97 -12.30
N GLU A 28 -2.70 8.00 -12.44
CA GLU A 28 -2.27 7.54 -13.76
C GLU A 28 -2.55 6.06 -13.95
N LEU A 29 -3.64 5.74 -14.62
CA LEU A 29 -4.02 4.35 -14.86
C LEU A 29 -3.78 3.97 -16.32
N SER A 30 -3.28 2.76 -16.53
CA SER A 30 -3.00 2.27 -17.88
C SER A 30 -3.62 0.89 -18.10
N GLN A 31 -3.48 0.37 -19.31
CA GLN A 31 -4.02 -0.94 -19.65
C GLN A 31 -3.21 -2.04 -18.97
N THR A 32 -1.94 -1.78 -18.70
CA THR A 32 -1.07 -2.75 -18.06
C THR A 32 -0.46 -2.17 -16.79
N THR A 33 -0.27 -0.86 -16.77
CA THR A 33 0.31 -0.19 -15.61
C THR A 33 -0.75 0.61 -14.85
N ALA A 34 -0.51 0.81 -13.56
CA ALA A 34 -1.45 1.55 -12.72
C ALA A 34 -0.72 2.23 -11.56
N LYS A 35 -0.73 3.56 -11.54
CA LYS A 35 -0.08 4.32 -10.49
C LYS A 35 -1.07 4.72 -9.41
N VAL A 36 -0.72 4.46 -8.16
CA VAL A 36 -1.60 4.79 -7.03
C VAL A 36 -0.90 5.75 -6.07
N SER A 37 -1.56 6.87 -5.77
CA SER A 37 -1.01 7.87 -4.87
C SER A 37 -1.83 7.96 -3.59
N PHE A 38 -1.16 7.88 -2.45
CA PHE A 38 -1.83 7.96 -1.15
C PHE A 38 -1.02 8.80 -0.17
N ASN A 39 -1.58 9.00 1.02
CA ASN A 39 -0.90 9.80 2.04
C ASN A 39 -0.58 8.94 3.27
N LYS A 40 0.18 9.51 4.19
CA LYS A 40 0.57 8.80 5.40
C LYS A 40 -0.58 8.79 6.41
N PRO A 41 -0.61 7.75 7.26
CA PRO A 41 -1.64 7.60 8.28
C PRO A 41 -1.50 8.64 9.40
N ASP A 42 -2.64 9.05 9.96
CA ASP A 42 -2.65 10.04 11.04
C ASP A 42 -1.68 9.63 12.15
N SER A 43 -1.60 8.33 12.41
CA SER A 43 -0.72 7.81 13.45
C SER A 43 0.34 6.89 12.86
N HIS A 44 1.41 6.67 13.61
CA HIS A 44 2.50 5.80 13.17
C HIS A 44 2.73 4.66 14.15
N GLY A 45 1.93 4.62 15.20
CA GLY A 45 2.06 3.58 16.20
C GLY A 45 3.24 3.82 17.14
N GLY A 46 3.58 5.09 17.36
CA GLY A 46 4.68 5.42 18.23
C GLY A 46 6.00 5.50 17.48
N VAL A 47 6.30 4.48 16.69
CA VAL A 47 7.53 4.45 15.92
C VAL A 47 7.31 4.95 14.51
N PRO A 48 8.37 5.54 13.92
CA PRO A 48 8.32 6.09 12.56
C PRO A 48 8.22 5.01 11.49
N ILE A 49 7.41 5.27 10.47
CA ILE A 49 7.22 4.30 9.39
C ILE A 49 8.52 4.12 8.60
N HIS A 50 8.66 2.94 7.99
CA HIS A 50 9.84 2.63 7.20
C HIS A 50 9.51 2.58 5.71
N HIS A 51 8.46 1.82 5.37
CA HIS A 51 8.03 1.69 3.97
C HIS A 51 6.55 1.35 3.89
N TYR A 52 6.06 1.12 2.68
CA TYR A 52 4.66 0.79 2.47
C TYR A 52 4.53 -0.52 1.71
N GLN A 53 3.45 -1.25 1.99
CA GLN A 53 3.20 -2.53 1.32
C GLN A 53 1.94 -2.45 0.47
N VAL A 54 2.10 -2.73 -0.82
CA VAL A 54 0.97 -2.70 -1.75
C VAL A 54 0.71 -4.09 -2.34
N ASP A 55 -0.52 -4.56 -2.20
CA ASP A 55 -0.91 -5.86 -2.71
C ASP A 55 -2.05 -5.74 -3.70
N VAL A 56 -1.83 -6.21 -4.93
CA VAL A 56 -2.85 -6.15 -5.97
C VAL A 56 -3.05 -7.52 -6.62
N LYS A 57 -4.26 -7.76 -7.11
CA LYS A 57 -4.59 -9.03 -7.76
C LYS A 57 -5.92 -8.93 -8.50
N GLU A 58 -6.22 -9.95 -9.29
CA GLU A 58 -7.46 -9.98 -10.05
C GLU A 58 -8.64 -10.37 -9.16
N VAL A 59 -9.77 -9.71 -9.37
CA VAL A 59 -10.97 -9.98 -8.59
C VAL A 59 -11.43 -11.43 -8.75
N ALA A 60 -10.80 -12.13 -9.69
CA ALA A 60 -11.13 -13.53 -9.95
C ALA A 60 -10.00 -14.45 -9.52
N SER A 61 -8.78 -13.93 -9.53
CA SER A 61 -7.62 -14.71 -9.14
C SER A 61 -7.51 -14.81 -7.62
N GLU A 62 -6.81 -15.84 -7.15
CA GLU A 62 -6.64 -16.06 -5.71
C GLU A 62 -5.18 -15.88 -5.31
N ILE A 63 -4.41 -15.26 -6.19
CA ILE A 63 -2.99 -15.02 -5.92
C ILE A 63 -2.70 -13.53 -5.78
N TRP A 64 -2.34 -13.11 -4.57
CA TRP A 64 -2.03 -11.71 -4.31
C TRP A 64 -0.59 -11.38 -4.69
N LYS A 65 -0.38 -10.22 -5.28
CA LYS A 65 0.95 -9.79 -5.69
C LYS A 65 1.43 -8.61 -4.85
N ILE A 66 2.52 -8.82 -4.12
CA ILE A 66 3.07 -7.77 -3.27
C ILE A 66 4.10 -6.94 -4.03
N VAL A 67 4.19 -5.66 -3.68
CA VAL A 67 5.14 -4.76 -4.32
C VAL A 67 5.68 -3.73 -3.34
N ARG A 68 6.96 -3.87 -3.00
CA ARG A 68 7.61 -2.96 -2.06
C ARG A 68 8.14 -1.72 -2.78
N SER A 69 8.04 -0.57 -2.12
CA SER A 69 8.51 0.68 -2.70
C SER A 69 10.01 0.87 -2.45
N HIS A 70 10.59 1.86 -3.12
CA HIS A 70 12.02 2.15 -2.97
C HIS A 70 12.23 3.27 -1.96
N GLY A 71 11.48 3.24 -0.87
CA GLY A 71 11.61 4.25 0.16
C GLY A 71 10.33 4.45 0.94
N VAL A 72 10.16 5.64 1.51
CA VAL A 72 8.97 5.95 2.30
C VAL A 72 7.90 6.62 1.43
N GLN A 73 8.09 6.56 0.12
CA GLN A 73 7.14 7.16 -0.81
C GLN A 73 5.74 6.58 -0.63
N THR A 74 4.73 7.38 -0.91
CA THR A 74 3.34 6.94 -0.78
C THR A 74 2.72 6.69 -2.14
N MET A 75 3.55 6.65 -3.17
CA MET A 75 3.07 6.41 -4.53
C MET A 75 3.92 5.35 -5.23
N VAL A 76 3.26 4.45 -5.95
CA VAL A 76 3.95 3.38 -6.66
C VAL A 76 3.21 3.01 -7.94
N VAL A 77 3.96 2.56 -8.94
CA VAL A 77 3.38 2.17 -10.22
C VAL A 77 3.38 0.64 -10.37
N LEU A 78 2.19 0.09 -10.61
CA LEU A 78 2.05 -1.36 -10.79
C LEU A 78 2.29 -1.75 -12.23
N ASN A 79 2.81 -2.97 -12.43
CA ASN A 79 3.08 -3.47 -13.77
C ASN A 79 2.69 -4.95 -13.89
N ASN A 80 2.60 -5.44 -15.12
CA ASN A 80 2.23 -6.82 -15.37
C ASN A 80 0.74 -7.04 -15.13
N LEU A 81 -0.09 -6.22 -15.75
CA LEU A 81 -1.53 -6.32 -15.60
C LEU A 81 -2.21 -6.46 -16.96
N GLU A 82 -3.30 -7.23 -16.99
CA GLU A 82 -4.04 -7.45 -18.23
C GLU A 82 -5.02 -6.30 -18.48
N PRO A 83 -5.16 -5.92 -19.75
CA PRO A 83 -6.07 -4.84 -20.15
C PRO A 83 -7.54 -5.23 -20.00
N ASN A 84 -8.40 -4.23 -19.87
CA ASN A 84 -9.84 -4.47 -19.73
C ASN A 84 -10.11 -5.48 -18.62
N THR A 85 -9.34 -5.38 -17.54
CA THR A 85 -9.50 -6.28 -16.41
C THR A 85 -9.55 -5.51 -15.10
N THR A 86 -10.14 -6.12 -14.07
CA THR A 86 -10.26 -5.50 -12.77
C THR A 86 -9.28 -6.10 -11.77
N TYR A 87 -8.83 -5.29 -10.82
CA TYR A 87 -7.87 -5.74 -9.81
C TYR A 87 -8.10 -5.03 -8.48
N GLU A 88 -7.96 -5.77 -7.39
CA GLU A 88 -8.15 -5.20 -6.05
C GLU A 88 -6.81 -4.85 -5.42
N ILE A 89 -6.64 -3.58 -5.07
CA ILE A 89 -5.40 -3.12 -4.46
C ILE A 89 -5.66 -2.55 -3.06
N ARG A 90 -4.71 -2.74 -2.16
CA ARG A 90 -4.84 -2.24 -0.79
C ARG A 90 -3.51 -1.70 -0.29
N VAL A 91 -3.55 -0.49 0.26
CA VAL A 91 -2.34 0.14 0.79
C VAL A 91 -2.26 0.01 2.31
N ALA A 92 -1.05 -0.21 2.81
CA ALA A 92 -0.84 -0.37 4.24
C ALA A 92 0.52 0.20 4.65
N ALA A 93 0.63 0.60 5.92
CA ALA A 93 1.87 1.15 6.45
C ALA A 93 2.61 0.13 7.29
N VAL A 94 3.88 -0.11 6.95
CA VAL A 94 4.70 -1.06 7.67
C VAL A 94 5.85 -0.35 8.41
N ASN A 95 6.12 -0.80 9.63
CA ASN A 95 7.19 -0.21 10.42
C ASN A 95 7.88 -1.28 11.27
N GLY A 96 8.85 -0.85 12.09
CA GLY A 96 9.57 -1.78 12.93
C GLY A 96 8.66 -2.82 13.57
N LYS A 97 7.57 -2.37 14.15
CA LYS A 97 6.61 -3.25 14.80
C LYS A 97 6.14 -4.34 13.83
N GLY A 98 5.49 -3.93 12.75
CA GLY A 98 5.00 -4.88 11.77
C GLY A 98 4.13 -4.22 10.71
N GLN A 99 3.18 -4.97 10.18
CA GLN A 99 2.29 -4.46 9.15
C GLN A 99 0.91 -4.16 9.73
N GLY A 100 0.63 -2.88 9.95
CA GLY A 100 -0.65 -2.48 10.50
C GLY A 100 -1.82 -3.00 9.69
N ASP A 101 -3.00 -2.44 9.93
CA ASP A 101 -4.20 -2.86 9.21
C ASP A 101 -4.21 -2.29 7.80
N TYR A 102 -4.92 -2.97 6.89
CA TYR A 102 -5.00 -2.53 5.50
C TYR A 102 -6.10 -1.48 5.33
N SER A 103 -5.97 -0.67 4.30
CA SER A 103 -6.94 0.38 4.02
C SER A 103 -8.10 -0.16 3.17
N LYS A 104 -9.24 0.51 3.24
CA LYS A 104 -10.41 0.11 2.47
C LYS A 104 -10.01 -0.46 1.12
N ILE A 105 -10.22 -1.77 0.95
CA ILE A 105 -9.88 -2.44 -0.31
C ILE A 105 -10.30 -1.61 -1.51
N GLU A 106 -9.35 -1.30 -2.38
CA GLU A 106 -9.63 -0.52 -3.58
C GLU A 106 -9.76 -1.40 -4.80
N ILE A 107 -10.64 -1.03 -5.72
CA ILE A 107 -10.85 -1.80 -6.94
C ILE A 107 -10.75 -0.90 -8.17
N PHE A 108 -9.73 -1.14 -8.99
CA PHE A 108 -9.51 -0.36 -10.20
C PHE A 108 -9.53 -1.26 -11.43
N GLN A 109 -10.20 -0.80 -12.48
CA GLN A 109 -10.30 -1.56 -13.73
C GLN A 109 -9.40 -0.96 -14.80
N THR A 110 -8.40 -1.71 -15.23
CA THR A 110 -7.47 -1.25 -16.25
C THR A 110 -8.23 -0.68 -17.46
N LEU A 111 -7.48 -0.07 -18.37
CA LEU A 111 -8.08 0.52 -19.57
C LEU A 111 -7.97 -0.43 -20.75
N PRO A 112 -9.01 -0.44 -21.60
CA PRO A 112 -9.04 -1.29 -22.80
C PRO A 112 -8.05 -0.85 -23.86
N VAL A 113 -7.11 -1.74 -24.20
CA VAL A 113 -6.10 -1.45 -25.20
C VAL A 113 -6.64 -0.51 -26.26
N SER A 114 -6.24 0.76 -26.16
CA SER A 114 -6.69 1.78 -27.12
C SER A 114 -8.14 1.53 -27.52
N GLY A 115 -9.03 1.43 -26.54
CA GLY A 115 -10.43 1.20 -26.82
C GLY A 115 -11.23 2.48 -26.83
N PRO A 116 -12.26 2.52 -27.70
CA PRO A 116 -13.14 3.70 -27.83
C PRO A 116 -14.01 3.92 -26.61
N SER A 117 -14.29 2.84 -25.89
CA SER A 117 -15.13 2.91 -24.69
C SER A 117 -14.74 4.12 -23.84
N SER A 118 -15.64 5.09 -23.76
CA SER A 118 -15.39 6.30 -22.98
C SER A 118 -15.98 6.17 -21.58
N GLY A 119 -17.28 5.89 -21.50
CA GLY A 119 -17.94 5.74 -20.21
C GLY A 119 -18.28 4.31 -19.90
N GLY A 1 21.91 -13.68 17.33
CA GLY A 1 21.51 -13.54 15.93
C GLY A 1 22.31 -12.47 15.21
N SER A 2 21.70 -11.88 14.19
CA SER A 2 22.36 -10.83 13.41
C SER A 2 22.42 -9.53 14.18
N SER A 3 23.55 -9.31 14.86
CA SER A 3 23.75 -8.10 15.64
C SER A 3 22.53 -7.83 16.53
N GLY A 4 22.16 -8.82 17.32
CA GLY A 4 21.02 -8.66 18.21
C GLY A 4 21.31 -9.15 19.62
N SER A 5 20.76 -8.44 20.60
CA SER A 5 20.97 -8.81 22.00
C SER A 5 19.65 -9.13 22.68
N SER A 6 19.72 -9.57 23.93
CA SER A 6 18.53 -9.92 24.70
C SER A 6 18.08 -8.76 25.56
N GLY A 7 16.76 -8.58 25.65
CA GLY A 7 16.22 -7.49 26.45
C GLY A 7 15.46 -6.48 25.62
N GLN A 8 16.10 -5.36 25.32
CA GLN A 8 15.47 -4.31 24.53
C GLN A 8 13.97 -4.25 24.80
N GLU A 9 13.59 -4.42 26.06
CA GLU A 9 12.18 -4.38 26.45
C GLU A 9 11.86 -3.08 27.18
N TYR A 10 12.15 -1.97 26.54
CA TYR A 10 11.89 -0.66 27.13
C TYR A 10 10.81 0.08 26.36
N ILE A 11 10.86 0.00 25.04
CA ILE A 11 9.89 0.66 24.18
C ILE A 11 9.27 -0.33 23.19
N LEU A 12 10.10 -1.15 22.58
CA LEU A 12 9.64 -2.14 21.62
C LEU A 12 8.39 -2.85 22.12
N ALA A 13 8.21 -2.85 23.45
CA ALA A 13 7.05 -3.49 24.06
C ALA A 13 5.87 -2.53 24.12
N LEU A 14 6.14 -1.27 24.39
CA LEU A 14 5.10 -0.26 24.47
C LEU A 14 4.88 0.42 23.12
N ALA A 15 5.37 -0.22 22.06
CA ALA A 15 5.23 0.32 20.71
C ALA A 15 3.84 0.02 20.15
N ASP A 16 3.62 0.43 18.91
CA ASP A 16 2.33 0.21 18.25
C ASP A 16 2.48 0.22 16.74
N VAL A 17 1.37 0.08 16.03
CA VAL A 17 1.38 0.07 14.57
C VAL A 17 0.60 1.25 14.01
N PRO A 18 0.99 1.69 12.80
CA PRO A 18 0.33 2.82 12.12
C PRO A 18 -1.08 2.49 11.66
N SER A 19 -1.91 3.51 11.52
CA SER A 19 -3.30 3.32 11.10
C SER A 19 -3.38 3.22 9.57
N SER A 20 -4.51 2.74 9.08
CA SER A 20 -4.73 2.59 7.64
C SER A 20 -4.56 3.94 6.94
N PRO A 21 -3.82 3.93 5.82
CA PRO A 21 -3.57 5.13 5.03
C PRO A 21 -4.82 5.62 4.31
N TYR A 22 -4.76 6.87 3.83
CA TYR A 22 -5.89 7.46 3.12
C TYR A 22 -5.42 8.25 1.90
N GLY A 23 -6.37 8.85 1.19
CA GLY A 23 -6.04 9.63 0.01
C GLY A 23 -5.80 8.75 -1.20
N VAL A 24 -5.68 7.45 -0.98
CA VAL A 24 -5.45 6.51 -2.07
C VAL A 24 -6.25 6.89 -3.31
N LYS A 25 -5.56 6.96 -4.44
CA LYS A 25 -6.21 7.31 -5.71
C LYS A 25 -5.35 6.90 -6.90
N ILE A 26 -5.98 6.66 -8.03
CA ILE A 26 -5.27 6.26 -9.24
C ILE A 26 -5.19 7.42 -10.24
N ILE A 27 -4.16 8.24 -10.08
CA ILE A 27 -3.96 9.38 -10.97
C ILE A 27 -3.55 8.93 -12.37
N GLU A 28 -2.66 7.95 -12.43
CA GLU A 28 -2.19 7.42 -13.70
C GLU A 28 -2.67 5.99 -13.91
N LEU A 29 -3.72 5.84 -14.70
CA LEU A 29 -4.28 4.52 -14.98
C LEU A 29 -4.00 4.11 -16.42
N SER A 30 -3.37 2.95 -16.60
CA SER A 30 -3.05 2.45 -17.93
C SER A 30 -3.74 1.11 -18.19
N GLN A 31 -3.47 0.53 -19.35
CA GLN A 31 -4.08 -0.74 -19.72
C GLN A 31 -3.29 -1.91 -19.13
N THR A 32 -2.00 -1.67 -18.85
CA THR A 32 -1.14 -2.70 -18.28
C THR A 32 -0.63 -2.30 -16.91
N THR A 33 -0.41 -1.01 -16.72
CA THR A 33 0.08 -0.49 -15.45
C THR A 33 -1.00 0.32 -14.73
N ALA A 34 -0.73 0.68 -13.49
CA ALA A 34 -1.68 1.46 -12.69
C ALA A 34 -0.99 2.08 -11.48
N LYS A 35 -0.95 3.41 -11.45
CA LYS A 35 -0.33 4.13 -10.34
C LYS A 35 -1.34 4.42 -9.25
N VAL A 36 -0.86 4.48 -8.01
CA VAL A 36 -1.72 4.78 -6.87
C VAL A 36 -1.06 5.75 -5.91
N SER A 37 -1.57 6.98 -5.88
CA SER A 37 -1.03 8.02 -5.01
C SER A 37 -1.86 8.14 -3.74
N PHE A 38 -1.22 7.94 -2.59
CA PHE A 38 -1.90 8.02 -1.31
C PHE A 38 -1.15 8.96 -0.36
N ASN A 39 -1.67 9.10 0.86
CA ASN A 39 -1.06 9.98 1.86
C ASN A 39 -0.73 9.20 3.12
N LYS A 40 0.38 9.56 3.76
CA LYS A 40 0.81 8.91 4.99
C LYS A 40 -0.24 9.05 6.08
N PRO A 41 -0.28 8.07 7.00
CA PRO A 41 -1.24 8.08 8.12
C PRO A 41 -0.93 9.16 9.14
N ASP A 42 -1.98 9.76 9.68
CA ASP A 42 -1.82 10.82 10.67
C ASP A 42 -0.93 10.36 11.82
N SER A 43 -0.99 9.06 12.12
CA SER A 43 -0.20 8.49 13.20
C SER A 43 0.73 7.40 12.67
N HIS A 44 1.63 6.92 13.53
CA HIS A 44 2.57 5.88 13.16
C HIS A 44 2.48 4.70 14.12
N GLY A 45 2.43 5.00 15.42
CA GLY A 45 2.34 3.95 16.42
C GLY A 45 3.63 3.81 17.23
N GLY A 46 4.15 4.93 17.69
CA GLY A 46 5.38 4.91 18.47
C GLY A 46 6.61 4.79 17.60
N VAL A 47 6.73 3.67 16.89
CA VAL A 47 7.87 3.44 16.02
C VAL A 47 7.68 4.09 14.66
N PRO A 48 8.77 4.57 14.07
CA PRO A 48 8.75 5.22 12.76
C PRO A 48 8.44 4.25 11.62
N ILE A 49 7.72 4.72 10.62
CA ILE A 49 7.36 3.88 9.48
C ILE A 49 8.58 3.57 8.63
N HIS A 50 8.62 2.35 8.09
CA HIS A 50 9.75 1.91 7.26
C HIS A 50 9.39 2.02 5.78
N HIS A 51 8.28 1.39 5.40
CA HIS A 51 7.83 1.40 4.01
C HIS A 51 6.34 1.09 3.92
N TYR A 52 5.82 1.05 2.70
CA TYR A 52 4.41 0.77 2.47
C TYR A 52 4.24 -0.52 1.67
N GLN A 53 3.35 -1.39 2.14
CA GLN A 53 3.08 -2.65 1.46
C GLN A 53 1.82 -2.56 0.60
N VAL A 54 1.96 -2.85 -0.69
CA VAL A 54 0.83 -2.81 -1.61
C VAL A 54 0.53 -4.18 -2.18
N ASP A 55 -0.72 -4.61 -2.07
CA ASP A 55 -1.14 -5.91 -2.58
C ASP A 55 -2.23 -5.75 -3.63
N VAL A 56 -2.01 -6.35 -4.80
CA VAL A 56 -2.98 -6.27 -5.89
C VAL A 56 -3.14 -7.63 -6.57
N LYS A 57 -4.31 -7.86 -7.15
CA LYS A 57 -4.60 -9.12 -7.83
C LYS A 57 -5.93 -9.04 -8.57
N GLU A 58 -6.20 -10.04 -9.41
CA GLU A 58 -7.43 -10.09 -10.17
C GLU A 58 -8.60 -10.55 -9.30
N VAL A 59 -9.76 -9.91 -9.48
CA VAL A 59 -10.94 -10.26 -8.71
C VAL A 59 -11.27 -11.74 -8.83
N ALA A 60 -10.64 -12.40 -9.80
CA ALA A 60 -10.86 -13.82 -10.02
C ALA A 60 -9.69 -14.65 -9.50
N SER A 61 -8.48 -14.12 -9.65
CA SER A 61 -7.28 -14.82 -9.20
C SER A 61 -7.30 -15.01 -7.69
N GLU A 62 -6.47 -15.92 -7.21
CA GLU A 62 -6.40 -16.21 -5.78
C GLU A 62 -5.06 -15.75 -5.19
N ILE A 63 -4.08 -15.58 -6.07
CA ILE A 63 -2.75 -15.14 -5.64
C ILE A 63 -2.67 -13.61 -5.55
N TRP A 64 -1.96 -13.13 -4.54
CA TRP A 64 -1.81 -11.69 -4.35
C TRP A 64 -0.39 -11.24 -4.70
N LYS A 65 -0.29 -10.07 -5.32
CA LYS A 65 1.01 -9.52 -5.70
C LYS A 65 1.42 -8.38 -4.78
N ILE A 66 2.52 -8.58 -4.06
CA ILE A 66 3.03 -7.57 -3.13
C ILE A 66 4.02 -6.64 -3.82
N VAL A 67 3.94 -5.36 -3.51
CA VAL A 67 4.84 -4.37 -4.10
C VAL A 67 5.17 -3.26 -3.10
N ARG A 68 6.39 -3.30 -2.57
CA ARG A 68 6.82 -2.30 -1.59
C ARG A 68 7.47 -1.11 -2.29
N SER A 69 7.77 -0.07 -1.53
CA SER A 69 8.40 1.13 -2.08
C SER A 69 9.79 1.33 -1.49
N HIS A 70 10.77 1.55 -2.37
CA HIS A 70 12.14 1.76 -1.94
C HIS A 70 12.20 2.59 -0.66
N GLY A 71 11.57 3.75 -0.69
CA GLY A 71 11.55 4.63 0.47
C GLY A 71 10.18 4.69 1.13
N VAL A 72 9.89 5.82 1.76
CA VAL A 72 8.61 6.02 2.43
C VAL A 72 7.65 6.82 1.57
N GLN A 73 7.81 6.71 0.25
CA GLN A 73 6.95 7.44 -0.68
C GLN A 73 5.56 6.81 -0.74
N THR A 74 4.59 7.60 -1.18
CA THR A 74 3.21 7.13 -1.28
C THR A 74 2.76 7.06 -2.73
N MET A 75 3.73 7.09 -3.65
CA MET A 75 3.43 7.02 -5.07
C MET A 75 4.17 5.86 -5.73
N VAL A 76 3.41 4.90 -6.26
CA VAL A 76 3.99 3.73 -6.91
C VAL A 76 3.20 3.35 -8.15
N VAL A 77 3.88 2.71 -9.10
CA VAL A 77 3.23 2.29 -10.34
C VAL A 77 3.24 0.76 -10.47
N LEU A 78 2.06 0.19 -10.66
CA LEU A 78 1.94 -1.26 -10.81
C LEU A 78 2.10 -1.68 -12.27
N ASN A 79 2.59 -2.90 -12.48
CA ASN A 79 2.79 -3.43 -13.83
C ASN A 79 2.37 -4.88 -13.91
N ASN A 80 2.57 -5.49 -15.08
CA ASN A 80 2.22 -6.88 -15.29
C ASN A 80 0.73 -7.11 -15.06
N LEU A 81 -0.09 -6.31 -15.74
CA LEU A 81 -1.54 -6.42 -15.61
C LEU A 81 -2.20 -6.54 -16.98
N GLU A 82 -3.30 -7.28 -17.06
CA GLU A 82 -4.02 -7.47 -18.30
C GLU A 82 -5.02 -6.35 -18.52
N PRO A 83 -5.17 -5.92 -19.79
CA PRO A 83 -6.10 -4.86 -20.16
C PRO A 83 -7.56 -5.28 -20.03
N ASN A 84 -8.45 -4.30 -19.93
CA ASN A 84 -9.87 -4.57 -19.80
C ASN A 84 -10.14 -5.56 -18.66
N THR A 85 -9.36 -5.44 -17.58
CA THR A 85 -9.51 -6.32 -16.43
C THR A 85 -9.56 -5.53 -15.13
N THR A 86 -10.15 -6.12 -14.10
CA THR A 86 -10.26 -5.46 -12.80
C THR A 86 -9.29 -6.07 -11.79
N TYR A 87 -8.80 -5.24 -10.88
CA TYR A 87 -7.86 -5.69 -9.86
C TYR A 87 -8.08 -4.96 -8.55
N GLU A 88 -8.05 -5.70 -7.45
CA GLU A 88 -8.25 -5.11 -6.12
C GLU A 88 -6.92 -4.81 -5.46
N ILE A 89 -6.72 -3.53 -5.12
CA ILE A 89 -5.48 -3.10 -4.49
C ILE A 89 -5.75 -2.54 -3.09
N ARG A 90 -4.79 -2.73 -2.19
CA ARG A 90 -4.93 -2.25 -0.82
C ARG A 90 -3.59 -1.77 -0.27
N VAL A 91 -3.58 -0.57 0.28
CA VAL A 91 -2.35 0.00 0.84
C VAL A 91 -2.32 -0.15 2.35
N ALA A 92 -1.13 -0.38 2.89
CA ALA A 92 -0.95 -0.55 4.32
C ALA A 92 0.38 0.02 4.79
N ALA A 93 0.46 0.37 6.07
CA ALA A 93 1.68 0.93 6.64
C ALA A 93 2.44 -0.11 7.44
N VAL A 94 3.71 -0.31 7.08
CA VAL A 94 4.56 -1.29 7.77
C VAL A 94 5.74 -0.61 8.45
N ASN A 95 5.81 -0.73 9.77
CA ASN A 95 6.89 -0.14 10.54
C ASN A 95 7.63 -1.19 11.36
N GLY A 96 8.71 -0.77 12.02
CA GLY A 96 9.48 -1.70 12.82
C GLY A 96 8.61 -2.66 13.60
N LYS A 97 7.43 -2.20 14.00
CA LYS A 97 6.50 -3.04 14.76
C LYS A 97 5.91 -4.13 13.87
N GLY A 98 5.29 -3.74 12.77
CA GLY A 98 4.71 -4.71 11.85
C GLY A 98 3.74 -4.07 10.88
N GLN A 99 2.73 -4.83 10.46
CA GLN A 99 1.74 -4.33 9.52
C GLN A 99 0.44 -3.98 10.24
N GLY A 100 0.22 -2.67 10.44
CA GLY A 100 -0.98 -2.22 11.12
C GLY A 100 -2.24 -2.80 10.51
N ASP A 101 -2.94 -2.00 9.71
CA ASP A 101 -4.16 -2.44 9.07
C ASP A 101 -4.22 -1.98 7.61
N TYR A 102 -4.80 -2.81 6.75
CA TYR A 102 -4.92 -2.49 5.34
C TYR A 102 -5.99 -1.43 5.10
N SER A 103 -5.78 -0.60 4.08
CA SER A 103 -6.73 0.45 3.76
C SER A 103 -7.93 -0.11 3.01
N LYS A 104 -9.02 0.66 2.97
CA LYS A 104 -10.23 0.24 2.29
C LYS A 104 -9.91 -0.38 0.94
N ILE A 105 -10.23 -1.66 0.77
CA ILE A 105 -9.97 -2.36 -0.47
C ILE A 105 -10.38 -1.51 -1.67
N GLU A 106 -9.41 -1.25 -2.54
CA GLU A 106 -9.66 -0.44 -3.74
C GLU A 106 -9.80 -1.33 -4.98
N ILE A 107 -10.70 -0.94 -5.88
CA ILE A 107 -10.93 -1.69 -7.11
C ILE A 107 -10.79 -0.80 -8.34
N PHE A 108 -9.76 -1.08 -9.14
CA PHE A 108 -9.51 -0.30 -10.35
C PHE A 108 -9.40 -1.22 -11.57
N GLN A 109 -10.06 -0.84 -12.65
CA GLN A 109 -10.03 -1.64 -13.88
C GLN A 109 -9.18 -0.96 -14.94
N THR A 110 -8.15 -1.67 -15.42
CA THR A 110 -7.26 -1.13 -16.43
C THR A 110 -8.03 -0.68 -17.67
N LEU A 111 -7.38 0.09 -18.53
CA LEU A 111 -8.00 0.58 -19.75
C LEU A 111 -7.93 -0.47 -20.85
N PRO A 112 -9.00 -0.56 -21.66
CA PRO A 112 -9.08 -1.52 -22.77
C PRO A 112 -8.15 -1.16 -23.91
N VAL A 113 -7.20 -2.05 -24.20
CA VAL A 113 -6.24 -1.82 -25.27
C VAL A 113 -6.87 -1.09 -26.44
N SER A 114 -6.18 -0.06 -26.94
CA SER A 114 -6.68 0.72 -28.05
C SER A 114 -5.76 0.61 -29.26
N GLY A 115 -6.32 0.80 -30.45
CA GLY A 115 -5.53 0.71 -31.66
C GLY A 115 -6.36 0.96 -32.91
N PRO A 116 -5.71 1.49 -33.96
CA PRO A 116 -6.37 1.79 -35.24
C PRO A 116 -6.76 0.52 -35.99
N SER A 117 -8.05 0.39 -36.30
CA SER A 117 -8.55 -0.77 -37.01
C SER A 117 -9.87 -0.45 -37.72
N SER A 118 -10.11 -1.12 -38.85
CA SER A 118 -11.33 -0.90 -39.61
C SER A 118 -12.54 -0.75 -38.69
N GLY A 119 -13.09 0.46 -38.64
CA GLY A 119 -14.24 0.70 -37.78
C GLY A 119 -14.12 0.03 -36.43
#